data_4WWX
#
_entry.id   4WWX
#
_cell.length_a   168.760
_cell.length_b   180.050
_cell.length_c   200.190
_cell.angle_alpha   90.000
_cell.angle_beta   90.000
_cell.angle_gamma   90.000
#
_symmetry.space_group_name_H-M   'C 2 2 21'
#
loop_
_entity.id
_entity.type
_entity.pdbx_description
1 polymer 'V(D)J recombination-activating protein 1'
2 polymer 'V(D)J recombination-activating protein 2'
3 non-polymer 'ZINC ION'
#
loop_
_entity_poly.entity_id
_entity_poly.type
_entity_poly.pdbx_seq_one_letter_code
_entity_poly.pdbx_strand_id
1 'polypeptide(L)'
;APRQHLLSLTRRAQKHRLRELKIQVKEFADKEEGGDVKAVCLTLFLLALRARNEHRQADELEAIMQGRGSGLQPAVCLAI
RVNTFLSCSQYHKMYRTVKAITGRQIFQPLHALRNAEKVLLPGYHPFEWQPPLKNVSSRTDVGIIDGLSGLASSVDEYPV
DTIAKRFRYDSALVSALMDMEEDILEGMRSQDLDDYLNGPFTVVVKESCDGMGDVSEKHGSGPAVPEKAVRFSFTVMRIT
IEHGSQNVKVFEEPKPNSELCCKPLCLMLADESDHETLTAILSPLIAEREAMKSSELTLEMGGIPRTFKFIFRGTGYDEK
LVREVEGLEASGSVYICTLCDTTRLEASQNLVFHSITRSHAENLQRYEVWRSNPYHESVEELRDRVKGVSAKPFIETVPS
IDALHCDIGNAAEFYKIFQLEIGEVYKHPNASKEERKRWQATLDKHLRKRMNLKPIMRMNGNFARKLMTQETVDAVCELI
PSEERHEALRELMDLYLKMKPVWRSSCPAKECPESLCQYSFNSQRFAELLSTKFKYRYEGKITNYFHKTLAHVPEIIERD
GSIGAWASEGNESGNKLFRRFRKMNARQSKCYEMEDVLKHHWLYTSKYLQKFMNAHNA
;
B,E
2 'polypeptide(L)'
;SLQMVTVGHNIALIQPGFSLMNFDGQVFFFGQKGWPKRSCPTGVFHFDIKQNHLKLKPAIFSKDSCYLPPLRYPATCSYK
GSIDSDKHQYIIHGGKTPNNELSDKIYIMSVACKNNKKVTFRCTEKDLVGDVPEPRYGHSIDVVYSRGKSMGVLFGGRSY
MPSTQRTTEKWNSVADCLPHVFLIDFEFGCATSYILPELQDGLSFHVSIARNDTVYILGGHSLASNIRPANLYRIRVDLP
LGTPAVNCTVLPGGISVSSAILTQTNNDEFVIVGGYQLENQKRMVCSLVSLGDNTIEISEMETPDWTSDIKHSKIWFGSN
MGNGTIFLGIPGDNKQAMSEAFYFYTLRC
;
X,Y
#
# COMPACT_ATOMS: atom_id res chain seq x y z
N ALA A 1 58.94 -39.20 7.46
CA ALA A 1 60.11 -38.68 8.14
C ALA A 1 60.32 -37.19 7.88
N PRO A 2 60.87 -36.46 8.88
CA PRO A 2 61.21 -35.03 8.74
C PRO A 2 62.28 -34.75 7.69
N ARG A 3 62.18 -33.63 6.97
CA ARG A 3 61.10 -32.66 7.18
C ARG A 3 60.22 -32.54 5.94
N GLN A 4 59.32 -33.51 5.76
CA GLN A 4 58.30 -33.47 4.72
C GLN A 4 57.03 -34.11 5.24
N HIS A 5 55.99 -33.30 5.44
CA HIS A 5 54.70 -33.81 5.93
C HIS A 5 53.99 -34.58 4.81
N LEU A 6 53.31 -35.67 5.17
CA LEU A 6 52.70 -36.57 4.20
C LEU A 6 51.79 -35.93 3.16
N LEU A 7 51.08 -34.87 3.56
CA LEU A 7 50.05 -34.29 2.70
C LEU A 7 50.60 -33.29 1.68
N SER A 8 51.91 -33.30 1.47
CA SER A 8 52.53 -32.35 0.56
C SER A 8 53.47 -33.01 -0.46
N LEU A 9 53.50 -34.33 -0.45
CA LEU A 9 54.39 -35.09 -1.34
C LEU A 9 53.80 -35.27 -2.74
N THR A 10 54.42 -36.17 -3.50
CA THR A 10 53.83 -36.66 -4.74
C THR A 10 53.14 -37.97 -4.40
N ARG A 11 52.23 -38.43 -5.25
CA ARG A 11 51.48 -39.64 -4.94
C ARG A 11 52.38 -40.88 -5.00
N ARG A 12 53.50 -40.77 -5.71
CA ARG A 12 54.54 -41.79 -5.67
C ARG A 12 55.12 -41.89 -4.25
N ALA A 13 55.64 -40.76 -3.78
CA ALA A 13 56.20 -40.64 -2.44
C ALA A 13 55.21 -41.07 -1.37
N GLN A 14 53.97 -40.64 -1.52
CA GLN A 14 52.88 -41.03 -0.64
C GLN A 14 52.74 -42.54 -0.62
N LYS A 15 52.60 -43.13 -1.81
CA LYS A 15 52.37 -44.56 -1.90
C LYS A 15 53.54 -45.33 -1.33
N HIS A 16 54.73 -44.72 -1.35
CA HIS A 16 55.90 -45.40 -0.80
C HIS A 16 56.03 -45.26 0.72
N ARG A 17 55.67 -44.12 1.28
CA ARG A 17 55.72 -44.00 2.74
C ARG A 17 54.62 -44.86 3.36
N LEU A 18 53.50 -44.92 2.63
CA LEU A 18 52.31 -45.67 3.03
C LEU A 18 52.34 -47.19 2.83
N ARG A 19 52.97 -47.67 1.76
CA ARG A 19 52.92 -49.10 1.37
C ARG A 19 53.10 -50.07 2.54
N GLU A 20 53.95 -49.71 3.50
CA GLU A 20 54.06 -50.46 4.74
C GLU A 20 52.67 -50.72 5.33
N LEU A 21 51.91 -49.66 5.50
CA LEU A 21 50.55 -49.76 6.03
C LEU A 21 49.57 -50.33 5.01
N LYS A 22 49.78 -50.02 3.73
CA LYS A 22 48.88 -50.51 2.68
C LYS A 22 48.86 -52.03 2.63
N ILE A 23 50.00 -52.67 2.85
CA ILE A 23 49.99 -54.13 2.82
C ILE A 23 49.21 -54.67 4.02
N GLN A 24 49.35 -54.00 5.15
CA GLN A 24 48.61 -54.34 6.36
C GLN A 24 47.11 -54.28 6.14
N VAL A 25 46.67 -53.14 5.62
CA VAL A 25 45.24 -52.89 5.41
C VAL A 25 44.69 -53.77 4.31
N LYS A 26 45.42 -53.91 3.20
CA LYS A 26 44.96 -54.77 2.11
C LYS A 26 44.80 -56.19 2.59
N GLU A 27 45.71 -56.63 3.45
CA GLU A 27 45.57 -57.94 4.06
C GLU A 27 44.27 -57.97 4.87
N PHE A 28 44.09 -57.00 5.76
CA PHE A 28 42.87 -56.95 6.58
C PHE A 28 41.59 -57.01 5.76
N ALA A 29 41.61 -56.32 4.63
CA ALA A 29 40.45 -56.21 3.75
C ALA A 29 40.05 -57.58 3.27
N ASP A 30 41.04 -58.32 2.76
CA ASP A 30 40.81 -59.63 2.19
C ASP A 30 40.24 -60.63 3.20
N LYS A 31 40.50 -60.39 4.49
CA LYS A 31 39.96 -61.25 5.54
C LYS A 31 38.50 -60.94 5.85
N GLU A 32 38.23 -59.75 6.38
CA GLU A 32 36.88 -59.38 6.77
C GLU A 32 35.93 -59.10 5.59
N GLU A 33 36.15 -58.00 4.89
CA GLU A 33 35.30 -57.66 3.76
C GLU A 33 36.11 -57.51 2.48
N GLY A 34 36.57 -58.64 1.95
CA GLY A 34 37.41 -58.69 0.77
C GLY A 34 36.69 -58.30 -0.51
N GLY A 35 37.40 -57.65 -1.42
CA GLY A 35 38.77 -57.22 -1.22
C GLY A 35 38.80 -55.73 -1.44
N ASP A 36 37.65 -55.11 -1.15
CA ASP A 36 37.38 -53.69 -1.35
C ASP A 36 38.23 -52.81 -0.44
N VAL A 37 39.42 -52.44 -0.91
CA VAL A 37 40.26 -51.49 -0.17
C VAL A 37 39.48 -50.19 0.03
N LYS A 38 38.83 -49.76 -1.04
CA LYS A 38 38.04 -48.55 -1.06
C LYS A 38 37.08 -48.46 0.10
N ALA A 39 36.27 -49.49 0.31
CA ALA A 39 35.29 -49.51 1.40
C ALA A 39 35.95 -49.39 2.78
N VAL A 40 37.11 -50.05 2.93
CA VAL A 40 37.84 -50.02 4.19
C VAL A 40 38.37 -48.62 4.49
N CYS A 41 39.09 -48.05 3.54
CA CYS A 41 39.59 -46.70 3.70
C CYS A 41 38.46 -45.72 3.93
N LEU A 42 37.34 -45.94 3.25
CA LEU A 42 36.17 -45.13 3.46
C LEU A 42 35.72 -45.17 4.91
N THR A 43 35.49 -46.37 5.42
CA THR A 43 35.00 -46.51 6.78
C THR A 43 35.98 -45.88 7.77
N LEU A 44 37.24 -46.22 7.62
CA LEU A 44 38.30 -45.66 8.45
C LEU A 44 38.25 -44.14 8.49
N PHE A 45 38.44 -43.53 7.32
CA PHE A 45 38.51 -42.08 7.20
C PHE A 45 37.29 -41.40 7.76
N LEU A 46 36.11 -41.94 7.43
CA LEU A 46 34.85 -41.42 7.96
C LEU A 46 34.85 -41.44 9.48
N LEU A 47 35.27 -42.56 10.07
CA LEU A 47 35.30 -42.64 11.52
C LEU A 47 36.25 -41.57 12.03
N ALA A 48 37.41 -41.44 11.39
CA ALA A 48 38.40 -40.48 11.81
C ALA A 48 37.86 -39.07 11.73
N LEU A 49 36.90 -38.84 10.83
CA LEU A 49 36.36 -37.51 10.60
C LEU A 49 35.29 -37.16 11.59
N ARG A 50 34.46 -38.14 11.94
CA ARG A 50 33.38 -37.89 12.86
C ARG A 50 33.93 -37.93 14.26
N ALA A 51 35.12 -38.52 14.40
CA ALA A 51 35.82 -38.62 15.66
C ALA A 51 36.29 -37.26 16.15
N ARG A 52 36.61 -36.42 15.19
CA ARG A 52 37.17 -35.11 15.46
C ARG A 52 36.10 -34.05 15.27
N ASN A 53 34.85 -34.49 15.36
CA ASN A 53 33.68 -33.62 15.22
C ASN A 53 33.65 -32.86 13.91
N GLU A 54 34.28 -33.40 12.88
CA GLU A 54 34.27 -32.73 11.58
C GLU A 54 33.08 -33.22 10.76
N HIS A 55 31.88 -32.94 11.25
CA HIS A 55 30.71 -33.54 10.64
C HIS A 55 30.39 -32.99 9.27
N ARG A 56 30.46 -31.67 9.08
CA ARG A 56 30.16 -31.07 7.78
C ARG A 56 30.97 -31.73 6.66
N GLN A 57 32.22 -32.03 6.98
CA GLN A 57 33.12 -32.69 6.05
C GLN A 57 32.70 -34.12 5.80
N ALA A 58 32.41 -34.86 6.86
CA ALA A 58 31.98 -36.26 6.69
C ALA A 58 30.71 -36.33 5.85
N ASP A 59 29.77 -35.43 6.12
CA ASP A 59 28.54 -35.37 5.37
C ASP A 59 28.86 -35.12 3.91
N GLU A 60 29.78 -34.19 3.66
CA GLU A 60 30.09 -33.89 2.27
C GLU A 60 30.71 -35.07 1.56
N LEU A 61 31.51 -35.84 2.29
CA LEU A 61 32.07 -37.06 1.73
C LEU A 61 31.00 -38.10 1.39
N GLU A 62 30.12 -38.37 2.37
CA GLU A 62 29.03 -39.32 2.20
C GLU A 62 28.18 -38.95 1.00
N ALA A 63 27.91 -37.66 0.88
CA ALA A 63 27.17 -37.13 -0.26
C ALA A 63 27.91 -37.34 -1.58
N ILE A 64 29.22 -37.12 -1.59
CA ILE A 64 30.01 -37.26 -2.82
C ILE A 64 30.01 -38.70 -3.30
N MET A 65 30.07 -39.65 -2.36
CA MET A 65 30.06 -41.05 -2.78
C MET A 65 28.74 -41.40 -3.47
N GLN A 66 27.64 -40.85 -2.96
CA GLN A 66 26.31 -41.16 -3.49
C GLN A 66 25.95 -40.38 -4.75
N GLY A 67 26.93 -39.78 -5.43
CA GLY A 67 26.67 -39.15 -6.71
C GLY A 67 26.31 -37.66 -6.72
N ARG A 68 25.83 -37.12 -5.60
CA ARG A 68 25.54 -35.68 -5.56
C ARG A 68 26.81 -34.92 -5.22
N GLY A 69 27.17 -33.92 -6.01
CA GLY A 69 26.22 -33.16 -6.81
C GLY A 69 26.13 -31.87 -6.02
N SER A 70 27.17 -31.04 -6.11
CA SER A 70 27.29 -29.85 -5.24
C SER A 70 26.54 -28.67 -5.82
N GLY A 71 26.64 -28.48 -7.13
CA GLY A 71 25.91 -27.42 -7.78
C GLY A 71 24.43 -27.73 -7.90
N LEU A 72 23.74 -26.97 -8.74
CA LEU A 72 22.28 -27.10 -8.84
C LEU A 72 21.87 -26.99 -10.28
N GLN A 73 20.96 -27.86 -10.68
CA GLN A 73 20.44 -27.78 -12.03
C GLN A 73 19.69 -26.46 -12.14
N PRO A 74 19.82 -25.77 -13.27
CA PRO A 74 19.06 -24.52 -13.44
C PRO A 74 17.62 -24.65 -12.98
N ALA A 75 16.94 -25.74 -13.33
CA ALA A 75 15.58 -26.01 -12.88
C ALA A 75 15.38 -25.83 -11.35
N VAL A 76 16.33 -26.32 -10.55
CA VAL A 76 16.18 -26.23 -9.10
C VAL A 76 16.40 -24.78 -8.63
N CYS A 77 17.32 -24.09 -9.29
CA CYS A 77 17.57 -22.71 -8.96
C CYS A 77 16.34 -21.89 -9.23
N LEU A 78 15.72 -22.10 -10.39
CA LEU A 78 14.47 -21.44 -10.76
C LEU A 78 13.34 -21.78 -9.80
N ALA A 79 13.27 -23.04 -9.38
CA ALA A 79 12.31 -23.43 -8.38
C ALA A 79 12.46 -22.58 -7.11
N ILE A 80 13.67 -22.55 -6.57
CA ILE A 80 13.98 -21.75 -5.39
C ILE A 80 13.61 -20.28 -5.61
N ARG A 81 14.01 -19.75 -6.76
CA ARG A 81 13.82 -18.34 -7.06
C ARG A 81 12.35 -17.97 -7.10
N VAL A 82 11.52 -18.89 -7.56
CA VAL A 82 10.10 -18.59 -7.62
C VAL A 82 9.44 -18.79 -6.25
N ASN A 83 9.59 -19.95 -5.62
CA ASN A 83 8.81 -20.23 -4.42
C ASN A 83 9.16 -19.37 -3.21
N THR A 84 10.24 -18.58 -3.34
CA THR A 84 10.67 -17.62 -2.32
C THR A 84 10.53 -16.19 -2.82
N PHE A 85 10.04 -16.06 -4.05
CA PHE A 85 9.72 -14.76 -4.66
C PHE A 85 10.90 -13.79 -4.72
N LEU A 86 12.03 -14.27 -5.23
CA LEU A 86 13.18 -13.41 -5.39
C LEU A 86 13.08 -12.64 -6.67
N SER A 87 13.36 -11.35 -6.59
CA SER A 87 13.56 -10.55 -7.77
C SER A 87 14.74 -11.11 -8.54
N CYS A 88 14.86 -10.77 -9.82
CA CYS A 88 16.05 -11.14 -10.56
C CYS A 88 17.27 -10.54 -9.87
N SER A 89 17.15 -9.28 -9.48
CA SER A 89 18.16 -8.59 -8.68
C SER A 89 18.64 -9.40 -7.48
N GLN A 90 17.76 -9.58 -6.49
CA GLN A 90 18.07 -10.38 -5.31
C GLN A 90 18.81 -11.66 -5.65
N TYR A 91 18.21 -12.46 -6.53
CA TYR A 91 18.79 -13.75 -6.87
C TYR A 91 20.19 -13.56 -7.36
N HIS A 92 20.38 -12.63 -8.28
CA HIS A 92 21.70 -12.42 -8.86
C HIS A 92 22.74 -12.03 -7.82
N LYS A 93 22.35 -11.19 -6.88
CA LYS A 93 23.22 -10.82 -5.77
C LYS A 93 23.69 -12.09 -5.08
N MET A 94 22.73 -12.93 -4.72
CA MET A 94 23.05 -14.21 -4.06
C MET A 94 23.94 -15.15 -4.91
N TYR A 95 23.63 -15.25 -6.20
CA TYR A 95 24.41 -16.10 -7.08
C TYR A 95 25.84 -15.67 -7.03
N ARG A 96 26.08 -14.42 -7.37
CA ARG A 96 27.45 -13.96 -7.50
C ARG A 96 28.21 -14.07 -6.19
N THR A 97 27.54 -13.82 -5.07
CA THR A 97 28.23 -13.90 -3.79
C THR A 97 28.62 -15.33 -3.44
N VAL A 98 27.70 -16.28 -3.58
CA VAL A 98 28.04 -17.67 -3.27
C VAL A 98 29.15 -18.16 -4.19
N LYS A 99 29.10 -17.72 -5.45
CA LYS A 99 30.13 -18.10 -6.40
C LYS A 99 31.47 -17.62 -5.92
N ALA A 100 31.53 -16.32 -5.61
CA ALA A 100 32.75 -15.64 -5.20
C ALA A 100 33.37 -16.22 -3.93
N ILE A 101 32.55 -16.39 -2.90
CA ILE A 101 33.03 -16.94 -1.66
C ILE A 101 33.45 -18.40 -1.78
N THR A 102 32.72 -19.23 -2.53
CA THR A 102 33.06 -20.66 -2.52
C THR A 102 33.95 -21.08 -3.66
N GLY A 103 34.01 -20.28 -4.72
CA GLY A 103 34.78 -20.65 -5.89
C GLY A 103 33.98 -21.58 -6.78
N ARG A 104 32.91 -22.14 -6.22
CA ARG A 104 32.02 -22.99 -6.96
C ARG A 104 30.76 -22.27 -7.41
N GLN A 105 30.32 -22.61 -8.61
CA GLN A 105 29.07 -22.05 -9.11
C GLN A 105 27.91 -22.91 -8.61
N ILE A 106 27.59 -22.76 -7.33
CA ILE A 106 26.53 -23.56 -6.72
C ILE A 106 25.15 -23.15 -7.27
N PHE A 107 24.90 -21.85 -7.35
CA PHE A 107 23.72 -21.40 -8.07
C PHE A 107 24.08 -21.14 -9.52
N GLN A 108 23.07 -21.08 -10.38
CA GLN A 108 23.30 -20.88 -11.79
C GLN A 108 22.99 -19.47 -12.22
N PRO A 109 23.69 -18.98 -13.25
CA PRO A 109 23.46 -17.66 -13.81
C PRO A 109 22.02 -17.47 -14.24
N LEU A 110 21.60 -16.24 -14.51
CA LEU A 110 20.20 -16.00 -14.81
C LEU A 110 19.80 -16.51 -16.18
N HIS A 111 20.71 -16.57 -17.15
CA HIS A 111 20.29 -17.05 -18.47
C HIS A 111 19.96 -18.54 -18.40
N ALA A 112 20.64 -19.24 -17.50
CA ALA A 112 20.31 -20.64 -17.26
C ALA A 112 18.85 -20.78 -16.82
N LEU A 113 18.48 -19.95 -15.84
CA LEU A 113 17.14 -19.95 -15.32
C LEU A 113 16.16 -19.57 -16.41
N ARG A 114 16.60 -18.68 -17.30
CA ARG A 114 15.76 -18.15 -18.38
C ARG A 114 15.37 -19.30 -19.29
N ASN A 115 16.33 -20.18 -19.52
CA ASN A 115 16.07 -21.40 -20.29
C ASN A 115 15.09 -22.33 -19.59
N ALA A 116 15.32 -22.60 -18.31
CA ALA A 116 14.38 -23.45 -17.58
C ALA A 116 12.96 -22.88 -17.68
N GLU A 117 12.87 -21.57 -17.64
CA GLU A 117 11.61 -20.89 -17.88
C GLU A 117 11.06 -21.22 -19.27
N LYS A 118 11.91 -21.23 -20.29
CA LYS A 118 11.38 -21.49 -21.61
C LYS A 118 10.83 -22.91 -21.70
N VAL A 119 11.54 -23.86 -21.12
CA VAL A 119 11.08 -25.25 -21.13
C VAL A 119 9.77 -25.40 -20.40
N LEU A 120 9.56 -24.64 -19.34
CA LEU A 120 8.37 -24.84 -18.53
C LEU A 120 7.16 -23.97 -18.85
N LEU A 121 7.27 -23.13 -19.87
CA LEU A 121 6.17 -22.25 -20.25
C LEU A 121 5.60 -22.62 -21.60
N PRO A 122 4.28 -22.49 -21.77
CA PRO A 122 3.57 -22.78 -23.01
C PRO A 122 4.36 -22.35 -24.22
N GLY A 123 4.48 -23.21 -25.22
CA GLY A 123 5.14 -22.82 -26.44
C GLY A 123 6.46 -23.52 -26.68
N TYR A 124 6.89 -24.35 -25.74
CA TYR A 124 8.18 -24.99 -25.89
C TYR A 124 8.04 -26.29 -26.66
N HIS A 125 7.24 -27.21 -26.11
CA HIS A 125 7.07 -28.56 -26.68
C HIS A 125 6.26 -28.65 -27.97
N PRO A 126 6.65 -29.59 -28.85
CA PRO A 126 5.92 -29.89 -30.07
C PRO A 126 4.74 -30.84 -29.82
N PHE A 127 3.62 -30.61 -30.51
CA PHE A 127 2.41 -31.41 -30.38
C PHE A 127 1.55 -31.27 -31.63
N GLU A 128 0.55 -32.12 -31.83
CA GLU A 128 -0.36 -31.84 -32.95
C GLU A 128 -1.77 -32.38 -32.70
N TRP A 129 -2.76 -31.70 -33.28
CA TRP A 129 -4.17 -32.03 -33.10
C TRP A 129 -4.81 -32.86 -34.23
N GLN A 130 -5.60 -33.85 -33.88
CA GLN A 130 -6.20 -34.71 -34.89
C GLN A 130 -7.70 -34.92 -34.59
N PRO A 131 -8.56 -34.27 -35.39
CA PRO A 131 -8.30 -33.34 -36.50
C PRO A 131 -7.84 -31.97 -35.98
N PRO A 132 -7.04 -31.26 -36.77
CA PRO A 132 -6.55 -29.96 -36.29
C PRO A 132 -7.72 -29.04 -35.97
N LEU A 133 -7.57 -28.25 -34.93
CA LEU A 133 -8.65 -27.44 -34.37
C LEU A 133 -9.17 -26.35 -35.31
N LYS A 134 -10.49 -26.22 -35.38
CA LYS A 134 -11.09 -25.16 -36.19
C LYS A 134 -10.80 -23.77 -35.64
N ASN A 135 -10.30 -22.90 -36.52
CA ASN A 135 -9.99 -21.50 -36.21
C ASN A 135 -8.83 -21.31 -35.22
N VAL A 136 -8.14 -22.40 -34.88
CA VAL A 136 -6.94 -22.31 -34.06
C VAL A 136 -5.71 -22.63 -34.88
N SER A 137 -4.69 -21.79 -34.73
CA SER A 137 -3.42 -21.96 -35.45
C SER A 137 -2.78 -23.26 -35.11
N SER A 138 -2.31 -23.98 -36.12
CA SER A 138 -1.64 -25.24 -35.85
C SER A 138 -0.19 -24.98 -35.51
N ARG A 139 0.20 -23.72 -35.58
CA ARG A 139 1.56 -23.30 -35.26
C ARG A 139 1.83 -23.58 -33.79
N THR A 140 2.90 -24.33 -33.53
CA THR A 140 3.12 -24.99 -32.26
C THR A 140 3.98 -24.20 -31.27
N ASP A 141 4.63 -23.15 -31.77
CA ASP A 141 5.61 -22.41 -30.98
C ASP A 141 5.03 -21.12 -30.40
N VAL A 142 3.77 -21.17 -30.01
CA VAL A 142 3.10 -19.97 -29.50
C VAL A 142 3.03 -20.02 -27.98
N GLY A 143 3.49 -18.96 -27.34
CA GLY A 143 3.47 -18.88 -25.89
C GLY A 143 2.42 -17.90 -25.40
N ILE A 144 2.89 -16.72 -25.00
CA ILE A 144 2.02 -15.67 -24.50
C ILE A 144 1.48 -14.87 -25.65
N ILE A 145 0.17 -14.62 -25.65
CA ILE A 145 -0.45 -13.73 -26.65
C ILE A 145 -1.34 -12.67 -25.99
N ASP A 146 -1.61 -11.60 -26.72
CA ASP A 146 -2.35 -10.46 -26.21
C ASP A 146 -3.83 -10.71 -25.98
N GLY A 147 -4.30 -10.44 -24.76
CA GLY A 147 -5.66 -10.71 -24.37
C GLY A 147 -6.72 -10.14 -25.29
N LEU A 148 -6.42 -8.97 -25.85
CA LEU A 148 -7.33 -8.28 -26.76
C LEU A 148 -7.56 -9.07 -28.07
N SER A 149 -6.75 -10.11 -28.28
CA SER A 149 -6.86 -10.96 -29.47
C SER A 149 -7.08 -10.20 -30.76
N GLY A 150 -6.51 -9.01 -30.86
CA GLY A 150 -6.48 -8.24 -32.09
C GLY A 150 -7.55 -7.18 -32.16
N LEU A 151 -8.23 -6.96 -31.03
CA LEU A 151 -9.37 -6.07 -30.95
C LEU A 151 -9.06 -4.69 -31.54
N ALA A 152 -10.00 -4.17 -32.32
CA ALA A 152 -9.89 -2.86 -32.92
C ALA A 152 -9.71 -1.75 -31.87
N SER A 153 -8.69 -0.91 -32.06
CA SER A 153 -8.43 0.18 -31.13
C SER A 153 -8.49 1.56 -31.76
N SER A 154 -9.09 1.66 -32.95
CA SER A 154 -9.30 2.94 -33.60
C SER A 154 -10.08 3.86 -32.66
N VAL A 155 -9.92 5.17 -32.86
CA VAL A 155 -10.48 6.14 -31.94
C VAL A 155 -12.01 6.02 -31.93
N ASP A 156 -12.59 5.86 -33.10
CA ASP A 156 -14.04 5.78 -33.21
C ASP A 156 -14.53 4.37 -32.90
N GLU A 157 -13.62 3.42 -32.77
CA GLU A 157 -13.99 2.08 -32.29
C GLU A 157 -14.40 2.09 -30.82
N TYR A 158 -15.17 1.09 -30.41
CA TYR A 158 -15.62 1.01 -29.04
C TYR A 158 -14.43 1.10 -28.10
N PRO A 159 -14.43 2.08 -27.19
CA PRO A 159 -13.39 2.35 -26.20
C PRO A 159 -12.88 1.10 -25.48
N VAL A 160 -11.59 0.79 -25.66
CA VAL A 160 -10.95 -0.30 -24.94
C VAL A 160 -9.91 0.26 -23.98
N ASP A 161 -10.24 0.28 -22.70
CA ASP A 161 -9.37 0.92 -21.71
C ASP A 161 -8.66 -0.11 -20.86
N THR A 162 -8.62 -1.35 -21.35
CA THR A 162 -8.20 -2.49 -20.54
C THR A 162 -7.01 -3.26 -21.14
N ILE A 163 -6.15 -3.78 -20.28
CA ILE A 163 -5.01 -4.59 -20.68
C ILE A 163 -5.17 -6.03 -20.23
N ALA A 164 -4.76 -6.96 -21.08
CA ALA A 164 -4.97 -8.38 -20.79
C ALA A 164 -3.96 -9.22 -21.53
N LYS A 165 -3.58 -10.34 -20.93
CA LYS A 165 -2.62 -11.27 -21.52
C LYS A 165 -3.09 -12.69 -21.26
N ARG A 166 -2.86 -13.59 -22.22
CA ARG A 166 -3.32 -14.97 -22.05
C ARG A 166 -2.41 -15.98 -22.75
N PHE A 167 -2.67 -17.26 -22.48
CA PHE A 167 -2.05 -18.31 -23.27
C PHE A 167 -3.03 -18.88 -24.27
N ARG A 168 -2.53 -19.57 -25.29
CA ARG A 168 -3.44 -20.32 -26.14
C ARG A 168 -3.83 -21.56 -25.35
N TYR A 169 -5.13 -21.77 -25.22
CA TYR A 169 -5.67 -22.79 -24.34
C TYR A 169 -5.06 -24.16 -24.65
N ASP A 170 -4.89 -24.47 -25.94
CA ASP A 170 -4.30 -25.76 -26.28
C ASP A 170 -2.83 -25.78 -25.83
N SER A 171 -2.07 -24.73 -26.17
CA SER A 171 -0.67 -24.62 -25.77
C SER A 171 -0.50 -24.73 -24.27
N ALA A 172 -1.35 -24.03 -23.55
CA ALA A 172 -1.34 -24.06 -22.09
C ALA A 172 -1.62 -25.48 -21.59
N LEU A 173 -2.53 -26.19 -22.24
CA LEU A 173 -2.81 -27.56 -21.82
C LEU A 173 -1.60 -28.45 -22.07
N VAL A 174 -0.94 -28.27 -23.21
CA VAL A 174 0.25 -29.06 -23.52
C VAL A 174 1.28 -28.83 -22.44
N SER A 175 1.55 -27.55 -22.16
CA SER A 175 2.52 -27.19 -21.14
C SER A 175 2.18 -27.83 -19.81
N ALA A 176 0.91 -27.74 -19.41
CA ALA A 176 0.48 -28.27 -18.13
C ALA A 176 0.63 -29.77 -18.07
N LEU A 177 0.50 -30.38 -19.24
CA LEU A 177 0.49 -31.83 -19.36
C LEU A 177 1.91 -32.35 -19.27
N MET A 178 2.82 -31.65 -19.95
CA MET A 178 4.22 -32.00 -19.95
C MET A 178 4.85 -31.76 -18.57
N ASP A 179 4.44 -30.68 -17.93
CA ASP A 179 4.86 -30.38 -16.59
C ASP A 179 4.66 -31.54 -15.63
N MET A 180 3.59 -32.31 -15.82
CA MET A 180 3.26 -33.36 -14.86
C MET A 180 3.52 -34.73 -15.40
N GLU A 181 4.32 -34.80 -16.45
CA GLU A 181 4.70 -36.06 -17.11
C GLU A 181 5.09 -37.17 -16.14
N GLU A 182 5.91 -36.81 -15.16
CA GLU A 182 6.44 -37.80 -14.25
C GLU A 182 5.33 -38.32 -13.36
N ASP A 183 4.36 -37.45 -13.10
CA ASP A 183 3.24 -37.82 -12.25
C ASP A 183 2.32 -38.83 -12.94
N ILE A 184 2.19 -38.66 -14.24
CA ILE A 184 1.39 -39.53 -15.08
C ILE A 184 2.06 -40.89 -15.18
N LEU A 185 3.34 -40.88 -15.55
CA LEU A 185 4.08 -42.14 -15.66
C LEU A 185 4.08 -42.89 -14.32
N GLU A 186 4.33 -42.20 -13.21
CA GLU A 186 4.35 -42.90 -11.94
C GLU A 186 2.98 -43.41 -11.59
N GLY A 187 1.95 -42.69 -11.99
CA GLY A 187 0.60 -43.15 -11.75
C GLY A 187 0.40 -44.48 -12.43
N MET A 188 0.83 -44.53 -13.69
CA MET A 188 0.72 -45.75 -14.47
C MET A 188 1.43 -46.90 -13.78
N ARG A 189 2.71 -46.72 -13.46
CA ARG A 189 3.47 -47.77 -12.78
C ARG A 189 2.80 -48.20 -11.48
N SER A 190 2.21 -47.26 -10.75
CA SER A 190 1.58 -47.59 -9.48
C SER A 190 0.30 -48.38 -9.70
N GLN A 191 -0.28 -48.24 -10.89
CA GLN A 191 -1.45 -49.05 -11.24
C GLN A 191 -1.03 -50.33 -11.96
N ASP A 192 0.24 -50.67 -11.85
CA ASP A 192 0.81 -51.85 -12.52
C ASP A 192 0.59 -51.80 -14.04
N LEU A 193 1.27 -50.87 -14.72
CA LEU A 193 1.13 -50.71 -16.16
C LEU A 193 2.47 -50.44 -16.86
N ASP A 194 2.66 -51.05 -18.04
CA ASP A 194 3.75 -50.67 -18.95
C ASP A 194 3.60 -49.14 -19.05
N ASP A 195 4.60 -48.37 -18.65
CA ASP A 195 4.40 -46.92 -18.74
C ASP A 195 4.66 -46.39 -20.16
N TYR A 196 4.72 -47.32 -21.11
CA TYR A 196 4.90 -46.98 -22.51
C TYR A 196 3.57 -46.81 -23.25
N LEU A 197 2.49 -47.28 -22.62
CA LEU A 197 1.15 -47.25 -23.19
C LEU A 197 0.81 -45.86 -23.77
N ASN A 198 0.44 -45.81 -25.05
CA ASN A 198 0.14 -44.54 -25.72
C ASN A 198 -1.17 -43.92 -25.27
N GLY A 199 -2.13 -44.75 -24.88
CA GLY A 199 -3.42 -44.24 -24.45
C GLY A 199 -4.61 -44.88 -25.16
N PRO A 200 -5.68 -44.10 -25.40
CA PRO A 200 -5.76 -42.66 -25.13
C PRO A 200 -6.12 -42.34 -23.67
N PHE A 201 -5.55 -41.24 -23.18
CA PHE A 201 -5.82 -40.74 -21.84
C PHE A 201 -6.99 -39.76 -21.90
N THR A 202 -7.82 -39.81 -20.87
CA THR A 202 -8.86 -38.82 -20.75
C THR A 202 -8.51 -37.93 -19.58
N VAL A 203 -8.34 -36.65 -19.88
CA VAL A 203 -7.98 -35.66 -18.92
C VAL A 203 -9.15 -34.78 -18.55
N VAL A 204 -9.65 -34.97 -17.34
CA VAL A 204 -10.69 -34.11 -16.80
C VAL A 204 -10.10 -32.82 -16.20
N VAL A 205 -10.58 -31.70 -16.73
CA VAL A 205 -10.10 -30.37 -16.40
C VAL A 205 -11.18 -29.45 -15.79
N LYS A 206 -10.88 -28.86 -14.65
CA LYS A 206 -11.82 -27.96 -14.02
C LYS A 206 -11.55 -26.51 -14.40
N GLU A 207 -12.53 -25.86 -15.01
CA GLU A 207 -12.39 -24.44 -15.30
C GLU A 207 -12.94 -23.60 -14.17
N SER A 208 -12.44 -22.37 -14.05
CA SER A 208 -12.88 -21.45 -13.00
C SER A 208 -12.51 -20.03 -13.40
N CYS A 209 -13.31 -19.08 -12.94
CA CYS A 209 -13.08 -17.69 -13.33
C CYS A 209 -13.52 -16.81 -12.18
N ASP A 210 -12.67 -15.84 -11.80
CA ASP A 210 -12.94 -15.02 -10.63
C ASP A 210 -12.53 -13.56 -10.77
N GLY A 211 -13.15 -12.71 -9.97
CA GLY A 211 -12.76 -11.32 -9.84
C GLY A 211 -11.68 -11.20 -8.79
N MET A 212 -10.52 -10.71 -9.21
CA MET A 212 -9.38 -10.51 -8.31
C MET A 212 -9.69 -9.42 -7.31
N GLY A 213 -10.31 -8.36 -7.79
CA GLY A 213 -10.57 -7.21 -6.96
C GLY A 213 -9.64 -6.09 -7.33
N ASP A 214 -9.13 -5.40 -6.31
CA ASP A 214 -8.35 -4.20 -6.54
C ASP A 214 -6.88 -4.55 -6.46
N VAL A 215 -6.13 -4.08 -7.45
CA VAL A 215 -4.71 -4.39 -7.53
C VAL A 215 -3.92 -3.12 -7.83
N SER A 216 -3.81 -2.24 -6.84
CA SER A 216 -3.16 -0.94 -7.03
C SER A 216 -2.34 -0.51 -5.79
N GLU A 217 -1.78 0.70 -5.84
CA GLU A 217 -1.12 1.34 -4.68
C GLU A 217 -1.37 2.85 -4.67
N LYS A 218 -1.48 3.42 -3.47
CA LYS A 218 -1.72 4.85 -3.32
C LYS A 218 -0.45 5.58 -2.89
N VAL A 225 -6.95 6.11 -7.76
CA VAL A 225 -7.58 5.27 -8.76
C VAL A 225 -7.37 3.79 -8.44
N PRO A 226 -8.46 3.01 -8.44
CA PRO A 226 -8.38 1.55 -8.28
C PRO A 226 -8.33 0.84 -9.63
N GLU A 227 -7.69 -0.33 -9.68
CA GLU A 227 -7.62 -1.13 -10.90
C GLU A 227 -8.23 -2.49 -10.63
N LYS A 228 -9.33 -2.83 -11.31
CA LYS A 228 -9.91 -4.14 -11.10
C LYS A 228 -9.33 -5.17 -12.08
N ALA A 229 -9.15 -6.40 -11.60
CA ALA A 229 -8.59 -7.48 -12.41
C ALA A 229 -9.48 -8.74 -12.41
N VAL A 230 -9.39 -9.52 -13.49
CA VAL A 230 -10.19 -10.73 -13.66
C VAL A 230 -9.34 -11.85 -14.25
N ARG A 231 -9.48 -13.05 -13.70
CA ARG A 231 -8.63 -14.19 -14.09
C ARG A 231 -9.39 -15.46 -14.50
N PHE A 232 -9.16 -15.95 -15.71
CA PHE A 232 -9.68 -17.25 -16.13
C PHE A 232 -8.58 -18.29 -16.03
N SER A 233 -8.84 -19.39 -15.32
CA SER A 233 -7.82 -20.40 -15.12
C SER A 233 -8.40 -21.82 -15.10
N PHE A 234 -7.55 -22.84 -15.20
CA PHE A 234 -8.00 -24.23 -15.17
C PHE A 234 -7.20 -25.10 -14.23
N THR A 235 -7.69 -26.32 -13.99
CA THR A 235 -7.05 -27.27 -13.10
C THR A 235 -7.17 -28.68 -13.63
N VAL A 236 -6.04 -29.34 -13.82
CA VAL A 236 -6.05 -30.74 -14.23
C VAL A 236 -6.49 -31.56 -13.02
N MET A 237 -7.70 -32.10 -13.10
CA MET A 237 -8.35 -32.76 -11.97
C MET A 237 -8.17 -34.26 -11.96
N ARG A 238 -8.13 -34.83 -13.17
CA ARG A 238 -8.06 -36.29 -13.25
C ARG A 238 -7.48 -36.73 -14.57
N ILE A 239 -6.70 -37.81 -14.57
CA ILE A 239 -6.24 -38.40 -15.82
C ILE A 239 -6.41 -39.88 -15.75
N THR A 240 -7.26 -40.39 -16.63
CA THR A 240 -7.54 -41.82 -16.69
C THR A 240 -7.08 -42.38 -18.02
N ILE A 241 -7.05 -43.70 -18.12
CA ILE A 241 -6.60 -44.35 -19.33
C ILE A 241 -7.50 -45.50 -19.71
N GLU A 242 -7.67 -45.71 -21.01
CA GLU A 242 -8.47 -46.80 -21.53
C GLU A 242 -7.58 -48.03 -21.56
N HIS A 243 -7.88 -49.00 -20.71
CA HIS A 243 -7.09 -50.23 -20.67
C HIS A 243 -7.99 -51.44 -20.71
N GLY A 244 -8.34 -51.86 -21.92
CA GLY A 244 -9.28 -52.93 -22.08
C GLY A 244 -10.66 -52.36 -21.89
N SER A 245 -11.28 -52.70 -20.78
CA SER A 245 -12.68 -52.37 -20.56
C SER A 245 -12.92 -51.30 -19.50
N GLN A 246 -11.93 -51.09 -18.64
CA GLN A 246 -12.11 -50.17 -17.52
C GLN A 246 -11.27 -48.89 -17.67
N ASN A 247 -11.72 -47.82 -17.04
CA ASN A 247 -11.02 -46.55 -17.11
C ASN A 247 -10.10 -46.41 -15.90
N VAL A 248 -8.87 -46.89 -16.05
CA VAL A 248 -7.89 -46.91 -14.98
C VAL A 248 -7.38 -45.51 -14.66
N LYS A 249 -7.50 -45.10 -13.40
CA LYS A 249 -7.09 -43.77 -12.99
C LYS A 249 -5.58 -43.69 -12.72
N VAL A 250 -4.86 -42.94 -13.56
CA VAL A 250 -3.41 -42.79 -13.43
C VAL A 250 -2.99 -41.46 -12.83
N PHE A 251 -3.96 -40.58 -12.59
CA PHE A 251 -3.69 -39.37 -11.85
C PHE A 251 -4.92 -38.74 -11.25
N GLU A 252 -4.82 -38.30 -10.00
CA GLU A 252 -5.86 -37.48 -9.43
C GLU A 252 -5.24 -36.43 -8.50
N GLU A 253 -5.45 -35.16 -8.83
CA GLU A 253 -4.98 -34.05 -8.01
C GLU A 253 -5.40 -34.24 -6.56
N PRO A 254 -4.41 -34.38 -5.67
CA PRO A 254 -4.59 -34.61 -4.24
C PRO A 254 -5.29 -33.45 -3.55
N LYS A 255 -4.93 -32.22 -3.95
CA LYS A 255 -5.60 -31.04 -3.43
C LYS A 255 -6.08 -30.17 -4.57
N PRO A 256 -7.28 -30.44 -5.08
CA PRO A 256 -7.87 -29.70 -6.22
C PRO A 256 -8.18 -28.25 -5.90
N ASN A 257 -8.27 -27.91 -4.62
CA ASN A 257 -8.67 -26.57 -4.25
C ASN A 257 -7.48 -25.69 -3.90
N SER A 258 -6.31 -26.31 -3.87
CA SER A 258 -5.10 -25.57 -3.59
C SER A 258 -4.83 -24.57 -4.71
N GLU A 259 -4.21 -23.47 -4.35
CA GLU A 259 -3.80 -22.45 -5.30
C GLU A 259 -2.58 -22.90 -6.09
N LEU A 260 -2.08 -24.08 -5.77
CA LEU A 260 -0.86 -24.57 -6.38
C LEU A 260 -1.07 -25.30 -7.69
N CYS A 261 -2.29 -25.78 -7.93
CA CYS A 261 -2.60 -26.51 -9.16
C CYS A 261 -3.62 -25.77 -10.00
N CYS A 262 -4.01 -24.59 -9.54
CA CYS A 262 -4.88 -23.69 -10.28
C CYS A 262 -4.09 -22.94 -11.37
N LYS A 263 -3.79 -23.64 -12.47
CA LYS A 263 -2.99 -23.10 -13.58
C LYS A 263 -3.70 -21.93 -14.31
N PRO A 264 -3.09 -20.73 -14.30
CA PRO A 264 -3.68 -19.47 -14.81
C PRO A 264 -3.66 -19.36 -16.33
N LEU A 265 -4.79 -18.99 -16.92
CA LEU A 265 -4.86 -19.02 -18.36
C LEU A 265 -4.91 -17.64 -18.97
N CYS A 266 -5.61 -16.73 -18.30
CA CYS A 266 -5.73 -15.37 -18.79
C CYS A 266 -5.91 -14.39 -17.64
N LEU A 267 -5.17 -13.28 -17.72
CA LEU A 267 -5.28 -12.19 -16.75
C LEU A 267 -5.69 -10.91 -17.45
N MET A 268 -6.68 -10.21 -16.90
CA MET A 268 -7.13 -8.97 -17.55
C MET A 268 -7.42 -7.86 -16.54
N LEU A 269 -7.40 -6.62 -17.00
CA LEU A 269 -7.73 -5.49 -16.15
C LEU A 269 -9.12 -4.95 -16.50
N ALA A 270 -10.13 -5.70 -16.08
CA ALA A 270 -11.51 -5.34 -16.36
C ALA A 270 -12.39 -5.59 -15.15
N ASP A 271 -13.63 -5.14 -15.24
CA ASP A 271 -14.61 -5.46 -14.22
C ASP A 271 -15.40 -6.68 -14.65
N GLU A 272 -15.63 -7.61 -13.73
CA GLU A 272 -16.38 -8.83 -14.02
C GLU A 272 -17.86 -8.49 -14.27
N SER A 273 -18.20 -7.23 -14.05
CA SER A 273 -19.52 -6.68 -14.34
C SER A 273 -19.58 -6.08 -15.75
N ASP A 274 -18.40 -5.70 -16.25
CA ASP A 274 -18.22 -5.15 -17.60
C ASP A 274 -18.40 -6.25 -18.65
N HIS A 275 -19.64 -6.50 -19.07
CA HIS A 275 -19.94 -7.64 -19.94
C HIS A 275 -19.23 -7.61 -21.30
N GLU A 276 -19.32 -6.48 -22.01
CA GLU A 276 -18.84 -6.41 -23.39
C GLU A 276 -17.37 -6.73 -23.50
N THR A 277 -16.55 -6.14 -22.63
CA THR A 277 -15.13 -6.37 -22.72
C THR A 277 -14.83 -7.78 -22.22
N LEU A 278 -15.55 -8.24 -21.19
CA LEU A 278 -15.34 -9.59 -20.66
C LEU A 278 -15.52 -10.68 -21.72
N THR A 279 -16.58 -10.55 -22.51
CA THR A 279 -16.83 -11.49 -23.58
C THR A 279 -15.82 -11.26 -24.72
N ALA A 280 -15.42 -10.01 -24.92
CA ALA A 280 -14.40 -9.70 -25.91
C ALA A 280 -13.10 -10.46 -25.65
N ILE A 281 -12.69 -10.51 -24.38
CA ILE A 281 -11.45 -11.16 -23.99
C ILE A 281 -11.61 -12.68 -23.91
N LEU A 282 -12.67 -13.13 -23.26
CA LEU A 282 -12.80 -14.54 -22.98
C LEU A 282 -13.27 -15.38 -24.18
N SER A 283 -14.08 -14.80 -25.07
CA SER A 283 -14.66 -15.58 -26.16
C SER A 283 -13.65 -16.25 -27.11
N PRO A 284 -12.45 -15.67 -27.31
CA PRO A 284 -11.46 -16.44 -28.08
C PRO A 284 -10.99 -17.71 -27.36
N LEU A 285 -10.77 -17.59 -26.07
CA LEU A 285 -10.45 -18.76 -25.25
C LEU A 285 -11.52 -19.81 -25.38
N ILE A 286 -12.78 -19.39 -25.25
CA ILE A 286 -13.92 -20.30 -25.34
C ILE A 286 -13.96 -20.97 -26.71
N ALA A 287 -13.62 -20.20 -27.75
CA ALA A 287 -13.56 -20.75 -29.10
C ALA A 287 -12.58 -21.90 -29.13
N GLU A 288 -11.38 -21.66 -28.61
CA GLU A 288 -10.36 -22.69 -28.58
C GLU A 288 -10.78 -23.90 -27.75
N ARG A 289 -11.46 -23.63 -26.64
CA ARG A 289 -11.96 -24.68 -25.76
C ARG A 289 -12.90 -25.60 -26.51
N GLU A 290 -13.92 -24.99 -27.13
CA GLU A 290 -14.90 -25.73 -27.91
C GLU A 290 -14.19 -26.54 -28.96
N ALA A 291 -13.31 -25.89 -29.71
CA ALA A 291 -12.62 -26.56 -30.79
C ALA A 291 -11.91 -27.80 -30.27
N MET A 292 -11.38 -27.71 -29.06
CA MET A 292 -10.73 -28.85 -28.45
C MET A 292 -11.73 -29.96 -28.05
N LYS A 293 -12.98 -29.58 -27.75
CA LYS A 293 -14.01 -30.56 -27.34
C LYS A 293 -14.21 -31.70 -28.37
N SER A 294 -13.88 -31.42 -29.61
CA SER A 294 -14.08 -32.40 -30.66
C SER A 294 -12.79 -32.74 -31.41
N SER A 295 -11.76 -33.15 -30.66
CA SER A 295 -10.47 -33.54 -31.26
C SER A 295 -9.54 -34.25 -30.25
N GLU A 296 -8.45 -34.84 -30.74
CA GLU A 296 -7.52 -35.54 -29.85
C GLU A 296 -6.09 -35.04 -30.00
N LEU A 297 -5.39 -34.93 -28.88
CA LEU A 297 -4.07 -34.31 -28.84
C LEU A 297 -2.96 -35.35 -28.87
N THR A 298 -2.00 -35.18 -29.77
CA THR A 298 -0.84 -36.08 -29.83
C THR A 298 0.40 -35.37 -29.32
N LEU A 299 1.03 -36.01 -28.34
CA LEU A 299 2.08 -35.40 -27.56
C LEU A 299 3.12 -36.43 -27.14
N GLU A 300 4.37 -36.24 -27.55
CA GLU A 300 5.41 -37.19 -27.19
C GLU A 300 5.85 -37.05 -25.73
N MET A 301 5.94 -38.16 -25.00
CA MET A 301 6.42 -38.09 -23.63
C MET A 301 7.77 -38.79 -23.46
N GLY A 302 7.75 -40.05 -23.02
CA GLY A 302 9.01 -40.76 -22.82
C GLY A 302 9.70 -41.12 -24.12
N GLY A 303 9.78 -40.17 -25.04
CA GLY A 303 10.26 -40.42 -26.38
C GLY A 303 9.27 -41.18 -27.21
N ILE A 304 8.07 -41.36 -26.66
CA ILE A 304 6.99 -42.11 -27.29
C ILE A 304 5.67 -41.34 -27.24
N PRO A 305 4.96 -41.28 -28.37
CA PRO A 305 3.78 -40.41 -28.50
C PRO A 305 2.59 -40.91 -27.73
N ARG A 306 1.89 -40.01 -27.04
CA ARG A 306 0.67 -40.35 -26.33
C ARG A 306 -0.49 -39.52 -26.86
N THR A 307 -1.72 -39.98 -26.61
CA THR A 307 -2.90 -39.27 -27.11
C THR A 307 -3.85 -38.89 -25.97
N PHE A 308 -4.38 -37.67 -26.04
CA PHE A 308 -5.17 -37.11 -24.95
C PHE A 308 -6.54 -36.61 -25.41
N LYS A 309 -7.57 -36.90 -24.63
CA LYS A 309 -8.89 -36.33 -24.84
C LYS A 309 -9.26 -35.51 -23.61
N PHE A 310 -9.96 -34.40 -23.80
CA PHE A 310 -10.30 -33.56 -22.66
C PHE A 310 -11.78 -33.44 -22.35
N ILE A 311 -12.06 -33.15 -21.10
CA ILE A 311 -13.41 -32.90 -20.65
C ILE A 311 -13.38 -31.66 -19.76
N PHE A 312 -14.11 -30.63 -20.16
CA PHE A 312 -14.03 -29.36 -19.48
C PHE A 312 -15.25 -29.09 -18.61
N ARG A 313 -15.09 -29.25 -17.31
CA ARG A 313 -16.17 -28.97 -16.38
C ARG A 313 -16.03 -27.58 -15.75
N GLY A 314 -16.74 -26.60 -16.28
CA GLY A 314 -16.63 -25.24 -15.80
C GLY A 314 -17.46 -25.04 -14.54
N THR A 315 -16.81 -25.17 -13.38
CA THR A 315 -17.54 -25.16 -12.13
C THR A 315 -17.10 -24.10 -11.12
N GLY A 316 -15.87 -23.63 -11.22
CA GLY A 316 -15.36 -22.65 -10.26
C GLY A 316 -15.82 -21.24 -10.56
N TYR A 317 -17.12 -21.03 -10.47
CA TYR A 317 -17.64 -19.71 -10.75
C TYR A 317 -18.49 -19.22 -9.60
N ASP A 318 -18.29 -17.95 -9.26
CA ASP A 318 -19.21 -17.22 -8.39
C ASP A 318 -20.62 -17.27 -8.95
N GLU A 319 -21.63 -17.16 -8.10
CA GLU A 319 -23.02 -17.24 -8.56
C GLU A 319 -23.38 -16.14 -9.55
N LYS A 320 -23.05 -14.91 -9.19
CA LYS A 320 -23.31 -13.78 -10.05
C LYS A 320 -22.71 -13.99 -11.44
N LEU A 321 -21.54 -14.61 -11.49
CA LEU A 321 -20.85 -14.86 -12.77
C LEU A 321 -21.44 -16.05 -13.53
N VAL A 322 -21.94 -17.06 -12.82
CA VAL A 322 -22.65 -18.14 -13.50
C VAL A 322 -23.85 -17.55 -14.23
N ARG A 323 -24.58 -16.68 -13.53
CA ARG A 323 -25.72 -16.04 -14.15
C ARG A 323 -25.29 -15.17 -15.32
N GLU A 324 -24.25 -14.36 -15.13
CA GLU A 324 -23.69 -13.59 -16.23
C GLU A 324 -23.48 -14.43 -17.47
N VAL A 325 -22.68 -15.47 -17.35
CA VAL A 325 -22.24 -16.20 -18.54
C VAL A 325 -23.26 -17.23 -19.03
N GLU A 326 -24.35 -17.42 -18.29
CA GLU A 326 -25.34 -18.42 -18.69
C GLU A 326 -26.69 -17.82 -19.06
N GLY A 327 -26.73 -16.49 -19.16
CA GLY A 327 -27.89 -15.82 -19.71
C GLY A 327 -29.00 -15.43 -18.76
N LEU A 328 -28.75 -15.51 -17.46
CA LEU A 328 -29.78 -15.15 -16.50
C LEU A 328 -29.69 -13.71 -16.00
N GLU A 329 -30.82 -13.16 -15.59
CA GLU A 329 -30.88 -11.83 -14.97
C GLU A 329 -30.32 -11.98 -13.56
N ALA A 330 -29.38 -11.12 -13.16
CA ALA A 330 -28.70 -11.36 -11.88
C ALA A 330 -29.20 -10.43 -10.77
N SER A 331 -30.42 -10.70 -10.31
CA SER A 331 -30.98 -10.10 -9.11
C SER A 331 -31.81 -11.20 -8.48
N GLY A 332 -32.36 -10.96 -7.28
CA GLY A 332 -33.13 -12.00 -6.63
C GLY A 332 -34.45 -12.28 -7.31
N SER A 333 -34.69 -11.60 -8.44
CA SER A 333 -35.94 -11.78 -9.15
C SER A 333 -35.78 -12.59 -10.44
N VAL A 334 -36.78 -13.40 -10.72
CA VAL A 334 -37.57 -13.99 -9.64
C VAL A 334 -37.20 -15.47 -9.58
N TYR A 335 -36.58 -15.93 -10.67
CA TYR A 335 -36.03 -17.27 -10.77
C TYR A 335 -34.65 -17.34 -10.14
N ILE A 336 -34.53 -18.05 -9.02
CA ILE A 336 -33.35 -17.93 -8.15
C ILE A 336 -32.29 -19.02 -8.28
N CYS A 337 -32.58 -20.06 -9.06
CA CYS A 337 -31.70 -21.22 -9.13
C CYS A 337 -31.13 -21.43 -10.53
N THR A 338 -29.82 -21.62 -10.63
CA THR A 338 -29.14 -21.81 -11.93
C THR A 338 -29.13 -23.27 -12.36
N LEU A 339 -29.87 -24.10 -11.62
CA LEU A 339 -29.92 -25.53 -11.90
C LEU A 339 -31.36 -26.01 -12.17
N CYS A 340 -32.34 -25.24 -11.73
CA CYS A 340 -33.72 -25.59 -11.96
C CYS A 340 -34.60 -24.36 -12.21
N ASP A 341 -35.82 -24.61 -12.67
CA ASP A 341 -36.69 -23.54 -13.14
C ASP A 341 -37.58 -22.97 -12.02
N THR A 342 -37.22 -23.25 -10.77
CA THR A 342 -38.06 -22.84 -9.65
C THR A 342 -38.07 -21.33 -9.46
N THR A 343 -39.04 -20.85 -8.70
CA THR A 343 -39.17 -19.44 -8.37
C THR A 343 -38.90 -19.24 -6.88
N ARG A 344 -38.74 -17.99 -6.46
CA ARG A 344 -38.41 -17.66 -5.07
C ARG A 344 -39.53 -18.14 -4.16
N LEU A 345 -40.76 -18.03 -4.64
CA LEU A 345 -41.92 -18.41 -3.85
C LEU A 345 -42.12 -19.91 -3.86
N GLU A 346 -42.05 -20.52 -5.04
CA GLU A 346 -42.18 -21.96 -5.13
C GLU A 346 -41.14 -22.66 -4.25
N ALA A 347 -39.95 -22.10 -4.20
CA ALA A 347 -38.87 -22.74 -3.46
C ALA A 347 -39.00 -22.45 -1.98
N SER A 348 -39.81 -21.46 -1.66
CA SER A 348 -40.09 -21.10 -0.29
C SER A 348 -41.13 -22.04 0.33
N GLN A 349 -41.91 -22.73 -0.51
CA GLN A 349 -43.01 -23.58 -0.05
C GLN A 349 -42.72 -25.09 -0.15
N ASN A 350 -42.25 -25.52 -1.32
CA ASN A 350 -41.61 -26.81 -1.45
C ASN A 350 -40.12 -26.56 -1.29
N LEU A 351 -39.56 -27.00 -0.17
CA LEU A 351 -38.19 -26.63 0.15
C LEU A 351 -37.18 -27.58 -0.46
N VAL A 352 -37.45 -28.87 -0.37
CA VAL A 352 -36.40 -29.85 -0.62
C VAL A 352 -36.55 -30.76 -1.84
N PHE A 353 -37.62 -30.59 -2.62
CA PHE A 353 -37.84 -31.49 -3.75
C PHE A 353 -37.74 -30.79 -5.07
N HIS A 354 -36.53 -30.77 -5.62
CA HIS A 354 -36.29 -30.16 -6.93
C HIS A 354 -35.27 -30.92 -7.76
N SER A 355 -35.67 -31.32 -8.95
CA SER A 355 -34.76 -31.95 -9.90
C SER A 355 -33.85 -30.89 -10.52
N ILE A 356 -32.65 -31.28 -10.92
CA ILE A 356 -31.78 -30.41 -11.71
C ILE A 356 -32.21 -30.45 -13.17
N THR A 357 -32.44 -29.29 -13.78
CA THR A 357 -33.00 -29.27 -15.13
C THR A 357 -32.38 -28.24 -16.06
N ARG A 358 -31.54 -27.38 -15.54
CA ARG A 358 -30.88 -26.43 -16.42
C ARG A 358 -29.63 -27.02 -17.04
N SER A 359 -29.30 -26.51 -18.22
CA SER A 359 -28.05 -26.88 -18.86
C SER A 359 -27.67 -25.73 -19.78
N HIS A 360 -26.41 -25.67 -20.18
CA HIS A 360 -25.97 -24.65 -21.11
C HIS A 360 -26.78 -24.78 -22.43
N ALA A 361 -26.97 -26.02 -22.88
CA ALA A 361 -27.71 -26.27 -24.11
C ALA A 361 -29.11 -25.66 -24.04
N GLU A 362 -29.81 -25.96 -22.95
CA GLU A 362 -31.15 -25.46 -22.73
C GLU A 362 -31.15 -23.95 -22.66
N ASN A 363 -30.16 -23.35 -22.01
CA ASN A 363 -30.15 -21.89 -21.91
C ASN A 363 -29.98 -21.25 -23.28
N LEU A 364 -29.24 -21.93 -24.15
CA LEU A 364 -29.07 -21.47 -25.52
C LEU A 364 -30.39 -21.47 -26.27
N GLN A 365 -31.06 -22.63 -26.19
CA GLN A 365 -32.39 -22.79 -26.81
C GLN A 365 -33.34 -21.71 -26.29
N ARG A 366 -33.37 -21.56 -24.97
CA ARG A 366 -34.28 -20.65 -24.34
C ARG A 366 -34.03 -19.24 -24.78
N TYR A 367 -32.77 -18.82 -24.79
CA TYR A 367 -32.47 -17.48 -25.26
C TYR A 367 -33.00 -17.27 -26.67
N GLU A 368 -32.80 -18.26 -27.55
CA GLU A 368 -33.32 -18.08 -28.92
C GLU A 368 -34.81 -17.87 -28.91
N VAL A 369 -35.53 -18.69 -28.14
CA VAL A 369 -36.98 -18.55 -28.00
C VAL A 369 -37.37 -17.15 -27.52
N TRP A 370 -36.70 -16.62 -26.50
CA TRP A 370 -36.98 -15.27 -26.02
C TRP A 370 -36.73 -14.21 -27.10
N ARG A 371 -35.68 -14.37 -27.88
CA ARG A 371 -35.36 -13.37 -28.89
C ARG A 371 -36.37 -13.39 -30.03
N SER A 372 -36.72 -14.59 -30.48
CA SER A 372 -37.58 -14.75 -31.64
C SER A 372 -39.07 -14.67 -31.28
N ASN A 373 -39.41 -15.00 -30.03
CA ASN A 373 -40.79 -14.97 -29.55
C ASN A 373 -41.76 -15.72 -30.46
N PRO A 374 -41.52 -17.02 -30.66
CA PRO A 374 -42.20 -17.76 -31.72
C PRO A 374 -43.70 -17.87 -31.49
N TYR A 375 -44.11 -17.72 -30.24
CA TYR A 375 -45.49 -17.97 -29.88
C TYR A 375 -46.28 -16.70 -29.62
N HIS A 376 -45.69 -15.57 -30.01
CA HIS A 376 -46.32 -14.26 -29.87
C HIS A 376 -46.91 -14.04 -28.49
N GLU A 377 -46.06 -13.83 -27.50
CA GLU A 377 -46.53 -13.71 -26.13
C GLU A 377 -46.25 -12.35 -25.55
N SER A 378 -46.95 -12.03 -24.45
CA SER A 378 -46.65 -10.82 -23.71
C SER A 378 -45.35 -11.02 -22.95
N VAL A 379 -44.77 -9.92 -22.48
CA VAL A 379 -43.51 -9.94 -21.76
C VAL A 379 -43.56 -10.90 -20.56
N GLU A 380 -44.66 -10.94 -19.82
CA GLU A 380 -44.74 -11.86 -18.68
C GLU A 380 -44.96 -13.30 -19.09
N GLU A 381 -45.80 -13.53 -20.08
CA GLU A 381 -46.03 -14.89 -20.60
C GLU A 381 -44.72 -15.44 -21.14
N LEU A 382 -43.99 -14.58 -21.84
CA LEU A 382 -42.71 -14.97 -22.44
C LEU A 382 -41.69 -15.26 -21.36
N ARG A 383 -41.54 -14.29 -20.45
CA ARG A 383 -40.66 -14.44 -19.31
C ARG A 383 -40.95 -15.76 -18.59
N ASP A 384 -42.21 -16.17 -18.57
CA ASP A 384 -42.54 -17.42 -17.92
C ASP A 384 -42.16 -18.64 -18.76
N ARG A 385 -42.39 -18.57 -20.07
CA ARG A 385 -42.08 -19.69 -20.95
C ARG A 385 -40.60 -20.02 -20.90
N VAL A 386 -39.80 -18.96 -20.81
CA VAL A 386 -38.34 -19.06 -20.94
C VAL A 386 -37.62 -19.14 -19.59
N LYS A 387 -38.37 -18.92 -18.52
CA LYS A 387 -37.92 -19.20 -17.15
C LYS A 387 -36.70 -18.40 -16.74
N GLY A 388 -36.64 -17.14 -17.18
CA GLY A 388 -35.61 -16.21 -16.74
C GLY A 388 -34.46 -15.99 -17.70
N VAL A 389 -34.35 -16.80 -18.74
CA VAL A 389 -33.18 -16.77 -19.63
C VAL A 389 -33.33 -15.76 -20.77
N SER A 390 -33.16 -14.47 -20.46
CA SER A 390 -33.37 -13.41 -21.45
C SER A 390 -32.09 -12.90 -22.11
N ALA A 391 -30.95 -13.51 -21.81
CA ALA A 391 -29.67 -13.11 -22.42
C ALA A 391 -28.93 -14.33 -22.98
N LYS A 392 -28.03 -14.13 -23.93
CA LYS A 392 -27.39 -15.26 -24.59
C LYS A 392 -26.15 -15.73 -23.84
N PRO A 393 -26.13 -16.99 -23.42
CA PRO A 393 -24.97 -17.54 -22.72
C PRO A 393 -23.73 -17.53 -23.60
N PHE A 394 -22.55 -17.38 -23.01
CA PHE A 394 -21.34 -17.46 -23.83
C PHE A 394 -20.27 -18.31 -23.19
N ILE A 395 -20.52 -18.79 -21.98
CA ILE A 395 -19.63 -19.79 -21.40
C ILE A 395 -20.36 -21.03 -20.87
N GLU A 396 -20.01 -22.18 -21.42
CA GLU A 396 -20.60 -23.43 -20.98
C GLU A 396 -20.16 -23.82 -19.57
N THR A 397 -21.09 -23.79 -18.62
CA THR A 397 -20.76 -24.21 -17.26
C THR A 397 -21.48 -25.46 -16.83
N VAL A 398 -20.90 -26.15 -15.86
CA VAL A 398 -21.59 -27.27 -15.25
C VAL A 398 -22.60 -26.74 -14.24
N PRO A 399 -23.78 -27.36 -14.22
CA PRO A 399 -24.79 -27.11 -13.19
C PRO A 399 -24.36 -27.70 -11.85
N SER A 400 -23.55 -26.96 -11.09
CA SER A 400 -23.11 -27.45 -9.80
C SER A 400 -23.14 -26.35 -8.79
N ILE A 401 -22.41 -26.57 -7.69
CA ILE A 401 -22.27 -25.61 -6.62
C ILE A 401 -20.80 -25.35 -6.39
N ASP A 402 -20.43 -24.08 -6.32
CA ASP A 402 -19.10 -23.73 -5.85
C ASP A 402 -19.13 -23.78 -4.32
N ALA A 403 -18.41 -24.73 -3.73
CA ALA A 403 -18.45 -24.91 -2.28
C ALA A 403 -18.01 -23.64 -1.52
N LEU A 404 -17.08 -22.90 -2.10
CA LEU A 404 -16.57 -21.70 -1.48
C LEU A 404 -17.66 -20.64 -1.35
N HIS A 405 -18.17 -20.19 -2.49
CA HIS A 405 -19.18 -19.14 -2.49
C HIS A 405 -20.46 -19.60 -1.82
N CYS A 406 -20.62 -20.91 -1.71
CA CYS A 406 -21.72 -21.47 -0.95
C CYS A 406 -21.52 -21.19 0.53
N ASP A 407 -20.41 -21.62 1.09
CA ASP A 407 -20.12 -21.36 2.49
C ASP A 407 -20.16 -19.86 2.81
N ILE A 408 -19.50 -19.05 1.97
CA ILE A 408 -19.52 -17.60 2.11
C ILE A 408 -20.94 -17.05 2.17
N GLY A 409 -21.77 -17.40 1.18
CA GLY A 409 -23.11 -16.88 1.08
C GLY A 409 -24.04 -17.31 2.20
N ASN A 410 -23.96 -18.59 2.55
CA ASN A 410 -24.71 -19.12 3.68
C ASN A 410 -24.39 -18.35 4.94
N ALA A 411 -23.09 -18.19 5.19
CA ALA A 411 -22.63 -17.43 6.37
C ALA A 411 -23.14 -16.00 6.31
N ALA A 412 -23.08 -15.40 5.12
CA ALA A 412 -23.52 -14.03 4.93
C ALA A 412 -25.00 -13.91 5.21
N GLU A 413 -25.72 -15.04 5.14
CA GLU A 413 -27.12 -15.06 5.54
C GLU A 413 -27.28 -15.21 7.04
N PHE A 414 -26.54 -16.13 7.64
CA PHE A 414 -26.52 -16.26 9.10
C PHE A 414 -26.17 -14.95 9.79
N TYR A 415 -25.40 -14.10 9.11
CA TYR A 415 -24.99 -12.81 9.66
C TYR A 415 -26.19 -11.88 9.81
N LYS A 416 -26.97 -11.75 8.74
CA LYS A 416 -28.18 -10.94 8.77
C LYS A 416 -29.21 -11.59 9.68
N ILE A 417 -29.11 -12.92 9.84
CA ILE A 417 -29.95 -13.63 10.81
C ILE A 417 -29.60 -13.16 12.21
N PHE A 418 -28.31 -13.16 12.54
CA PHE A 418 -27.82 -12.66 13.81
C PHE A 418 -28.29 -11.23 14.09
N GLN A 419 -28.17 -10.35 13.10
CA GLN A 419 -28.73 -8.99 13.22
C GLN A 419 -30.23 -9.00 13.53
N LEU A 420 -30.99 -9.81 12.80
CA LEU A 420 -32.44 -9.85 12.94
C LEU A 420 -32.89 -10.67 14.16
N GLU A 421 -31.93 -11.18 14.92
CA GLU A 421 -32.24 -11.99 16.09
C GLU A 421 -31.75 -11.35 17.40
N ILE A 422 -30.77 -10.46 17.31
CA ILE A 422 -30.42 -9.63 18.48
C ILE A 422 -31.52 -8.59 18.66
N GLY A 423 -32.17 -8.24 17.56
CA GLY A 423 -33.42 -7.51 17.59
C GLY A 423 -34.56 -8.51 17.71
N GLU A 424 -35.78 -8.04 17.50
CA GLU A 424 -36.96 -8.89 17.57
C GLU A 424 -37.81 -8.62 16.34
N VAL A 425 -37.46 -9.24 15.23
CA VAL A 425 -38.19 -9.03 13.99
C VAL A 425 -39.49 -9.81 14.03
N TYR A 426 -39.47 -10.98 14.66
CA TYR A 426 -40.68 -11.77 14.81
C TYR A 426 -41.62 -11.14 15.85
N LYS A 427 -41.15 -10.06 16.46
CA LYS A 427 -41.98 -9.20 17.30
C LYS A 427 -42.30 -7.85 16.61
N HIS A 428 -41.28 -7.16 16.12
CA HIS A 428 -41.45 -5.86 15.45
C HIS A 428 -41.25 -5.90 13.92
N PRO A 429 -42.35 -5.77 13.16
CA PRO A 429 -42.34 -5.68 11.69
C PRO A 429 -42.04 -4.27 11.19
N ASN A 430 -41.29 -3.50 11.97
CA ASN A 430 -40.99 -2.12 11.64
C ASN A 430 -39.65 -1.93 10.94
N ALA A 431 -39.67 -1.53 9.67
CA ALA A 431 -38.45 -1.33 8.90
C ALA A 431 -37.77 0.01 9.17
N SER A 432 -37.05 0.12 10.28
CA SER A 432 -36.25 1.31 10.61
C SER A 432 -34.78 1.09 10.27
N LYS A 433 -34.36 1.55 9.09
CA LYS A 433 -33.01 1.26 8.58
C LYS A 433 -31.88 1.70 9.52
N GLU A 434 -32.10 2.81 10.23
CA GLU A 434 -31.10 3.30 11.15
C GLU A 434 -30.89 2.32 12.31
N GLU A 435 -31.98 1.79 12.86
CA GLU A 435 -31.90 0.83 13.96
C GLU A 435 -31.24 -0.46 13.50
N ARG A 436 -31.48 -0.81 12.24
CA ARG A 436 -30.78 -1.91 11.60
C ARG A 436 -29.28 -1.68 11.71
N LYS A 437 -28.85 -0.47 11.34
CA LYS A 437 -27.43 -0.12 11.40
C LYS A 437 -26.90 -0.16 12.85
N ARG A 438 -27.76 0.16 13.81
CA ARG A 438 -27.42 0.01 15.23
C ARG A 438 -27.21 -1.43 15.67
N TRP A 439 -28.06 -2.33 15.19
CA TRP A 439 -27.91 -3.75 15.51
C TRP A 439 -26.63 -4.30 14.90
N GLN A 440 -26.35 -3.93 13.65
CA GLN A 440 -25.09 -4.32 13.04
C GLN A 440 -23.93 -3.74 13.85
N ALA A 441 -24.12 -2.53 14.38
CA ALA A 441 -23.11 -1.90 15.23
C ALA A 441 -22.80 -2.72 16.49
N THR A 442 -23.82 -3.03 17.29
CA THR A 442 -23.60 -3.79 18.52
C THR A 442 -23.12 -5.22 18.25
N LEU A 443 -23.52 -5.78 17.12
CA LEU A 443 -23.08 -7.13 16.72
C LEU A 443 -21.60 -7.14 16.36
N ASP A 444 -21.21 -6.25 15.45
CA ASP A 444 -19.81 -6.12 15.05
C ASP A 444 -18.94 -5.83 16.28
N LYS A 445 -19.45 -4.96 17.16
CA LYS A 445 -18.83 -4.68 18.44
C LYS A 445 -18.57 -5.95 19.24
N HIS A 446 -19.63 -6.71 19.47
CA HIS A 446 -19.56 -7.89 20.31
C HIS A 446 -18.71 -9.02 19.73
N LEU A 447 -18.65 -9.11 18.41
CA LEU A 447 -17.83 -10.14 17.77
C LEU A 447 -16.35 -9.85 17.96
N ARG A 448 -16.01 -8.56 18.04
CA ARG A 448 -14.64 -8.15 18.31
C ARG A 448 -14.22 -8.53 19.73
N LYS A 449 -15.15 -8.37 20.68
CA LYS A 449 -14.82 -8.53 22.10
C LYS A 449 -14.72 -9.99 22.54
N ARG A 450 -15.70 -10.81 22.16
CA ARG A 450 -15.78 -12.18 22.65
C ARG A 450 -14.94 -13.13 21.78
N MET A 451 -14.71 -12.71 20.55
CA MET A 451 -13.93 -13.51 19.61
C MET A 451 -12.70 -12.69 19.22
N ASN A 452 -12.08 -13.06 18.10
CA ASN A 452 -10.95 -12.32 17.56
C ASN A 452 -11.37 -11.90 16.17
N LEU A 453 -12.54 -11.28 16.07
CA LEU A 453 -13.15 -10.98 14.78
C LEU A 453 -13.16 -9.52 14.39
N LYS A 454 -12.20 -9.15 13.54
CA LYS A 454 -12.16 -7.82 12.96
C LYS A 454 -13.23 -7.69 11.88
N PRO A 455 -14.21 -6.81 12.09
CA PRO A 455 -15.31 -6.62 11.13
C PRO A 455 -14.84 -6.11 9.77
N ILE A 456 -15.39 -6.66 8.70
CA ILE A 456 -15.03 -6.26 7.34
C ILE A 456 -16.27 -6.31 6.45
N MET A 457 -16.40 -5.38 5.52
CA MET A 457 -17.44 -5.45 4.50
C MET A 457 -16.96 -6.26 3.28
N ARG A 458 -17.91 -6.74 2.47
CA ARG A 458 -17.66 -7.81 1.49
C ARG A 458 -17.07 -9.02 2.18
N MET A 459 -17.92 -9.88 2.72
CA MET A 459 -17.45 -11.06 3.45
C MET A 459 -16.68 -12.06 2.60
N ASN A 460 -15.52 -12.49 3.11
CA ASN A 460 -14.75 -13.56 2.50
C ASN A 460 -14.89 -14.87 3.27
N GLY A 461 -14.11 -15.87 2.87
CA GLY A 461 -14.23 -17.21 3.42
C GLY A 461 -13.59 -17.40 4.78
N ASN A 462 -12.66 -16.51 5.13
CA ASN A 462 -12.00 -16.59 6.43
C ASN A 462 -12.96 -16.18 7.54
N PHE A 463 -13.62 -15.04 7.32
CA PHE A 463 -14.66 -14.57 8.23
C PHE A 463 -15.73 -15.64 8.38
N ALA A 464 -16.06 -16.27 7.26
CA ALA A 464 -17.06 -17.33 7.23
C ALA A 464 -16.61 -18.54 8.03
N ARG A 465 -15.31 -18.81 8.02
CA ARG A 465 -14.76 -19.91 8.81
C ARG A 465 -14.88 -19.63 10.30
N LYS A 466 -14.54 -18.40 10.67
CA LYS A 466 -14.52 -18.01 12.07
C LYS A 466 -15.94 -17.78 12.63
N LEU A 467 -16.91 -17.58 11.74
CA LEU A 467 -18.26 -17.21 12.17
C LEU A 467 -19.19 -18.41 12.42
N MET A 468 -19.05 -19.48 11.64
CA MET A 468 -19.98 -20.59 11.74
C MET A 468 -19.50 -21.65 12.72
N THR A 469 -19.27 -21.25 13.96
CA THR A 469 -18.92 -22.21 14.99
C THR A 469 -19.87 -22.04 16.16
N GLN A 470 -19.99 -23.07 16.99
CA GLN A 470 -20.91 -23.02 18.11
C GLN A 470 -20.49 -21.95 19.14
N GLU A 471 -19.19 -21.69 19.23
CA GLU A 471 -18.71 -20.65 20.13
C GLU A 471 -19.30 -19.30 19.73
N THR A 472 -19.38 -19.05 18.43
CA THR A 472 -19.92 -17.79 17.94
C THR A 472 -21.41 -17.68 18.22
N VAL A 473 -22.06 -18.83 18.31
CA VAL A 473 -23.47 -18.91 18.71
C VAL A 473 -23.61 -18.46 20.16
N ASP A 474 -22.80 -19.07 21.02
CA ASP A 474 -22.80 -18.71 22.43
C ASP A 474 -22.52 -17.23 22.62
N ALA A 475 -21.59 -16.70 21.84
CA ALA A 475 -21.16 -15.31 21.99
C ALA A 475 -22.20 -14.34 21.42
N VAL A 476 -22.94 -14.78 20.40
CA VAL A 476 -23.94 -13.90 19.79
C VAL A 476 -25.23 -13.99 20.60
N CYS A 477 -25.30 -15.02 21.44
CA CYS A 477 -26.42 -15.22 22.34
C CYS A 477 -26.46 -14.13 23.43
N GLU A 478 -25.31 -13.51 23.71
CA GLU A 478 -25.13 -12.54 24.79
C GLU A 478 -25.84 -11.19 24.56
N LEU A 479 -26.38 -11.00 23.37
CA LEU A 479 -27.03 -9.73 23.02
C LEU A 479 -28.53 -9.96 22.86
N ILE A 480 -28.95 -11.20 23.11
CA ILE A 480 -30.35 -11.57 22.92
C ILE A 480 -31.14 -11.64 24.21
N PRO A 481 -32.26 -10.91 24.28
CA PRO A 481 -33.11 -10.91 25.48
C PRO A 481 -33.86 -12.23 25.67
N SER A 482 -34.47 -12.75 24.61
CA SER A 482 -35.27 -13.97 24.69
C SER A 482 -34.43 -15.21 25.01
N GLU A 483 -35.06 -16.20 25.64
CA GLU A 483 -34.40 -17.46 25.97
C GLU A 483 -34.85 -18.60 25.08
N GLU A 484 -35.95 -18.38 24.36
CA GLU A 484 -36.49 -19.39 23.46
C GLU A 484 -35.69 -19.47 22.16
N ARG A 485 -35.27 -18.30 21.67
CA ARG A 485 -34.58 -18.22 20.40
C ARG A 485 -33.19 -18.82 20.47
N HIS A 486 -32.64 -18.89 21.68
CA HIS A 486 -31.30 -19.44 21.86
C HIS A 486 -31.28 -20.90 21.42
N GLU A 487 -32.33 -21.63 21.79
CA GLU A 487 -32.44 -23.04 21.47
C GLU A 487 -32.71 -23.27 19.96
N ALA A 488 -33.50 -22.38 19.37
CA ALA A 488 -33.77 -22.43 17.95
C ALA A 488 -32.49 -22.20 17.13
N LEU A 489 -31.73 -21.16 17.48
CA LEU A 489 -30.48 -20.85 16.80
C LEU A 489 -29.43 -21.93 17.00
N ARG A 490 -29.40 -22.51 18.19
CA ARG A 490 -28.48 -23.61 18.44
C ARG A 490 -28.84 -24.79 17.53
N GLU A 491 -30.13 -25.12 17.38
CA GLU A 491 -30.49 -26.25 16.51
C GLU A 491 -30.23 -25.93 15.04
N LEU A 492 -30.54 -24.71 14.63
CA LEU A 492 -30.28 -24.23 13.27
C LEU A 492 -28.80 -24.43 12.94
N MET A 493 -27.94 -23.83 13.75
CA MET A 493 -26.51 -23.93 13.57
C MET A 493 -26.06 -25.39 13.56
N ASP A 494 -26.54 -26.19 14.50
CA ASP A 494 -26.14 -27.57 14.58
C ASP A 494 -26.51 -28.40 13.35
N LEU A 495 -27.69 -28.13 12.80
CA LEU A 495 -28.12 -28.83 11.61
C LEU A 495 -27.28 -28.39 10.41
N TYR A 496 -27.07 -27.08 10.30
CA TYR A 496 -26.21 -26.56 9.23
C TYR A 496 -24.84 -27.20 9.27
N LEU A 497 -24.32 -27.44 10.47
CA LEU A 497 -22.98 -27.99 10.60
C LEU A 497 -23.00 -29.50 10.45
N LYS A 498 -24.17 -30.10 10.61
CA LYS A 498 -24.34 -31.51 10.31
C LYS A 498 -24.37 -31.69 8.81
N MET A 499 -24.76 -30.64 8.10
CA MET A 499 -24.89 -30.69 6.65
C MET A 499 -23.61 -30.30 5.88
N LYS A 500 -23.01 -29.17 6.26
CA LYS A 500 -21.84 -28.62 5.56
C LYS A 500 -20.74 -29.62 5.16
N PRO A 501 -20.36 -30.57 6.04
CA PRO A 501 -19.26 -31.44 5.62
C PRO A 501 -19.54 -32.27 4.39
N VAL A 502 -20.80 -32.43 4.01
CA VAL A 502 -21.14 -33.31 2.90
C VAL A 502 -20.85 -32.65 1.56
N TRP A 503 -21.13 -31.35 1.47
CA TRP A 503 -20.86 -30.62 0.25
C TRP A 503 -19.52 -29.91 0.26
N ARG A 504 -18.92 -29.80 1.45
CA ARG A 504 -17.60 -29.17 1.56
C ARG A 504 -16.47 -30.15 1.29
N SER A 505 -16.69 -31.42 1.65
CA SER A 505 -15.70 -32.46 1.45
C SER A 505 -15.36 -32.69 -0.02
N SER A 506 -14.10 -33.03 -0.29
CA SER A 506 -13.69 -33.44 -1.63
C SER A 506 -14.06 -34.89 -1.94
N CYS A 507 -14.44 -35.66 -0.92
CA CYS A 507 -14.91 -37.03 -1.12
C CYS A 507 -15.60 -37.57 0.12
N PRO A 508 -16.91 -37.34 0.23
CA PRO A 508 -17.65 -37.75 1.42
C PRO A 508 -18.00 -39.24 1.47
N ALA A 509 -17.83 -39.97 0.37
CA ALA A 509 -18.08 -41.41 0.38
C ALA A 509 -16.99 -42.13 1.15
N LYS A 510 -15.85 -41.46 1.26
CA LYS A 510 -14.72 -41.94 2.02
C LYS A 510 -14.63 -41.20 3.35
N GLU A 511 -14.46 -39.88 3.25
CA GLU A 511 -14.22 -39.02 4.41
C GLU A 511 -15.33 -38.89 5.45
N CYS A 512 -16.58 -38.81 5.02
CA CYS A 512 -17.69 -38.72 5.97
C CYS A 512 -18.96 -39.46 5.52
N PRO A 513 -18.87 -40.78 5.33
CA PRO A 513 -20.00 -41.58 4.83
C PRO A 513 -21.21 -41.62 5.77
N GLU A 514 -20.99 -41.23 7.03
CA GLU A 514 -22.09 -41.11 7.99
C GLU A 514 -22.92 -39.86 7.73
N SER A 515 -22.25 -38.75 7.47
CA SER A 515 -22.91 -37.48 7.20
C SER A 515 -23.69 -37.50 5.90
N LEU A 516 -23.20 -38.31 4.97
CA LEU A 516 -23.82 -38.41 3.66
C LEU A 516 -25.21 -39.05 3.72
N CYS A 517 -25.31 -40.21 4.35
CA CYS A 517 -26.59 -40.91 4.44
C CYS A 517 -27.63 -40.13 5.25
N GLN A 518 -27.19 -39.56 6.37
CA GLN A 518 -28.11 -38.82 7.23
C GLN A 518 -28.45 -37.44 6.66
N TYR A 519 -27.87 -37.11 5.51
CA TYR A 519 -28.01 -35.76 4.99
C TYR A 519 -29.44 -35.40 4.65
N SER A 520 -30.18 -36.35 4.09
CA SER A 520 -31.58 -36.13 3.74
C SER A 520 -32.39 -35.72 4.98
N PHE A 521 -32.27 -36.50 6.03
CA PHE A 521 -33.00 -36.27 7.28
C PHE A 521 -32.61 -34.94 7.93
N ASN A 522 -31.31 -34.65 7.98
CA ASN A 522 -30.84 -33.40 8.56
C ASN A 522 -31.38 -32.21 7.79
N SER A 523 -31.41 -32.38 6.48
CA SER A 523 -31.99 -31.39 5.59
C SER A 523 -33.45 -31.17 5.96
N GLN A 524 -34.17 -32.28 6.13
CA GLN A 524 -35.59 -32.24 6.48
C GLN A 524 -35.81 -31.40 7.73
N ARG A 525 -35.08 -31.74 8.80
CA ARG A 525 -35.22 -31.05 10.08
C ARG A 525 -34.88 -29.57 9.97
N PHE A 526 -33.88 -29.28 9.15
CA PHE A 526 -33.49 -27.90 8.88
C PHE A 526 -34.65 -27.14 8.26
N ALA A 527 -35.28 -27.76 7.27
CA ALA A 527 -36.37 -27.16 6.54
C ALA A 527 -37.56 -26.87 7.46
N GLU A 528 -37.91 -27.87 8.25
CA GLU A 528 -38.99 -27.74 9.21
C GLU A 528 -38.69 -26.57 10.14
N LEU A 529 -37.43 -26.48 10.56
CA LEU A 529 -37.01 -25.46 11.51
C LEU A 529 -37.06 -24.07 10.89
N LEU A 530 -36.86 -24.00 9.58
CA LEU A 530 -36.96 -22.71 8.89
C LEU A 530 -38.39 -22.28 8.75
N SER A 531 -39.26 -23.24 8.45
CA SER A 531 -40.67 -22.96 8.18
C SER A 531 -41.36 -22.37 9.39
N THR A 532 -41.06 -22.92 10.57
CA THR A 532 -41.71 -22.48 11.78
C THR A 532 -40.91 -21.39 12.50
N LYS A 533 -39.84 -21.80 13.19
CA LYS A 533 -39.12 -20.91 14.11
C LYS A 533 -38.51 -19.68 13.44
N PHE A 534 -38.34 -19.71 12.12
CA PHE A 534 -37.79 -18.55 11.41
C PHE A 534 -38.73 -18.05 10.33
N LYS A 535 -40.03 -18.18 10.57
CA LYS A 535 -41.05 -17.80 9.62
C LYS A 535 -40.89 -16.34 9.20
N TYR A 536 -40.42 -15.51 10.11
CA TYR A 536 -40.43 -14.07 9.91
C TYR A 536 -39.58 -13.60 8.71
N ARG A 537 -38.68 -14.44 8.22
CA ARG A 537 -37.89 -14.05 7.06
C ARG A 537 -38.08 -15.00 5.89
N TYR A 538 -38.18 -16.29 6.21
CA TYR A 538 -38.18 -17.33 5.19
C TYR A 538 -39.59 -17.82 4.85
N GLU A 539 -40.47 -16.85 4.64
CA GLU A 539 -41.83 -17.11 4.19
C GLU A 539 -42.08 -16.25 2.97
N GLY A 540 -42.17 -16.90 1.81
CA GLY A 540 -42.26 -16.20 0.55
C GLY A 540 -40.88 -15.86 0.04
N LYS A 541 -39.95 -15.69 0.97
CA LYS A 541 -38.55 -15.42 0.65
C LYS A 541 -37.66 -16.57 1.09
N ILE A 542 -36.56 -16.75 0.36
CA ILE A 542 -35.53 -17.69 0.77
C ILE A 542 -34.29 -17.36 -0.06
N THR A 543 -33.12 -17.61 0.51
CA THR A 543 -31.86 -17.29 -0.16
C THR A 543 -31.49 -18.39 -1.12
N ASN A 544 -30.82 -18.01 -2.19
CA ASN A 544 -30.46 -18.95 -3.25
C ASN A 544 -29.71 -20.15 -2.69
N TYR A 545 -28.75 -19.87 -1.84
CA TYR A 545 -27.88 -20.93 -1.37
C TYR A 545 -28.57 -21.87 -0.40
N PHE A 546 -29.51 -21.37 0.40
CA PHE A 546 -30.31 -22.27 1.24
C PHE A 546 -31.07 -23.26 0.36
N HIS A 547 -31.71 -22.70 -0.67
CA HIS A 547 -32.41 -23.51 -1.67
C HIS A 547 -31.51 -24.59 -2.23
N LYS A 548 -30.39 -24.18 -2.83
CA LYS A 548 -29.45 -25.12 -3.45
C LYS A 548 -29.02 -26.20 -2.46
N THR A 549 -28.67 -25.78 -1.25
CA THR A 549 -28.25 -26.69 -0.19
C THR A 549 -29.28 -27.77 0.08
N LEU A 550 -30.54 -27.37 0.26
CA LEU A 550 -31.61 -28.30 0.59
C LEU A 550 -32.05 -29.21 -0.57
N ALA A 551 -32.09 -28.62 -1.77
CA ALA A 551 -32.73 -29.25 -2.91
C ALA A 551 -31.79 -30.08 -3.80
N HIS A 552 -30.53 -29.65 -3.89
CA HIS A 552 -29.67 -30.14 -4.95
C HIS A 552 -28.39 -30.85 -4.55
N VAL A 553 -28.03 -30.80 -3.27
CA VAL A 553 -26.78 -31.43 -2.86
C VAL A 553 -26.74 -32.94 -3.15
N PRO A 554 -27.74 -33.72 -2.68
CA PRO A 554 -27.60 -35.17 -2.87
C PRO A 554 -27.55 -35.61 -4.33
N GLU A 555 -28.24 -34.85 -5.19
CA GLU A 555 -28.27 -35.17 -6.60
C GLU A 555 -26.92 -34.90 -7.22
N ILE A 556 -26.30 -33.79 -6.81
CA ILE A 556 -24.97 -33.43 -7.33
C ILE A 556 -23.94 -34.46 -6.89
N ILE A 557 -24.00 -34.87 -5.63
CA ILE A 557 -23.07 -35.88 -5.14
C ILE A 557 -23.24 -37.19 -5.85
N GLU A 558 -24.49 -37.62 -6.03
CA GLU A 558 -24.76 -38.83 -6.81
C GLU A 558 -24.16 -38.74 -8.21
N ARG A 559 -24.24 -37.55 -8.80
CA ARG A 559 -23.80 -37.37 -10.17
C ARG A 559 -22.29 -37.33 -10.29
N ASP A 560 -21.64 -36.67 -9.33
CA ASP A 560 -20.24 -36.28 -9.47
C ASP A 560 -19.28 -36.77 -8.37
N GLY A 561 -19.80 -37.44 -7.36
CA GLY A 561 -18.94 -37.93 -6.29
C GLY A 561 -18.66 -36.91 -5.20
N SER A 562 -18.56 -35.65 -5.58
CA SER A 562 -18.34 -34.61 -4.60
C SER A 562 -18.75 -33.26 -5.14
N ILE A 563 -18.74 -32.28 -4.27
CA ILE A 563 -19.01 -30.91 -4.64
C ILE A 563 -17.77 -30.08 -4.31
N GLY A 564 -17.15 -30.43 -3.19
CA GLY A 564 -15.97 -29.75 -2.73
C GLY A 564 -14.83 -29.74 -3.72
N ALA A 565 -14.63 -30.84 -4.41
CA ALA A 565 -13.47 -30.95 -5.28
C ALA A 565 -13.55 -29.98 -6.45
N TRP A 566 -14.72 -29.39 -6.65
CA TRP A 566 -14.96 -28.61 -7.86
C TRP A 566 -15.13 -27.15 -7.52
N ALA A 567 -14.51 -26.74 -6.41
CA ALA A 567 -14.67 -25.39 -5.92
C ALA A 567 -13.60 -24.46 -6.49
N SER A 568 -13.72 -23.18 -6.15
CA SER A 568 -12.66 -22.20 -6.42
C SER A 568 -11.61 -22.30 -5.34
N GLU A 569 -10.37 -21.88 -5.63
CA GLU A 569 -9.28 -22.04 -4.66
C GLU A 569 -9.68 -21.40 -3.33
N GLY A 570 -9.54 -22.16 -2.26
CA GLY A 570 -10.03 -21.77 -0.94
C GLY A 570 -9.25 -20.69 -0.19
N ASN A 571 -8.30 -20.04 -0.85
CA ASN A 571 -7.52 -18.96 -0.23
C ASN A 571 -7.74 -17.59 -0.89
N GLU A 572 -8.42 -17.59 -2.04
CA GLU A 572 -8.74 -16.36 -2.78
C GLU A 572 -7.53 -15.44 -2.95
N SER A 573 -6.35 -16.06 -2.98
CA SER A 573 -5.10 -15.34 -2.95
C SER A 573 -4.71 -14.88 -4.33
N GLY A 574 -5.68 -14.86 -5.24
CA GLY A 574 -5.41 -14.39 -6.59
C GLY A 574 -4.83 -12.99 -6.51
N ASN A 575 -5.45 -12.17 -5.65
CA ASN A 575 -5.00 -10.82 -5.41
C ASN A 575 -3.57 -10.80 -4.86
N LYS A 576 -3.44 -11.33 -3.66
CA LYS A 576 -2.18 -11.50 -2.96
C LYS A 576 -1.04 -11.92 -3.91
N LEU A 577 -1.30 -12.98 -4.68
CA LEU A 577 -0.30 -13.50 -5.60
C LEU A 577 0.02 -12.50 -6.68
N PHE A 578 -1.02 -11.92 -7.27
CA PHE A 578 -0.82 -10.96 -8.34
C PHE A 578 0.12 -9.87 -7.88
N ARG A 579 -0.11 -9.43 -6.66
CA ARG A 579 0.71 -8.45 -5.99
C ARG A 579 2.19 -8.89 -5.85
N ARG A 580 2.44 -10.03 -5.23
CA ARG A 580 3.82 -10.49 -5.07
C ARG A 580 4.55 -10.59 -6.42
N PHE A 581 3.89 -11.21 -7.38
CA PHE A 581 4.46 -11.40 -8.71
C PHE A 581 4.78 -10.07 -9.37
N ARG A 582 3.91 -9.09 -9.13
CA ARG A 582 4.12 -7.74 -9.63
C ARG A 582 5.41 -7.18 -9.07
N LYS A 583 5.56 -7.28 -7.75
CA LYS A 583 6.76 -6.80 -7.05
C LYS A 583 8.04 -7.46 -7.55
N MET A 584 7.95 -8.71 -8.01
CA MET A 584 9.14 -9.44 -8.45
C MET A 584 9.86 -8.94 -9.71
N ASN A 585 9.45 -7.79 -10.25
CA ASN A 585 10.10 -7.29 -11.46
C ASN A 585 10.29 -5.79 -11.43
N ALA A 586 10.99 -5.27 -12.43
CA ALA A 586 11.16 -3.84 -12.56
C ALA A 586 9.82 -3.22 -12.99
N ARG A 587 9.49 -2.06 -12.44
CA ARG A 587 8.27 -1.34 -12.81
C ARG A 587 8.37 -0.88 -14.27
N GLN A 588 7.81 -1.69 -15.18
CA GLN A 588 7.90 -1.41 -16.60
C GLN A 588 6.56 -0.94 -17.13
N SER A 589 6.46 -0.79 -18.45
CA SER A 589 5.20 -0.47 -19.10
C SER A 589 4.19 -1.51 -18.63
N LYS A 590 2.97 -1.07 -18.35
CA LYS A 590 1.95 -1.91 -17.71
C LYS A 590 1.71 -3.24 -18.46
N CYS A 591 1.91 -3.20 -19.78
CA CYS A 591 1.84 -4.38 -20.62
C CYS A 591 2.82 -5.49 -20.20
N TYR A 592 4.11 -5.15 -20.16
CA TYR A 592 5.16 -6.10 -19.77
C TYR A 592 4.99 -6.57 -18.32
N GLU A 593 4.52 -5.66 -17.48
CA GLU A 593 4.19 -5.98 -16.10
C GLU A 593 3.21 -7.17 -16.08
N MET A 594 2.13 -7.02 -16.85
CA MET A 594 1.15 -8.09 -16.96
C MET A 594 1.74 -9.39 -17.47
N GLU A 595 2.49 -9.27 -18.57
CA GLU A 595 3.17 -10.42 -19.16
C GLU A 595 3.96 -11.24 -18.13
N ASP A 596 4.77 -10.53 -17.35
CA ASP A 596 5.59 -11.15 -16.32
C ASP A 596 4.77 -11.79 -15.20
N VAL A 597 3.71 -11.11 -14.76
CA VAL A 597 2.90 -11.72 -13.71
C VAL A 597 2.28 -13.03 -14.22
N LEU A 598 1.85 -13.05 -15.47
CA LEU A 598 1.32 -14.28 -16.04
C LEU A 598 2.38 -15.39 -16.08
N LYS A 599 3.58 -15.10 -16.61
CA LYS A 599 4.67 -16.09 -16.64
C LYS A 599 4.97 -16.67 -15.26
N HIS A 600 5.13 -15.78 -14.28
CA HIS A 600 5.55 -16.23 -12.94
C HIS A 600 4.42 -16.97 -12.23
N HIS A 601 3.18 -16.58 -12.49
CA HIS A 601 2.04 -17.28 -11.92
C HIS A 601 2.03 -18.68 -12.51
N TRP A 602 2.30 -18.79 -13.81
CA TRP A 602 2.36 -20.09 -14.45
C TRP A 602 3.43 -21.01 -13.87
N LEU A 603 4.62 -20.45 -13.65
CA LEU A 603 5.71 -21.22 -13.06
C LEU A 603 5.40 -21.63 -11.64
N TYR A 604 4.68 -20.75 -10.96
CA TYR A 604 4.33 -20.94 -9.56
C TYR A 604 3.52 -22.21 -9.38
N THR A 605 2.72 -22.53 -10.39
CA THR A 605 1.84 -23.69 -10.36
C THR A 605 2.36 -24.90 -11.15
N SER A 606 3.67 -24.98 -11.33
CA SER A 606 4.25 -26.10 -12.03
C SER A 606 4.57 -27.21 -11.03
N LYS A 607 4.05 -28.42 -11.27
CA LYS A 607 4.26 -29.54 -10.35
C LYS A 607 5.72 -29.95 -10.38
N TYR A 608 6.36 -29.67 -11.51
CA TYR A 608 7.76 -30.00 -11.70
C TYR A 608 8.65 -29.31 -10.68
N LEU A 609 8.55 -27.98 -10.59
CA LEU A 609 9.31 -27.20 -9.62
C LEU A 609 8.90 -27.51 -8.18
N GLN A 610 7.61 -27.71 -7.99
CA GLN A 610 7.06 -28.03 -6.69
C GLN A 610 7.67 -29.29 -6.12
N LYS A 611 8.05 -30.22 -7.00
CA LYS A 611 8.70 -31.46 -6.53
C LYS A 611 9.97 -31.09 -5.76
N PHE A 612 10.76 -30.20 -6.36
CA PHE A 612 12.00 -29.69 -5.79
C PHE A 612 11.78 -28.97 -4.47
N MET A 613 10.80 -28.07 -4.47
CA MET A 613 10.58 -27.25 -3.28
C MET A 613 10.00 -28.07 -2.15
N ASN A 614 9.47 -29.25 -2.48
CA ASN A 614 8.91 -30.15 -1.46
C ASN A 614 9.80 -31.38 -1.25
N ALA A 615 11.03 -31.33 -1.77
CA ALA A 615 12.01 -32.41 -1.65
C ALA A 615 12.49 -32.75 -0.24
N HIS A 616 12.23 -31.84 0.70
CA HIS A 616 12.78 -31.98 2.05
C HIS A 616 12.00 -32.89 3.00
N ASN A 617 10.89 -33.47 2.55
CA ASN A 617 10.19 -34.47 3.35
C ASN A 617 9.56 -35.56 2.49
N ALA A 618 10.33 -36.02 1.51
CA ALA A 618 9.87 -37.09 0.62
C ALA A 618 10.80 -38.30 0.71
N SER B 1 -25.73 26.91 -30.03
CA SER B 1 -25.82 27.02 -28.57
C SER B 1 -25.98 25.66 -27.89
N LEU B 2 -25.03 25.30 -27.05
CA LEU B 2 -25.05 24.01 -26.37
C LEU B 2 -24.92 24.13 -24.85
N GLN B 3 -25.44 23.14 -24.13
CA GLN B 3 -25.49 23.20 -22.68
C GLN B 3 -25.31 21.84 -22.00
N MET B 4 -24.69 21.85 -20.81
CA MET B 4 -24.44 20.64 -20.03
C MET B 4 -25.74 20.03 -19.52
N VAL B 5 -25.97 18.76 -19.86
CA VAL B 5 -27.18 18.03 -19.44
C VAL B 5 -26.88 16.85 -18.50
N THR B 6 -27.61 16.77 -17.41
CA THR B 6 -27.41 15.72 -16.42
C THR B 6 -28.41 14.57 -16.56
N VAL B 7 -27.90 13.36 -16.36
CA VAL B 7 -28.75 12.17 -16.35
C VAL B 7 -28.89 11.71 -14.90
N GLY B 8 -29.91 10.89 -14.63
CA GLY B 8 -30.21 10.53 -13.25
C GLY B 8 -30.15 9.06 -12.87
N HIS B 9 -31.29 8.41 -13.00
CA HIS B 9 -31.55 7.11 -12.38
C HIS B 9 -30.61 6.02 -12.87
N ASN B 10 -30.61 5.77 -14.17
CA ASN B 10 -29.77 4.73 -14.75
C ASN B 10 -28.90 5.26 -15.88
N ILE B 11 -27.97 6.15 -15.54
CA ILE B 11 -27.06 6.73 -16.53
C ILE B 11 -26.20 5.67 -17.19
N ALA B 12 -25.85 4.66 -16.40
CA ALA B 12 -24.83 3.67 -16.76
C ALA B 12 -25.07 3.00 -18.10
N LEU B 13 -26.34 2.97 -18.52
CA LEU B 13 -26.73 2.25 -19.72
C LEU B 13 -26.28 2.95 -21.00
N ILE B 14 -25.91 4.23 -20.88
CA ILE B 14 -25.44 4.98 -22.05
C ILE B 14 -24.00 4.57 -22.38
N GLN B 15 -23.74 4.36 -23.66
CA GLN B 15 -22.43 3.89 -24.12
C GLN B 15 -22.18 4.28 -25.55
N PRO B 16 -20.89 4.39 -25.94
CA PRO B 16 -20.61 4.62 -27.36
C PRO B 16 -21.30 3.56 -28.18
N GLY B 17 -21.89 3.95 -29.30
CA GLY B 17 -22.58 3.02 -30.18
C GLY B 17 -24.09 3.01 -30.03
N PHE B 18 -24.60 3.62 -28.98
CA PHE B 18 -26.03 3.71 -28.79
C PHE B 18 -26.68 4.40 -29.96
N SER B 19 -27.95 4.11 -30.20
CA SER B 19 -28.70 4.77 -31.27
C SER B 19 -29.96 5.47 -30.75
N LEU B 20 -30.33 6.58 -31.37
CA LEU B 20 -31.57 7.28 -31.06
C LEU B 20 -32.56 7.17 -32.22
N MET B 21 -33.85 7.08 -31.90
CA MET B 21 -34.88 7.10 -32.94
C MET B 21 -36.05 8.02 -32.58
N ASN B 22 -36.68 8.57 -33.62
CA ASN B 22 -37.64 9.66 -33.49
C ASN B 22 -39.06 9.31 -33.91
N PHE B 23 -40.00 9.49 -32.99
CA PHE B 23 -41.39 9.24 -33.33
C PHE B 23 -42.31 10.39 -32.92
N ASP B 24 -42.75 11.15 -33.93
CA ASP B 24 -43.74 12.22 -33.78
C ASP B 24 -43.54 13.10 -32.54
N GLY B 25 -42.30 13.51 -32.30
CA GLY B 25 -42.00 14.40 -31.19
C GLY B 25 -41.20 13.73 -30.08
N GLN B 26 -41.51 12.46 -29.81
CA GLN B 26 -40.84 11.74 -28.73
C GLN B 26 -39.56 11.07 -29.18
N VAL B 27 -38.56 11.12 -28.30
CA VAL B 27 -37.25 10.54 -28.51
C VAL B 27 -37.08 9.19 -27.79
N PHE B 28 -36.58 8.18 -28.50
CA PHE B 28 -36.40 6.85 -27.92
C PHE B 28 -34.96 6.32 -28.06
N PHE B 29 -34.49 5.62 -27.02
CA PHE B 29 -33.09 5.19 -26.87
C PHE B 29 -32.90 3.69 -27.04
N PHE B 30 -31.87 3.29 -27.79
CA PHE B 30 -31.62 1.87 -28.06
C PHE B 30 -30.13 1.50 -28.02
N GLY B 31 -29.83 0.32 -27.50
CA GLY B 31 -28.46 -0.17 -27.48
C GLY B 31 -27.78 0.11 -26.16
N GLN B 32 -28.41 -0.33 -25.08
CA GLN B 32 -27.83 -0.11 -23.77
C GLN B 32 -26.58 -0.95 -23.54
N LYS B 33 -25.80 -0.57 -22.52
CA LYS B 33 -24.68 -1.40 -22.10
C LYS B 33 -25.23 -2.60 -21.30
N GLY B 34 -24.81 -3.80 -21.68
CA GLY B 34 -25.30 -5.02 -21.07
C GLY B 34 -26.58 -5.51 -21.69
N TRP B 35 -26.99 -6.73 -21.33
CA TRP B 35 -28.29 -7.27 -21.73
C TRP B 35 -29.38 -6.66 -20.86
N PRO B 36 -30.62 -6.61 -21.34
CA PRO B 36 -31.68 -5.91 -20.61
C PRO B 36 -32.02 -6.52 -19.24
N LYS B 37 -32.11 -5.67 -18.20
CA LYS B 37 -32.39 -6.16 -16.86
C LYS B 37 -33.88 -6.32 -16.62
N ARG B 38 -34.23 -6.89 -15.47
CA ARG B 38 -35.62 -7.05 -15.07
C ARG B 38 -36.33 -5.70 -15.04
N SER B 39 -35.60 -4.64 -14.67
CA SER B 39 -36.20 -3.30 -14.57
C SER B 39 -36.63 -2.71 -15.92
N CYS B 40 -36.16 -3.29 -17.03
CA CYS B 40 -36.62 -2.91 -18.38
C CYS B 40 -36.17 -3.94 -19.40
N PRO B 41 -36.95 -5.02 -19.55
CA PRO B 41 -36.58 -6.16 -20.39
C PRO B 41 -36.46 -5.84 -21.87
N THR B 42 -36.92 -4.67 -22.32
CA THR B 42 -36.93 -4.38 -23.75
C THR B 42 -35.63 -3.78 -24.24
N GLY B 43 -34.97 -3.02 -23.38
CA GLY B 43 -33.71 -2.39 -23.75
C GLY B 43 -33.97 -1.15 -24.57
N VAL B 44 -35.24 -0.81 -24.75
CA VAL B 44 -35.68 0.39 -25.47
C VAL B 44 -36.27 1.40 -24.49
N PHE B 45 -35.94 2.68 -24.62
CA PHE B 45 -36.34 3.62 -23.57
C PHE B 45 -36.96 4.96 -24.02
N HIS B 46 -37.91 5.42 -23.23
CA HIS B 46 -38.38 6.80 -23.25
C HIS B 46 -37.22 7.70 -22.86
N PHE B 47 -36.86 8.60 -23.78
CA PHE B 47 -35.76 9.54 -23.60
C PHE B 47 -36.27 10.92 -23.14
N ASP B 48 -36.52 11.05 -21.84
CA ASP B 48 -37.11 12.28 -21.29
C ASP B 48 -36.04 13.35 -21.10
N ILE B 49 -35.97 14.27 -22.04
CA ILE B 49 -35.08 15.41 -21.87
C ILE B 49 -35.90 16.63 -21.42
N LYS B 50 -35.87 16.89 -20.11
CA LYS B 50 -36.60 18.02 -19.56
C LYS B 50 -35.64 18.94 -18.82
N GLN B 51 -35.69 20.23 -19.15
CA GLN B 51 -34.88 21.30 -18.52
C GLN B 51 -33.46 20.90 -18.08
N ASN B 52 -32.64 20.52 -19.06
CA ASN B 52 -31.26 20.08 -18.83
C ASN B 52 -31.12 18.93 -17.84
N HIS B 53 -32.05 17.98 -17.91
CA HIS B 53 -31.98 16.75 -17.13
C HIS B 53 -32.61 15.61 -17.92
N LEU B 54 -31.95 14.46 -17.90
CA LEU B 54 -32.42 13.32 -18.66
C LEU B 54 -32.90 12.22 -17.74
N LYS B 55 -34.17 11.88 -17.87
CA LYS B 55 -34.73 10.72 -17.20
C LYS B 55 -34.92 9.65 -18.29
N LEU B 56 -34.47 8.44 -18.02
CA LEU B 56 -34.66 7.34 -18.97
C LEU B 56 -35.71 6.36 -18.47
N LYS B 57 -36.92 6.49 -19.01
CA LYS B 57 -38.02 5.65 -18.55
C LYS B 57 -38.12 4.45 -19.47
N PRO B 58 -38.65 3.31 -18.99
CA PRO B 58 -38.80 2.09 -19.79
C PRO B 58 -39.78 2.22 -20.96
N ALA B 59 -39.82 1.19 -21.81
CA ALA B 59 -40.80 1.08 -22.89
C ALA B 59 -41.22 -0.38 -23.05
N ILE B 60 -42.45 -0.62 -23.50
CA ILE B 60 -42.97 -1.98 -23.59
C ILE B 60 -43.02 -2.44 -25.04
N PHE B 61 -43.06 -3.75 -25.26
CA PHE B 61 -43.17 -4.23 -26.63
C PHE B 61 -44.54 -4.84 -26.91
N SER B 62 -44.84 -5.05 -28.19
CA SER B 62 -46.08 -5.65 -28.62
C SER B 62 -46.12 -7.14 -28.28
N LYS B 63 -47.28 -7.76 -28.45
CA LYS B 63 -47.44 -9.16 -28.07
C LYS B 63 -46.85 -10.08 -29.14
N ASP B 64 -46.38 -9.50 -30.24
CA ASP B 64 -45.87 -10.32 -31.33
C ASP B 64 -44.53 -9.85 -31.84
N SER B 65 -43.84 -8.99 -31.09
CA SER B 65 -42.56 -8.49 -31.55
C SER B 65 -41.39 -9.38 -31.11
N CYS B 66 -40.26 -9.23 -31.79
CA CYS B 66 -39.02 -9.87 -31.38
C CYS B 66 -38.34 -9.00 -30.33
N TYR B 67 -37.64 -9.64 -29.41
CA TYR B 67 -36.93 -8.90 -28.39
C TYR B 67 -35.47 -8.81 -28.78
N LEU B 68 -35.17 -7.81 -29.62
CA LEU B 68 -33.86 -7.72 -30.24
C LEU B 68 -32.84 -7.32 -29.21
N PRO B 69 -31.62 -7.88 -29.33
CA PRO B 69 -30.52 -7.54 -28.43
C PRO B 69 -30.07 -6.12 -28.68
N PRO B 70 -29.47 -5.48 -27.67
CA PRO B 70 -28.79 -4.21 -27.90
C PRO B 70 -27.70 -4.34 -28.95
N LEU B 71 -27.95 -3.79 -30.13
CA LEU B 71 -26.97 -3.76 -31.18
C LEU B 71 -26.11 -2.53 -30.98
N ARG B 72 -24.81 -2.62 -31.26
CA ARG B 72 -23.89 -1.57 -30.83
C ARG B 72 -23.47 -0.58 -31.91
N TYR B 73 -23.26 -0.98 -33.15
CA TYR B 73 -23.07 0.06 -34.17
C TYR B 73 -23.92 -0.26 -35.38
N PRO B 74 -25.23 -0.18 -35.20
CA PRO B 74 -26.15 -0.57 -36.26
C PRO B 74 -26.27 0.52 -37.31
N ALA B 75 -26.67 0.13 -38.51
CA ALA B 75 -27.08 1.10 -39.50
C ALA B 75 -28.58 1.31 -39.33
N THR B 76 -28.97 2.54 -39.03
CA THR B 76 -30.35 2.88 -38.72
C THR B 76 -30.93 3.93 -39.69
N CYS B 77 -32.23 3.83 -39.98
CA CYS B 77 -32.91 4.90 -40.75
C CYS B 77 -34.44 4.89 -40.61
N SER B 78 -35.11 5.71 -41.42
CA SER B 78 -36.58 5.88 -41.39
C SER B 78 -37.29 5.40 -42.66
N TYR B 79 -38.61 5.61 -42.68
CA TYR B 79 -39.47 5.15 -43.77
C TYR B 79 -40.78 5.91 -43.73
N LYS B 80 -41.23 6.42 -44.87
CA LYS B 80 -42.49 7.13 -44.95
C LYS B 80 -43.55 6.26 -45.61
N HIS B 88 -45.18 4.78 -41.44
CA HIS B 88 -43.95 5.32 -40.87
C HIS B 88 -43.27 4.33 -39.90
N GLN B 89 -41.95 4.13 -40.06
CA GLN B 89 -41.22 3.13 -39.27
C GLN B 89 -39.68 3.30 -39.29
N TYR B 90 -38.98 2.52 -38.46
CA TYR B 90 -37.50 2.52 -38.41
C TYR B 90 -36.88 1.21 -38.84
N ILE B 91 -35.69 1.30 -39.43
CA ILE B 91 -34.97 0.12 -39.86
C ILE B 91 -33.63 0.06 -39.12
N ILE B 92 -33.33 -1.14 -38.61
CA ILE B 92 -32.12 -1.40 -37.84
C ILE B 92 -31.39 -2.63 -38.39
N HIS B 93 -30.11 -2.46 -38.74
CA HIS B 93 -29.28 -3.59 -39.16
C HIS B 93 -27.83 -3.19 -39.30
N GLY B 94 -26.89 -3.98 -38.77
CA GLY B 94 -27.16 -5.04 -37.83
C GLY B 94 -26.42 -4.55 -36.59
N GLY B 95 -25.24 -5.07 -36.30
CA GLY B 95 -24.47 -4.48 -35.23
C GLY B 95 -23.70 -5.46 -34.39
N LYS B 96 -23.40 -5.05 -33.16
CA LYS B 96 -22.54 -5.83 -32.27
C LYS B 96 -23.29 -6.09 -30.96
N THR B 97 -23.69 -7.33 -30.74
CA THR B 97 -24.42 -7.71 -29.53
C THR B 97 -23.51 -7.56 -28.30
N PRO B 98 -24.06 -7.60 -27.09
CA PRO B 98 -23.11 -7.46 -25.97
C PRO B 98 -22.20 -8.68 -25.74
N ASN B 99 -22.26 -9.68 -26.63
CA ASN B 99 -21.38 -10.85 -26.57
C ASN B 99 -20.38 -10.82 -27.70
N ASN B 100 -20.23 -9.63 -28.27
CA ASN B 100 -19.30 -9.38 -29.37
C ASN B 100 -19.59 -10.18 -30.64
N GLU B 101 -20.82 -10.68 -30.78
CA GLU B 101 -21.24 -11.29 -32.03
C GLU B 101 -21.75 -10.22 -32.98
N LEU B 102 -21.75 -10.51 -34.28
CA LEU B 102 -22.21 -9.53 -35.27
C LEU B 102 -23.51 -9.98 -35.93
N SER B 103 -24.54 -9.14 -35.82
CA SER B 103 -25.88 -9.45 -36.31
C SER B 103 -26.04 -9.21 -37.81
N ASP B 104 -26.48 -10.22 -38.54
CA ASP B 104 -26.77 -10.07 -39.95
C ASP B 104 -28.26 -9.81 -40.15
N LYS B 105 -28.97 -9.57 -39.06
CA LYS B 105 -30.42 -9.50 -39.09
C LYS B 105 -30.94 -8.07 -39.15
N ILE B 106 -32.06 -7.88 -39.87
CA ILE B 106 -32.76 -6.61 -39.89
C ILE B 106 -34.01 -6.64 -39.00
N TYR B 107 -34.04 -5.71 -38.06
CA TYR B 107 -35.21 -5.51 -37.21
C TYR B 107 -35.91 -4.23 -37.65
N ILE B 108 -37.24 -4.28 -37.63
CA ILE B 108 -38.08 -3.15 -38.01
C ILE B 108 -38.88 -2.60 -36.83
N MET B 109 -38.65 -1.33 -36.51
CA MET B 109 -39.29 -0.70 -35.38
C MET B 109 -40.51 0.12 -35.75
N SER B 110 -41.70 -0.40 -35.46
CA SER B 110 -42.93 0.36 -35.61
C SER B 110 -43.43 0.79 -34.22
N VAL B 111 -44.40 1.69 -34.18
CA VAL B 111 -45.08 1.98 -32.92
C VAL B 111 -46.52 1.45 -33.03
N ALA B 112 -47.03 0.82 -31.97
CA ALA B 112 -48.28 0.07 -32.11
C ALA B 112 -49.40 0.52 -31.16
N CYS B 113 -49.07 1.39 -30.22
CA CYS B 113 -50.02 1.86 -29.23
C CYS B 113 -49.51 3.14 -28.57
N LYS B 114 -50.40 4.11 -28.35
CA LYS B 114 -50.01 5.30 -27.61
C LYS B 114 -51.04 5.63 -26.53
N ASN B 115 -50.55 6.08 -25.38
CA ASN B 115 -51.39 6.24 -24.20
C ASN B 115 -51.37 7.64 -23.63
N ASN B 116 -50.93 7.74 -22.38
CA ASN B 116 -50.73 9.01 -21.70
C ASN B 116 -49.26 9.45 -21.77
N LYS B 117 -48.53 9.07 -20.73
CA LYS B 117 -47.10 9.34 -20.65
C LYS B 117 -46.27 8.45 -21.58
N LYS B 118 -46.58 7.15 -21.59
CA LYS B 118 -45.73 6.18 -22.29
C LYS B 118 -46.41 5.55 -23.52
N VAL B 119 -45.63 4.81 -24.31
CA VAL B 119 -46.10 4.14 -25.54
C VAL B 119 -45.56 2.70 -25.62
N THR B 120 -45.99 1.94 -26.63
CA THR B 120 -45.44 0.61 -26.87
C THR B 120 -45.11 0.34 -28.36
N PHE B 121 -44.03 -0.39 -28.59
CA PHE B 121 -43.50 -0.62 -29.95
C PHE B 121 -43.78 -2.00 -30.52
N ARG B 122 -43.76 -2.08 -31.84
CA ARG B 122 -43.66 -3.34 -32.53
C ARG B 122 -42.22 -3.48 -33.02
N CYS B 123 -41.70 -4.69 -33.01
CA CYS B 123 -40.34 -4.96 -33.42
C CYS B 123 -40.33 -6.21 -34.27
N THR B 124 -40.17 -6.07 -35.57
CA THR B 124 -40.33 -7.20 -36.48
C THR B 124 -39.09 -7.51 -37.30
N GLU B 125 -38.50 -8.67 -37.07
CA GLU B 125 -37.38 -9.10 -37.89
C GLU B 125 -37.82 -9.48 -39.30
N LYS B 126 -37.20 -8.86 -40.31
CA LYS B 126 -37.38 -9.34 -41.67
C LYS B 126 -36.11 -10.05 -42.10
N ASP B 127 -36.23 -11.34 -42.38
CA ASP B 127 -35.09 -12.12 -42.86
C ASP B 127 -34.95 -11.90 -44.37
N LEU B 128 -33.78 -12.22 -44.93
CA LEU B 128 -33.52 -11.91 -46.33
C LEU B 128 -32.89 -13.04 -47.12
N VAL B 129 -33.24 -13.14 -48.40
CA VAL B 129 -32.56 -14.04 -49.31
C VAL B 129 -31.70 -13.19 -50.23
N GLY B 130 -30.54 -13.72 -50.63
CA GLY B 130 -29.62 -12.99 -51.48
C GLY B 130 -28.42 -13.86 -51.78
N ASP B 131 -27.22 -13.30 -52.00
CA ASP B 131 -26.84 -11.88 -51.95
C ASP B 131 -27.15 -11.15 -50.63
N VAL B 132 -27.27 -11.92 -49.54
CA VAL B 132 -27.57 -11.37 -48.23
C VAL B 132 -26.30 -10.76 -47.65
N PRO B 133 -26.37 -9.49 -47.22
CA PRO B 133 -25.17 -8.77 -46.75
C PRO B 133 -24.49 -9.42 -45.57
N GLU B 134 -23.19 -9.23 -45.50
CA GLU B 134 -22.34 -9.81 -44.45
C GLU B 134 -22.51 -9.03 -43.14
N PRO B 135 -22.59 -9.77 -42.02
CA PRO B 135 -22.79 -9.18 -40.69
C PRO B 135 -21.75 -8.12 -40.37
N ARG B 136 -22.16 -6.87 -40.25
CA ARG B 136 -21.21 -5.77 -40.09
C ARG B 136 -21.66 -4.75 -39.04
N TYR B 137 -20.85 -3.71 -38.87
CA TYR B 137 -21.18 -2.59 -37.98
C TYR B 137 -20.49 -1.31 -38.42
N GLY B 138 -21.06 -0.17 -38.04
CA GLY B 138 -20.53 1.13 -38.42
C GLY B 138 -20.82 1.49 -39.87
N HIS B 139 -21.65 0.67 -40.51
CA HIS B 139 -21.99 0.82 -41.91
C HIS B 139 -23.16 1.78 -42.04
N SER B 140 -23.69 1.93 -43.26
CA SER B 140 -24.81 2.85 -43.48
C SER B 140 -25.94 2.25 -44.32
N ILE B 141 -27.17 2.50 -43.86
CA ILE B 141 -28.36 2.04 -44.56
C ILE B 141 -29.32 3.21 -44.76
N ASP B 142 -29.96 3.27 -45.92
CA ASP B 142 -30.94 4.32 -46.19
C ASP B 142 -32.03 3.88 -47.17
N VAL B 143 -32.95 4.79 -47.44
CA VAL B 143 -34.11 4.49 -48.27
C VAL B 143 -34.11 5.34 -49.55
N VAL B 144 -34.65 4.77 -50.63
CA VAL B 144 -34.70 5.46 -51.91
C VAL B 144 -36.08 5.32 -52.56
N TYR B 145 -36.44 6.35 -53.32
CA TYR B 145 -37.73 6.44 -53.98
C TYR B 145 -37.58 6.62 -55.50
N SER B 146 -37.72 5.52 -56.23
CA SER B 146 -37.47 5.49 -57.67
C SER B 146 -38.73 5.86 -58.46
N ARG B 147 -38.89 5.24 -59.63
CA ARG B 147 -40.09 5.42 -60.44
C ARG B 147 -41.21 4.57 -59.85
N GLY B 148 -41.50 4.76 -58.56
CA GLY B 148 -42.50 3.96 -57.90
C GLY B 148 -42.01 2.56 -57.55
N LYS B 149 -41.72 2.31 -56.26
CA LYS B 149 -41.84 3.33 -55.24
C LYS B 149 -40.62 3.42 -54.30
N SER B 150 -40.24 2.30 -53.67
CA SER B 150 -39.18 2.34 -52.65
C SER B 150 -38.22 1.15 -52.62
N MET B 151 -37.01 1.40 -52.12
CA MET B 151 -35.97 0.36 -51.99
C MET B 151 -34.94 0.77 -50.95
N GLY B 152 -34.06 -0.15 -50.55
CA GLY B 152 -33.03 0.14 -49.55
C GLY B 152 -31.60 0.06 -50.04
N VAL B 153 -30.77 0.99 -49.59
CA VAL B 153 -29.37 1.02 -50.02
C VAL B 153 -28.41 0.88 -48.84
N LEU B 154 -27.53 -0.11 -48.94
CA LEU B 154 -26.61 -0.46 -47.87
C LEU B 154 -25.17 -0.37 -48.33
N PHE B 155 -24.40 0.54 -47.75
CA PHE B 155 -22.98 0.59 -48.04
C PHE B 155 -22.16 0.25 -46.81
N GLY B 156 -21.22 -0.67 -47.01
CA GLY B 156 -20.60 -1.40 -45.92
C GLY B 156 -19.85 -0.64 -44.85
N GLY B 157 -19.55 -1.35 -43.78
CA GLY B 157 -18.70 -0.87 -42.72
C GLY B 157 -17.62 -1.92 -42.59
N ARG B 158 -17.43 -2.46 -41.39
CA ARG B 158 -16.38 -3.46 -41.16
C ARG B 158 -16.94 -4.66 -40.43
N SER B 159 -16.20 -5.77 -40.48
CA SER B 159 -16.61 -7.01 -39.82
C SER B 159 -15.43 -7.92 -39.49
N TYR B 160 -15.70 -9.01 -38.77
CA TYR B 160 -14.67 -9.97 -38.40
C TYR B 160 -14.18 -10.72 -39.63
N MET B 161 -13.13 -11.52 -39.43
CA MET B 161 -12.56 -12.30 -40.54
C MET B 161 -13.49 -13.35 -41.11
N PRO B 162 -13.22 -13.77 -42.35
CA PRO B 162 -13.97 -14.86 -42.96
C PRO B 162 -13.90 -16.10 -42.10
N SER B 163 -14.96 -16.90 -42.08
CA SER B 163 -15.01 -18.02 -41.16
C SER B 163 -14.08 -19.17 -41.61
N THR B 164 -13.02 -18.83 -42.35
CA THR B 164 -12.04 -19.80 -42.81
C THR B 164 -10.63 -19.28 -42.53
N GLN B 165 -10.54 -17.96 -42.45
CA GLN B 165 -9.27 -17.31 -42.24
C GLN B 165 -9.16 -16.74 -40.84
N ARG B 166 -10.26 -16.78 -40.11
CA ARG B 166 -10.29 -16.25 -38.75
C ARG B 166 -9.50 -17.16 -37.83
N THR B 167 -8.58 -16.57 -37.08
CA THR B 167 -7.80 -17.30 -36.09
C THR B 167 -8.14 -16.80 -34.69
N THR B 168 -8.06 -17.68 -33.70
CA THR B 168 -8.42 -17.29 -32.35
C THR B 168 -7.42 -16.31 -31.78
N GLU B 169 -6.18 -16.36 -32.26
CA GLU B 169 -5.16 -15.43 -31.81
C GLU B 169 -5.49 -14.01 -32.25
N LYS B 170 -6.16 -13.88 -33.39
CA LYS B 170 -6.62 -12.58 -33.89
C LYS B 170 -8.13 -12.59 -34.09
N TRP B 171 -8.84 -13.06 -33.07
CA TRP B 171 -10.29 -13.30 -33.12
C TRP B 171 -11.06 -12.04 -33.43
N ASN B 172 -10.69 -10.96 -32.76
CA ASN B 172 -11.43 -9.73 -32.86
C ASN B 172 -10.91 -8.82 -33.94
N SER B 173 -10.03 -9.33 -34.78
CA SER B 173 -9.49 -8.52 -35.86
C SER B 173 -10.58 -8.25 -36.89
N VAL B 174 -10.88 -6.97 -37.07
CA VAL B 174 -11.90 -6.54 -38.01
C VAL B 174 -11.27 -6.03 -39.30
N ALA B 175 -12.11 -5.90 -40.33
CA ALA B 175 -11.69 -5.45 -41.65
C ALA B 175 -12.91 -4.94 -42.43
N ASP B 176 -12.74 -3.82 -43.13
CA ASP B 176 -13.82 -3.28 -43.96
C ASP B 176 -14.22 -4.29 -45.02
N CYS B 177 -15.53 -4.56 -45.09
CA CYS B 177 -16.02 -5.53 -46.04
C CYS B 177 -16.18 -4.87 -47.41
N LEU B 178 -16.34 -5.71 -48.43
CA LEU B 178 -16.39 -5.29 -49.83
C LEU B 178 -17.29 -4.07 -50.07
N PRO B 179 -16.80 -3.09 -50.85
CA PRO B 179 -17.60 -1.89 -51.13
C PRO B 179 -18.74 -2.17 -52.11
N HIS B 180 -19.32 -3.36 -52.04
CA HIS B 180 -20.53 -3.64 -52.80
C HIS B 180 -21.62 -2.71 -52.31
N VAL B 181 -22.54 -2.37 -53.20
CA VAL B 181 -23.73 -1.64 -52.78
C VAL B 181 -24.87 -2.63 -52.70
N PHE B 182 -25.53 -2.66 -51.55
CA PHE B 182 -26.56 -3.67 -51.35
C PHE B 182 -27.98 -3.10 -51.47
N LEU B 183 -28.75 -3.68 -52.38
CA LEU B 183 -30.12 -3.24 -52.60
C LEU B 183 -31.08 -4.17 -51.87
N ILE B 184 -31.95 -3.58 -51.07
CA ILE B 184 -32.85 -4.33 -50.20
C ILE B 184 -34.32 -4.09 -50.55
N ASP B 185 -35.02 -5.17 -50.90
CA ASP B 185 -36.46 -5.17 -51.09
C ASP B 185 -37.09 -5.70 -49.82
N PHE B 186 -37.59 -4.79 -49.00
CA PHE B 186 -38.09 -5.14 -47.68
C PHE B 186 -39.37 -5.97 -47.73
N GLU B 187 -40.43 -5.37 -48.27
CA GLU B 187 -41.74 -5.97 -48.29
C GLU B 187 -41.75 -7.35 -48.98
N PHE B 188 -40.83 -7.55 -49.92
CA PHE B 188 -40.71 -8.85 -50.56
C PHE B 188 -39.74 -9.70 -49.73
N GLY B 189 -38.70 -9.06 -49.19
CA GLY B 189 -37.75 -9.71 -48.28
C GLY B 189 -36.55 -10.32 -48.95
N CYS B 190 -35.88 -9.54 -49.80
CA CYS B 190 -34.75 -10.07 -50.56
C CYS B 190 -33.67 -9.00 -50.80
N ALA B 191 -32.43 -9.44 -51.03
CA ALA B 191 -31.32 -8.51 -51.25
C ALA B 191 -30.45 -8.86 -52.47
N THR B 192 -29.90 -7.84 -53.13
CA THR B 192 -29.01 -8.03 -54.29
C THR B 192 -27.82 -7.04 -54.30
N SER B 193 -26.63 -7.57 -54.53
CA SER B 193 -25.39 -6.78 -54.43
C SER B 193 -24.91 -6.25 -55.76
N TYR B 194 -24.22 -5.11 -55.73
CA TYR B 194 -23.70 -4.51 -56.96
C TYR B 194 -22.26 -4.02 -56.81
N ILE B 195 -21.42 -4.36 -57.78
CA ILE B 195 -20.06 -3.87 -57.76
C ILE B 195 -19.97 -2.58 -58.55
N LEU B 196 -19.38 -1.57 -57.94
CA LEU B 196 -19.15 -0.30 -58.61
C LEU B 196 -17.76 -0.25 -59.19
N PRO B 197 -17.66 0.03 -60.50
CA PRO B 197 -16.34 0.31 -61.08
C PRO B 197 -15.76 1.59 -60.45
N GLU B 198 -16.64 2.52 -60.10
CA GLU B 198 -16.25 3.81 -59.53
C GLU B 198 -15.91 3.71 -58.04
N LEU B 199 -16.17 2.54 -57.46
CA LEU B 199 -15.96 2.33 -56.03
C LEU B 199 -15.27 1.01 -55.72
N GLN B 200 -14.07 1.09 -55.19
CA GLN B 200 -13.35 -0.13 -54.81
C GLN B 200 -12.63 0.02 -53.49
N ASP B 201 -12.94 1.09 -52.74
CA ASP B 201 -12.33 1.28 -51.44
C ASP B 201 -13.37 1.28 -50.33
N GLY B 202 -13.30 0.28 -49.45
CA GLY B 202 -14.25 0.12 -48.37
C GLY B 202 -14.14 1.20 -47.31
N LEU B 203 -15.31 1.57 -46.75
CA LEU B 203 -15.39 2.61 -45.73
C LEU B 203 -16.30 2.22 -44.57
N SER B 204 -16.23 2.99 -43.48
CA SER B 204 -17.00 2.73 -42.27
C SER B 204 -17.07 4.02 -41.47
N PHE B 205 -17.93 4.06 -40.46
CA PHE B 205 -18.05 5.20 -39.56
C PHE B 205 -18.16 6.52 -40.31
N HIS B 206 -18.79 6.43 -41.48
CA HIS B 206 -18.91 7.59 -42.35
C HIS B 206 -20.20 8.34 -42.10
N VAL B 207 -20.76 8.87 -43.17
CA VAL B 207 -22.00 9.64 -43.12
C VAL B 207 -22.78 9.43 -44.41
N SER B 208 -24.04 9.05 -44.28
CA SER B 208 -24.90 8.81 -45.44
C SER B 208 -26.08 9.78 -45.45
N ILE B 209 -26.37 10.34 -46.62
CA ILE B 209 -27.51 11.26 -46.79
C ILE B 209 -28.20 11.04 -48.13
N ALA B 210 -29.47 10.67 -48.13
CA ALA B 210 -30.14 10.34 -49.39
C ALA B 210 -31.50 11.03 -49.56
N ARG B 211 -31.94 11.11 -50.83
CA ARG B 211 -33.27 11.62 -51.18
C ARG B 211 -33.69 11.20 -52.59
N ASN B 212 -34.99 11.14 -52.85
CA ASN B 212 -35.52 10.74 -54.14
C ASN B 212 -34.94 9.41 -54.63
N ASP B 213 -34.17 9.45 -55.72
CA ASP B 213 -33.53 8.22 -56.21
C ASP B 213 -31.99 8.32 -56.15
N THR B 214 -31.50 9.30 -55.40
CA THR B 214 -30.07 9.55 -55.27
C THR B 214 -29.57 9.42 -53.82
N VAL B 215 -28.39 8.79 -53.66
CA VAL B 215 -27.77 8.65 -52.33
C VAL B 215 -26.35 9.20 -52.30
N TYR B 216 -26.09 10.05 -51.30
CA TYR B 216 -24.77 10.62 -51.09
C TYR B 216 -24.04 9.97 -49.94
N ILE B 217 -22.75 9.76 -50.12
CA ILE B 217 -21.91 9.26 -49.06
C ILE B 217 -20.70 10.16 -48.86
N LEU B 218 -20.42 10.52 -47.61
CA LEU B 218 -19.31 11.41 -47.29
C LEU B 218 -18.14 10.72 -46.63
N GLY B 219 -17.07 11.47 -46.39
CA GLY B 219 -15.83 10.95 -45.82
C GLY B 219 -16.03 10.21 -44.52
N GLY B 220 -15.35 9.08 -44.38
CA GLY B 220 -15.50 8.25 -43.20
C GLY B 220 -14.16 7.80 -42.65
N HIS B 221 -13.81 6.55 -42.90
CA HIS B 221 -12.55 5.99 -42.45
C HIS B 221 -12.34 4.63 -43.09
N SER B 222 -11.20 4.46 -43.76
CA SER B 222 -10.83 3.15 -44.29
C SER B 222 -9.91 2.48 -43.32
N LEU B 223 -9.54 1.24 -43.63
CA LEU B 223 -8.71 0.47 -42.71
C LEU B 223 -7.47 -0.04 -43.41
N ALA B 224 -7.67 -0.62 -44.59
CA ALA B 224 -6.58 -1.19 -45.38
C ALA B 224 -5.55 -0.15 -45.79
N SER B 225 -5.81 1.11 -45.45
CA SER B 225 -4.94 2.21 -45.78
C SER B 225 -4.84 3.19 -44.63
N ASN B 226 -5.79 3.09 -43.69
CA ASN B 226 -5.90 4.04 -42.59
C ASN B 226 -6.05 5.46 -43.11
N ILE B 227 -7.05 5.66 -43.98
CA ILE B 227 -7.27 6.95 -44.61
C ILE B 227 -8.71 7.42 -44.40
N ARG B 228 -8.86 8.67 -43.99
CA ARG B 228 -10.18 9.30 -43.89
C ARG B 228 -10.37 10.21 -45.09
N PRO B 229 -11.05 9.71 -46.13
CA PRO B 229 -11.26 10.52 -47.33
C PRO B 229 -12.13 11.76 -47.10
N ALA B 230 -12.16 12.64 -48.11
CA ALA B 230 -13.00 13.83 -48.09
C ALA B 230 -13.92 13.80 -49.30
N ASN B 231 -13.72 12.78 -50.13
CA ASN B 231 -14.48 12.60 -51.36
C ASN B 231 -15.98 12.45 -51.13
N LEU B 232 -16.79 12.79 -52.13
CA LEU B 232 -18.23 12.63 -52.04
C LEU B 232 -18.66 11.61 -53.07
N TYR B 233 -19.69 10.82 -52.76
CA TYR B 233 -20.12 9.79 -53.72
C TYR B 233 -21.62 9.81 -53.99
N ARG B 234 -21.96 9.63 -55.27
CA ARG B 234 -23.33 9.58 -55.76
C ARG B 234 -23.82 8.18 -56.10
N ILE B 235 -25.12 7.95 -55.87
CA ILE B 235 -25.75 6.68 -56.24
C ILE B 235 -27.12 6.95 -56.87
N ARG B 236 -27.46 6.25 -57.95
CA ARG B 236 -28.73 6.46 -58.65
C ARG B 236 -29.53 5.16 -58.90
N VAL B 237 -30.84 5.28 -59.14
CA VAL B 237 -31.73 4.12 -59.21
C VAL B 237 -32.89 4.27 -60.22
N ASP B 238 -33.23 3.17 -60.91
CA ASP B 238 -34.34 3.10 -61.86
C ASP B 238 -35.40 2.06 -61.51
N LEU B 239 -36.25 1.71 -62.49
CA LEU B 239 -37.40 0.83 -62.28
C LEU B 239 -37.92 0.24 -63.60
N PRO B 240 -38.14 -1.09 -63.64
CA PRO B 240 -38.73 -1.74 -64.81
C PRO B 240 -40.24 -1.82 -64.73
N PRO B 244 -34.12 -2.92 -62.52
CA PRO B 244 -33.44 -2.07 -61.54
C PRO B 244 -31.94 -2.00 -61.79
N ALA B 245 -31.35 -0.83 -61.62
CA ALA B 245 -29.92 -0.65 -61.87
C ALA B 245 -29.37 0.57 -61.12
N VAL B 246 -28.06 0.71 -61.11
CA VAL B 246 -27.36 1.73 -60.29
C VAL B 246 -26.09 2.27 -60.94
N ASN B 247 -25.86 3.58 -60.81
CA ASN B 247 -24.61 4.20 -61.26
C ASN B 247 -24.00 5.12 -60.20
N CYS B 248 -22.74 5.51 -60.41
CA CYS B 248 -22.02 6.33 -59.44
C CYS B 248 -21.04 7.33 -60.03
N THR B 249 -20.80 8.41 -59.26
CA THR B 249 -19.86 9.46 -59.64
C THR B 249 -19.19 10.05 -58.40
N VAL B 250 -18.16 10.86 -58.61
CA VAL B 250 -17.40 11.45 -57.52
C VAL B 250 -17.51 12.97 -57.53
N LEU B 251 -17.27 13.60 -56.38
CA LEU B 251 -17.43 15.05 -56.23
C LEU B 251 -16.40 15.58 -55.23
N PRO B 252 -16.18 16.91 -55.22
CA PRO B 252 -15.31 17.53 -54.21
C PRO B 252 -15.93 17.56 -52.81
N ILE B 255 -15.69 16.42 -47.03
CA ILE B 255 -14.72 16.74 -45.98
C ILE B 255 -14.20 15.46 -45.33
N SER B 256 -13.07 15.56 -44.65
CA SER B 256 -12.46 14.44 -43.94
C SER B 256 -12.92 14.38 -42.48
N VAL B 257 -13.83 13.47 -42.19
CA VAL B 257 -14.36 13.31 -40.85
C VAL B 257 -14.65 11.84 -40.56
N SER B 258 -14.66 11.48 -39.28
CA SER B 258 -14.92 10.12 -38.89
C SER B 258 -15.95 10.08 -37.78
N SER B 259 -16.95 9.20 -37.93
CA SER B 259 -17.99 9.05 -36.93
C SER B 259 -18.69 10.37 -36.69
N ALA B 260 -19.03 11.03 -37.79
CA ALA B 260 -19.76 12.27 -37.66
C ALA B 260 -21.23 11.96 -37.54
N ILE B 261 -21.95 12.84 -36.86
CA ILE B 261 -23.40 12.75 -36.72
C ILE B 261 -24.06 13.94 -37.36
N LEU B 262 -25.11 13.67 -38.12
CA LEU B 262 -25.82 14.70 -38.88
C LEU B 262 -27.20 14.98 -38.30
N THR B 263 -27.51 16.26 -38.12
CA THR B 263 -28.82 16.69 -37.63
C THR B 263 -29.57 17.41 -38.71
N GLN B 264 -30.83 17.71 -38.42
CA GLN B 264 -31.67 18.46 -39.33
C GLN B 264 -32.21 19.65 -38.56
N THR B 265 -31.59 20.82 -38.75
CA THR B 265 -32.03 22.03 -38.06
C THR B 265 -33.21 22.64 -38.84
N ASN B 266 -33.09 22.58 -40.17
CA ASN B 266 -34.14 23.02 -41.08
C ASN B 266 -34.40 21.98 -42.16
N ASN B 267 -35.45 22.20 -42.95
CA ASN B 267 -35.77 21.34 -44.07
C ASN B 267 -34.70 21.45 -45.16
N ASP B 268 -34.11 20.32 -45.50
CA ASP B 268 -32.97 20.24 -46.42
C ASP B 268 -31.75 21.05 -45.95
N GLU B 269 -31.71 21.32 -44.65
CA GLU B 269 -30.50 21.87 -44.04
C GLU B 269 -29.97 20.90 -42.98
N PHE B 270 -28.94 20.14 -43.33
CA PHE B 270 -28.36 19.18 -42.41
C PHE B 270 -27.10 19.70 -41.75
N VAL B 271 -27.14 19.83 -40.43
CA VAL B 271 -25.98 20.28 -39.67
C VAL B 271 -25.13 19.09 -39.24
N ILE B 272 -24.00 18.89 -39.92
CA ILE B 272 -23.10 17.80 -39.55
C ILE B 272 -22.12 18.23 -38.46
N VAL B 273 -22.35 17.74 -37.26
CA VAL B 273 -21.52 18.12 -36.13
C VAL B 273 -20.33 17.17 -36.14
N GLY B 274 -19.44 17.35 -35.18
CA GLY B 274 -18.13 16.74 -35.23
C GLY B 274 -18.04 15.22 -35.16
N GLY B 275 -16.81 14.77 -35.00
CA GLY B 275 -16.47 13.38 -34.95
C GLY B 275 -14.98 13.35 -34.72
N TYR B 276 -14.23 12.90 -35.73
CA TYR B 276 -12.77 12.87 -35.64
C TYR B 276 -12.18 13.27 -36.98
N GLN B 277 -11.05 13.96 -36.93
CA GLN B 277 -10.41 14.49 -38.13
C GLN B 277 -9.12 13.71 -38.42
N LEU B 278 -8.31 13.54 -37.39
CA LEU B 278 -7.20 12.60 -37.47
C LEU B 278 -7.33 11.60 -36.33
N GLU B 279 -6.49 10.57 -36.34
CA GLU B 279 -6.57 9.46 -35.38
C GLU B 279 -6.49 9.87 -33.90
N ASN B 280 -6.22 11.15 -33.68
CA ASN B 280 -6.08 11.70 -32.33
C ASN B 280 -6.63 13.12 -32.27
N GLN B 281 -7.08 13.60 -33.42
CA GLN B 281 -7.64 14.94 -33.52
C GLN B 281 -9.14 14.89 -33.76
N LYS B 282 -9.91 15.36 -32.80
CA LYS B 282 -11.36 15.43 -32.96
C LYS B 282 -11.65 16.74 -33.66
N ARG B 283 -12.56 16.70 -34.64
CA ARG B 283 -12.72 17.82 -35.56
C ARG B 283 -13.01 19.17 -34.88
N MET B 284 -13.82 19.15 -33.81
CA MET B 284 -14.06 20.31 -32.94
C MET B 284 -14.74 21.51 -33.63
N VAL B 285 -14.66 21.58 -34.96
CA VAL B 285 -15.39 22.60 -35.72
C VAL B 285 -16.64 21.95 -36.31
N CYS B 286 -17.38 22.67 -37.13
CA CYS B 286 -18.60 22.12 -37.72
C CYS B 286 -18.62 22.21 -39.23
N SER B 287 -19.77 21.89 -39.82
CA SER B 287 -19.99 22.09 -41.25
C SER B 287 -21.48 22.22 -41.58
N LEU B 288 -21.75 22.73 -42.79
CA LEU B 288 -23.12 22.82 -43.32
C LEU B 288 -23.20 22.31 -44.76
N VAL B 289 -24.09 21.36 -45.01
CA VAL B 289 -24.21 20.78 -46.35
C VAL B 289 -25.20 21.54 -47.23
N SER B 290 -24.71 22.05 -48.35
CA SER B 290 -25.56 22.72 -49.34
C SER B 290 -26.39 21.67 -50.10
N LEU B 291 -27.64 21.52 -49.71
CA LEU B 291 -28.52 20.52 -50.30
C LEU B 291 -29.46 21.10 -51.34
N GLY B 292 -29.85 20.27 -52.30
CA GLY B 292 -30.75 20.69 -53.37
C GLY B 292 -31.08 19.53 -54.29
N ASP B 293 -31.77 19.81 -55.39
CA ASP B 293 -32.07 18.76 -56.35
C ASP B 293 -30.90 18.60 -57.33
N ASN B 294 -30.25 17.42 -57.27
CA ASN B 294 -29.08 17.11 -58.10
C ASN B 294 -27.97 18.16 -58.04
N THR B 295 -27.87 18.87 -56.93
CA THR B 295 -26.86 19.92 -56.78
C THR B 295 -26.51 20.10 -55.30
N ILE B 296 -25.37 19.54 -54.87
CA ILE B 296 -25.00 19.60 -53.45
C ILE B 296 -23.52 19.88 -53.21
N GLU B 297 -23.21 20.79 -52.28
CA GLU B 297 -21.79 21.03 -51.95
C GLU B 297 -21.50 21.34 -50.47
N ILE B 298 -20.44 20.73 -49.97
CA ILE B 298 -19.98 20.90 -48.60
C ILE B 298 -19.47 22.31 -48.30
N SER B 299 -20.18 23.04 -47.44
CA SER B 299 -19.71 24.36 -46.99
C SER B 299 -19.48 24.36 -45.48
N GLU B 300 -18.98 25.48 -44.95
CA GLU B 300 -18.61 25.52 -43.54
C GLU B 300 -19.30 26.66 -42.81
N MET B 301 -19.78 26.36 -41.60
CA MET B 301 -20.32 27.38 -40.72
C MET B 301 -19.38 27.73 -39.58
N GLU B 302 -19.90 28.45 -38.59
CA GLU B 302 -19.11 28.90 -37.46
C GLU B 302 -18.64 27.73 -36.60
N THR B 303 -17.97 28.06 -35.51
CA THR B 303 -17.52 27.04 -34.57
C THR B 303 -18.12 27.32 -33.20
N PRO B 304 -18.89 26.36 -32.67
CA PRO B 304 -19.62 26.43 -31.40
C PRO B 304 -18.72 26.70 -30.20
N ASP B 305 -19.34 26.91 -29.05
CA ASP B 305 -18.64 27.34 -27.85
C ASP B 305 -18.28 26.18 -26.92
N TRP B 306 -17.47 25.24 -27.40
CA TRP B 306 -17.10 24.06 -26.61
C TRP B 306 -16.51 24.46 -25.26
N THR B 307 -16.94 23.78 -24.20
CA THR B 307 -16.42 24.07 -22.86
C THR B 307 -15.02 23.53 -22.68
N SER B 308 -14.46 23.76 -21.49
CA SER B 308 -13.11 23.31 -21.17
C SER B 308 -12.98 21.77 -21.24
N ASP B 309 -13.93 21.05 -20.66
CA ASP B 309 -13.92 19.58 -20.69
C ASP B 309 -13.93 19.03 -22.12
N ILE B 310 -14.85 19.54 -22.94
CA ILE B 310 -14.97 19.10 -24.33
C ILE B 310 -13.73 19.49 -25.14
N LYS B 311 -13.16 20.64 -24.81
CA LYS B 311 -11.93 21.12 -25.46
C LYS B 311 -10.76 20.16 -25.30
N HIS B 312 -10.45 19.83 -24.05
CA HIS B 312 -9.34 18.93 -23.77
C HIS B 312 -9.86 17.52 -23.55
N SER B 313 -10.48 16.98 -24.60
CA SER B 313 -10.98 15.62 -24.63
C SER B 313 -10.40 14.88 -25.82
N LYS B 314 -10.49 13.55 -25.82
CA LYS B 314 -10.06 12.76 -26.96
C LYS B 314 -11.19 11.95 -27.57
N ILE B 315 -12.28 11.81 -26.83
CA ILE B 315 -13.32 10.90 -27.25
C ILE B 315 -14.66 11.58 -27.47
N TRP B 316 -15.26 11.27 -28.61
CA TRP B 316 -16.52 11.85 -29.02
C TRP B 316 -17.51 10.79 -29.45
N PHE B 317 -18.69 10.79 -28.84
CA PHE B 317 -19.78 9.99 -29.35
C PHE B 317 -21.09 10.66 -29.03
N GLY B 318 -22.07 10.43 -29.88
CA GLY B 318 -23.39 10.97 -29.65
C GLY B 318 -24.31 10.67 -30.80
N SER B 319 -25.50 11.25 -30.76
CA SER B 319 -26.44 11.05 -31.85
C SER B 319 -27.50 12.14 -31.82
N ASN B 320 -28.32 12.19 -32.86
CA ASN B 320 -29.26 13.28 -33.04
C ASN B 320 -30.65 12.98 -32.50
N MET B 321 -31.32 14.02 -32.02
CA MET B 321 -32.73 13.90 -31.73
C MET B 321 -33.50 13.98 -33.06
N GLY B 322 -33.37 15.11 -33.75
CA GLY B 322 -34.03 15.29 -35.04
C GLY B 322 -34.35 16.75 -35.26
N ASN B 323 -34.63 17.42 -34.15
CA ASN B 323 -34.92 18.86 -34.16
C ASN B 323 -33.66 19.69 -33.94
N GLY B 324 -32.63 19.42 -34.75
CA GLY B 324 -31.43 20.25 -34.72
C GLY B 324 -30.58 20.09 -33.48
N THR B 325 -31.19 19.75 -32.37
CA THR B 325 -30.45 19.51 -31.15
C THR B 325 -29.78 18.13 -31.23
N ILE B 326 -28.70 17.96 -30.50
CA ILE B 326 -27.94 16.72 -30.56
C ILE B 326 -27.45 16.32 -29.17
N PHE B 327 -27.17 15.04 -28.99
CA PHE B 327 -26.80 14.51 -27.67
C PHE B 327 -25.36 14.03 -27.71
N LEU B 328 -24.56 14.52 -26.76
CA LEU B 328 -23.11 14.36 -26.75
C LEU B 328 -22.54 13.76 -25.47
N GLY B 329 -21.48 12.96 -25.61
CA GLY B 329 -20.86 12.30 -24.49
C GLY B 329 -19.35 12.47 -24.38
N ILE B 330 -18.90 12.64 -23.14
CA ILE B 330 -17.50 12.92 -22.82
C ILE B 330 -17.00 12.15 -21.59
N PRO B 331 -15.85 11.47 -21.72
CA PRO B 331 -15.13 10.96 -20.55
C PRO B 331 -14.35 12.09 -19.88
N GLY B 332 -14.31 12.20 -18.56
CA GLY B 332 -14.91 11.26 -17.63
C GLY B 332 -14.14 11.30 -16.33
N ALA B 337 -11.14 11.07 -11.58
CA ALA B 337 -11.00 11.50 -10.19
C ALA B 337 -11.97 10.77 -9.26
N MET B 338 -12.52 9.64 -9.72
CA MET B 338 -13.54 8.86 -8.99
C MET B 338 -14.76 9.69 -8.62
N SER B 339 -15.47 10.16 -9.64
CA SER B 339 -16.62 11.03 -9.45
C SER B 339 -17.69 10.65 -10.46
N GLU B 340 -17.33 10.73 -11.74
CA GLU B 340 -18.22 10.29 -12.80
C GLU B 340 -17.49 9.76 -14.03
N ALA B 341 -18.11 8.76 -14.64
CA ALA B 341 -17.56 8.06 -15.78
C ALA B 341 -17.81 8.87 -17.03
N PHE B 342 -18.94 9.58 -17.05
CA PHE B 342 -19.27 10.43 -18.19
C PHE B 342 -19.90 11.78 -17.81
N TYR B 343 -19.74 12.74 -18.72
CA TYR B 343 -20.38 14.04 -18.64
C TYR B 343 -21.01 14.31 -20.01
N PHE B 344 -22.25 14.81 -20.01
CA PHE B 344 -23.06 14.90 -21.23
C PHE B 344 -23.48 16.30 -21.61
N TYR B 345 -23.61 16.54 -22.90
CA TYR B 345 -24.01 17.85 -23.39
C TYR B 345 -25.14 17.73 -24.41
N THR B 346 -25.89 18.82 -24.60
CA THR B 346 -26.92 18.91 -25.64
C THR B 346 -26.66 20.14 -26.51
N LEU B 347 -26.66 19.94 -27.83
CA LEU B 347 -26.20 20.96 -28.78
C LEU B 347 -27.29 21.40 -29.75
N ARG B 348 -27.82 22.61 -29.55
CA ARG B 348 -28.94 23.10 -30.36
C ARG B 348 -28.53 24.19 -31.36
N CYS B 349 -29.26 24.24 -32.48
CA CYS B 349 -28.94 25.12 -33.59
C CYS B 349 -30.10 26.02 -34.02
N LYS C 15 32.90 -56.96 14.68
CA LYS C 15 32.72 -55.79 15.54
C LYS C 15 34.00 -55.44 16.29
N HIS C 16 34.83 -56.45 16.50
CA HIS C 16 36.14 -56.29 17.14
C HIS C 16 37.23 -55.93 16.11
N ARG C 17 37.02 -56.40 14.89
CA ARG C 17 37.96 -56.21 13.79
C ARG C 17 38.22 -54.75 13.46
N LEU C 18 37.22 -53.90 13.70
CA LEU C 18 37.41 -52.49 13.44
C LEU C 18 38.45 -52.01 14.43
N ARG C 19 38.28 -52.39 15.70
CA ARG C 19 39.21 -52.01 16.74
C ARG C 19 40.63 -52.47 16.39
N GLU C 20 40.71 -53.70 15.87
CA GLU C 20 41.93 -54.31 15.38
C GLU C 20 42.71 -53.44 14.37
N LEU C 21 42.05 -53.10 13.26
CA LEU C 21 42.75 -52.34 12.23
C LEU C 21 42.98 -50.89 12.64
N LYS C 22 42.02 -50.33 13.38
CA LYS C 22 42.15 -48.95 13.83
C LYS C 22 43.38 -48.81 14.71
N ILE C 23 43.61 -49.76 15.61
CA ILE C 23 44.79 -49.66 16.47
C ILE C 23 46.05 -49.89 15.62
N GLN C 24 45.98 -50.73 14.59
CA GLN C 24 47.14 -50.83 13.68
C GLN C 24 47.52 -49.47 13.10
N VAL C 25 46.53 -48.78 12.53
CA VAL C 25 46.77 -47.49 11.87
C VAL C 25 47.18 -46.40 12.83
N LYS C 26 46.51 -46.36 13.98
CA LYS C 26 46.78 -45.40 15.03
C LYS C 26 48.22 -45.54 15.49
N GLU C 27 48.69 -46.78 15.58
CA GLU C 27 50.11 -47.02 15.86
C GLU C 27 51.01 -46.45 14.77
N PHE C 28 50.77 -46.88 13.53
CA PHE C 28 51.60 -46.45 12.40
C PHE C 28 51.72 -44.94 12.32
N ALA C 29 50.61 -44.25 12.61
CA ALA C 29 50.56 -42.81 12.50
C ALA C 29 51.51 -42.13 13.47
N ASP C 30 51.40 -42.47 14.76
CA ASP C 30 52.22 -41.85 15.79
C ASP C 30 53.71 -42.15 15.66
N LYS C 31 54.04 -43.28 15.04
CA LYS C 31 55.43 -43.62 14.77
C LYS C 31 55.95 -42.85 13.56
N GLU C 32 55.29 -43.07 12.42
CA GLU C 32 55.73 -42.47 11.16
C GLU C 32 55.51 -40.94 11.14
N GLU C 33 54.26 -40.48 11.05
CA GLU C 33 53.97 -39.04 11.07
C GLU C 33 52.98 -38.67 12.18
N GLY C 34 53.43 -38.68 13.42
CA GLY C 34 52.52 -38.43 14.52
C GLY C 34 52.08 -36.97 14.59
N GLY C 35 50.81 -36.76 14.88
CA GLY C 35 49.88 -37.88 14.99
C GLY C 35 48.68 -37.69 14.08
N ASP C 36 48.86 -36.95 12.98
CA ASP C 36 47.75 -36.64 12.08
C ASP C 36 47.23 -37.92 11.43
N VAL C 37 46.33 -38.59 12.14
CA VAL C 37 45.59 -39.74 11.63
C VAL C 37 44.74 -39.37 10.43
N LYS C 38 44.08 -38.23 10.55
CA LYS C 38 43.21 -37.70 9.52
C LYS C 38 43.96 -37.67 8.20
N ALA C 39 45.18 -37.14 8.23
CA ALA C 39 46.02 -37.07 7.03
C ALA C 39 46.28 -38.46 6.45
N VAL C 40 46.51 -39.42 7.33
CA VAL C 40 46.82 -40.78 6.91
C VAL C 40 45.62 -41.47 6.22
N CYS C 41 44.47 -41.49 6.90
CA CYS C 41 43.25 -42.06 6.33
C CYS C 41 42.82 -41.34 5.05
N LEU C 42 42.96 -40.02 5.04
CA LEU C 42 42.67 -39.24 3.84
C LEU C 42 43.51 -39.71 2.68
N THR C 43 44.84 -39.70 2.88
CA THR C 43 45.75 -40.10 1.80
C THR C 43 45.47 -41.51 1.33
N LEU C 44 45.35 -42.43 2.28
CA LEU C 44 45.03 -43.82 1.98
C LEU C 44 43.84 -43.87 1.05
N PHE C 45 42.72 -43.32 1.51
CA PHE C 45 41.47 -43.35 0.77
C PHE C 45 41.63 -42.75 -0.62
N LEU C 46 42.35 -41.64 -0.72
CA LEU C 46 42.60 -41.01 -2.01
C LEU C 46 43.34 -41.93 -2.97
N LEU C 47 44.41 -42.53 -2.50
CA LEU C 47 45.21 -43.41 -3.33
C LEU C 47 44.40 -44.63 -3.77
N ALA C 48 43.69 -45.23 -2.81
CA ALA C 48 42.84 -46.38 -3.08
C ALA C 48 41.72 -46.02 -4.06
N LEU C 49 41.39 -44.75 -4.09
CA LEU C 49 40.31 -44.26 -4.94
C LEU C 49 40.82 -44.05 -6.36
N ARG C 50 42.05 -43.57 -6.49
CA ARG C 50 42.65 -43.36 -7.81
C ARG C 50 43.15 -44.68 -8.40
N ALA C 51 43.29 -45.68 -7.56
CA ALA C 51 43.70 -47.00 -8.00
C ALA C 51 42.60 -47.55 -8.90
N ARG C 52 41.37 -47.15 -8.63
CA ARG C 52 40.22 -47.64 -9.38
C ARG C 52 39.80 -46.58 -10.38
N ASN C 53 40.75 -45.70 -10.68
CA ASN C 53 40.62 -44.66 -11.70
C ASN C 53 39.40 -43.77 -11.55
N GLU C 54 38.93 -43.64 -10.31
CA GLU C 54 37.80 -42.77 -10.01
C GLU C 54 38.28 -41.37 -9.62
N HIS C 55 38.92 -40.70 -10.58
CA HIS C 55 39.55 -39.40 -10.35
C HIS C 55 38.54 -38.31 -10.02
N ARG C 56 37.40 -38.36 -10.70
CA ARG C 56 36.34 -37.37 -10.57
C ARG C 56 35.98 -37.19 -9.10
N GLN C 57 35.85 -38.30 -8.38
CA GLN C 57 35.52 -38.26 -6.97
C GLN C 57 36.69 -37.72 -6.13
N ALA C 58 37.86 -38.30 -6.37
CA ALA C 58 39.06 -37.99 -5.60
C ALA C 58 39.39 -36.50 -5.61
N ASP C 59 39.27 -35.89 -6.78
CA ASP C 59 39.56 -34.48 -6.94
C ASP C 59 38.64 -33.62 -6.08
N GLU C 60 37.34 -33.94 -6.08
CA GLU C 60 36.39 -33.18 -5.30
C GLU C 60 36.61 -33.37 -3.79
N LEU C 61 37.03 -34.57 -3.40
CA LEU C 61 37.36 -34.82 -2.01
C LEU C 61 38.55 -33.95 -1.58
N GLU C 62 39.60 -33.92 -2.40
CA GLU C 62 40.74 -33.06 -2.12
C GLU C 62 40.31 -31.61 -1.97
N ALA C 63 39.46 -31.16 -2.88
CA ALA C 63 38.98 -29.79 -2.82
C ALA C 63 38.32 -29.53 -1.47
N ILE C 64 37.51 -30.48 -1.03
CA ILE C 64 36.82 -30.31 0.24
C ILE C 64 37.77 -30.23 1.42
N MET C 65 38.78 -31.10 1.44
CA MET C 65 39.76 -31.10 2.52
C MET C 65 40.60 -29.82 2.53
N GLN C 66 40.87 -29.30 1.34
CA GLN C 66 41.69 -28.10 1.19
C GLN C 66 40.91 -26.82 1.47
N GLY C 67 39.85 -26.93 2.25
CA GLY C 67 39.18 -25.77 2.79
C GLY C 67 38.04 -25.18 1.99
N ARG C 68 38.01 -25.45 0.68
CA ARG C 68 36.91 -24.96 -0.11
C ARG C 68 35.72 -25.93 -0.16
N GLY C 69 34.58 -25.49 0.36
CA GLY C 69 33.32 -26.22 0.29
C GLY C 69 32.77 -25.92 -1.09
N SER C 70 31.46 -25.72 -1.31
CA SER C 70 30.28 -25.91 -0.46
C SER C 70 29.94 -24.84 0.56
N GLY C 71 30.93 -24.27 1.25
CA GLY C 71 30.64 -23.18 2.18
C GLY C 71 29.71 -23.67 3.27
N LEU C 72 29.05 -22.79 4.02
CA LEU C 72 29.12 -21.35 3.90
C LEU C 72 29.14 -20.83 5.35
N GLN C 73 30.05 -19.91 5.68
CA GLN C 73 30.14 -19.40 7.04
C GLN C 73 28.87 -18.64 7.42
N PRO C 74 28.37 -18.86 8.64
CA PRO C 74 27.16 -18.15 9.11
C PRO C 74 27.20 -16.67 8.79
N ALA C 75 28.35 -16.03 8.97
CA ALA C 75 28.51 -14.63 8.59
C ALA C 75 28.04 -14.37 7.16
N VAL C 76 28.45 -15.24 6.23
CA VAL C 76 28.11 -15.03 4.83
C VAL C 76 26.62 -15.26 4.56
N CYS C 77 26.05 -16.24 5.24
CA CYS C 77 24.63 -16.49 5.09
C CYS C 77 23.85 -15.28 5.55
N LEU C 78 24.25 -14.71 6.69
CA LEU C 78 23.63 -13.49 7.23
C LEU C 78 23.78 -12.32 6.27
N ALA C 79 24.95 -12.24 5.65
CA ALA C 79 25.18 -11.22 4.63
C ALA C 79 24.16 -11.34 3.51
N ILE C 80 24.04 -12.54 2.94
CA ILE C 80 23.08 -12.82 1.88
C ILE C 80 21.66 -12.46 2.31
N ARG C 81 21.31 -12.91 3.50
CA ARG C 81 19.97 -12.77 4.00
C ARG C 81 19.63 -11.30 4.14
N VAL C 82 20.64 -10.50 4.47
CA VAL C 82 20.39 -9.09 4.65
C VAL C 82 20.31 -8.35 3.31
N ASN C 83 21.31 -8.49 2.45
CA ASN C 83 21.33 -7.68 1.23
C ASN C 83 20.27 -8.00 0.17
N THR C 84 19.57 -9.12 0.33
CA THR C 84 18.47 -9.44 -0.59
C THR C 84 17.15 -9.44 0.15
N PHE C 85 17.21 -9.14 1.44
CA PHE C 85 16.04 -8.96 2.29
C PHE C 85 15.12 -10.18 2.32
N LEU C 86 15.69 -11.34 2.62
CA LEU C 86 14.86 -12.53 2.71
C LEU C 86 14.20 -12.56 4.06
N SER C 87 12.91 -12.84 4.09
CA SER C 87 12.22 -13.10 5.35
C SER C 87 12.80 -14.37 5.97
N CYS C 88 12.50 -14.59 7.24
CA CYS C 88 12.92 -15.82 7.88
C CYS C 88 12.36 -16.99 7.09
N SER C 89 11.07 -16.90 6.78
CA SER C 89 10.40 -17.88 5.93
C SER C 89 11.17 -18.20 4.64
N GLN C 90 11.26 -17.23 3.75
CA GLN C 90 12.00 -17.38 2.50
C GLN C 90 13.33 -18.10 2.71
N TYR C 91 14.16 -17.56 3.61
CA TYR C 91 15.49 -18.10 3.85
C TYR C 91 15.41 -19.55 4.24
N HIS C 92 14.51 -19.87 5.15
CA HIS C 92 14.38 -21.25 5.59
C HIS C 92 13.98 -22.18 4.44
N LYS C 93 13.09 -21.74 3.56
CA LYS C 93 12.75 -22.53 2.36
C LYS C 93 13.97 -22.86 1.55
N MET C 94 14.72 -21.83 1.20
CA MET C 94 15.91 -22.03 0.41
C MET C 94 16.90 -22.97 1.10
N TYR C 95 17.07 -22.74 2.40
CA TYR C 95 18.00 -23.54 3.17
C TYR C 95 17.63 -25.01 3.06
N ARG C 96 16.40 -25.34 3.47
CA ARG C 96 15.96 -26.74 3.54
C ARG C 96 16.01 -27.40 2.18
N THR C 97 15.67 -26.62 1.16
CA THR C 97 15.67 -27.16 -0.18
C THR C 97 17.08 -27.50 -0.63
N VAL C 98 18.02 -26.58 -0.43
CA VAL C 98 19.41 -26.83 -0.84
C VAL C 98 20.00 -28.02 -0.06
N LYS C 99 19.66 -28.11 1.22
CA LYS C 99 20.15 -29.22 2.01
C LYS C 99 19.69 -30.51 1.36
N ALA C 100 18.37 -30.60 1.16
CA ALA C 100 17.80 -31.84 0.62
C ALA C 100 18.31 -32.20 -0.79
N ILE C 101 18.33 -31.25 -1.73
CA ILE C 101 18.76 -31.58 -3.09
C ILE C 101 20.25 -31.93 -3.14
N THR C 102 21.08 -31.24 -2.36
CA THR C 102 22.53 -31.49 -2.45
C THR C 102 23.08 -32.43 -1.37
N GLY C 103 22.30 -32.65 -0.32
CA GLY C 103 22.71 -33.48 0.79
C GLY C 103 23.63 -32.78 1.76
N ARG C 104 24.25 -31.70 1.31
CA ARG C 104 25.09 -30.93 2.18
C ARG C 104 24.36 -29.68 2.70
N GLN C 105 24.69 -29.30 3.92
CA GLN C 105 24.17 -28.11 4.57
C GLN C 105 24.93 -26.83 4.16
N ILE C 106 24.68 -26.35 2.94
CA ILE C 106 25.39 -25.20 2.38
C ILE C 106 25.05 -23.88 3.06
N PHE C 107 23.78 -23.61 3.26
CA PHE C 107 23.39 -22.47 4.07
C PHE C 107 23.25 -22.97 5.48
N GLN C 108 23.24 -22.07 6.45
CA GLN C 108 23.15 -22.48 7.86
C GLN C 108 21.75 -22.25 8.39
N PRO C 109 21.35 -23.03 9.39
CA PRO C 109 20.04 -22.83 10.02
C PRO C 109 19.90 -21.41 10.55
N LEU C 110 18.68 -21.01 10.88
CA LEU C 110 18.42 -19.63 11.23
C LEU C 110 19.02 -19.32 12.58
N HIS C 111 19.03 -20.32 13.46
CA HIS C 111 19.62 -20.12 14.80
C HIS C 111 21.13 -19.99 14.67
N ALA C 112 21.71 -20.60 13.63
CA ALA C 112 23.12 -20.36 13.33
C ALA C 112 23.35 -18.89 13.01
N LEU C 113 22.54 -18.34 12.11
CA LEU C 113 22.67 -16.95 11.71
C LEU C 113 22.46 -16.00 12.89
N ARG C 114 21.60 -16.38 13.83
CA ARG C 114 21.31 -15.50 14.97
C ARG C 114 22.55 -15.17 15.83
N ASN C 115 23.44 -16.14 16.02
CA ASN C 115 24.68 -15.83 16.71
C ASN C 115 25.57 -14.86 15.94
N ALA C 116 25.73 -15.14 14.66
CA ALA C 116 26.50 -14.23 13.83
C ALA C 116 25.92 -12.82 13.93
N GLU C 117 24.60 -12.72 14.02
CA GLU C 117 23.93 -11.44 14.25
C GLU C 117 24.42 -10.82 15.56
N LYS C 118 24.48 -11.63 16.62
CA LYS C 118 24.85 -11.10 17.94
C LYS C 118 26.24 -10.52 17.95
N VAL C 119 27.16 -11.13 17.21
CA VAL C 119 28.52 -10.59 17.16
C VAL C 119 28.57 -9.16 16.58
N LEU C 120 27.72 -8.88 15.60
CA LEU C 120 27.77 -7.63 14.87
C LEU C 120 26.84 -6.54 15.39
N LEU C 121 26.18 -6.81 16.51
CA LEU C 121 25.24 -5.87 17.10
C LEU C 121 25.78 -5.33 18.41
N PRO C 122 25.52 -4.05 18.70
CA PRO C 122 25.93 -3.35 19.92
C PRO C 122 25.75 -4.17 21.20
N GLY C 123 26.77 -4.17 22.06
CA GLY C 123 26.68 -4.79 23.38
C GLY C 123 27.53 -6.04 23.54
N TYR C 124 28.18 -6.43 22.45
CA TYR C 124 28.95 -7.67 22.41
C TYR C 124 30.38 -7.51 22.91
N HIS C 125 31.15 -6.63 22.29
CA HIS C 125 32.54 -6.44 22.69
C HIS C 125 32.63 -5.71 24.02
N PRO C 126 33.61 -6.08 24.86
CA PRO C 126 33.84 -5.37 26.11
C PRO C 126 34.67 -4.14 25.86
N PHE C 127 34.36 -3.07 26.59
CA PHE C 127 35.03 -1.76 26.44
C PHE C 127 34.94 -1.03 27.77
N GLU C 128 35.68 0.06 27.89
CA GLU C 128 35.53 0.93 29.06
C GLU C 128 35.91 2.35 28.74
N TRP C 129 35.26 3.28 29.42
CA TRP C 129 35.54 4.69 29.24
C TRP C 129 36.48 5.06 30.36
N GLN C 130 37.54 5.81 30.06
CA GLN C 130 38.54 6.04 31.07
C GLN C 130 38.07 7.06 32.12
N PRO C 131 37.77 8.31 31.72
CA PRO C 131 36.85 8.79 32.76
C PRO C 131 35.47 8.22 32.47
N PRO C 132 34.78 7.69 33.49
CA PRO C 132 33.45 7.08 33.29
C PRO C 132 32.42 8.11 32.86
N LEU C 133 31.51 7.74 31.97
CA LEU C 133 30.54 8.70 31.48
C LEU C 133 29.52 9.09 32.56
N LYS C 134 29.22 10.38 32.66
CA LYS C 134 28.25 10.86 33.64
C LYS C 134 26.86 10.32 33.32
N ASN C 135 26.21 9.68 34.30
CA ASN C 135 24.83 9.22 34.13
C ASN C 135 24.68 8.14 33.07
N VAL C 136 25.78 7.62 32.55
CA VAL C 136 25.69 6.50 31.64
C VAL C 136 26.15 5.27 32.38
N SER C 137 25.37 4.21 32.28
CA SER C 137 25.75 2.97 32.94
C SER C 137 27.00 2.42 32.30
N SER C 138 27.96 2.02 33.12
CA SER C 138 29.20 1.45 32.62
C SER C 138 29.01 -0.02 32.25
N ARG C 139 27.77 -0.49 32.40
CA ARG C 139 27.40 -1.87 32.05
C ARG C 139 27.70 -2.06 30.58
N THR C 140 28.51 -3.07 30.27
CA THR C 140 29.16 -3.16 28.97
C THR C 140 28.38 -3.99 27.94
N ASP C 141 27.40 -4.74 28.44
CA ASP C 141 26.66 -5.69 27.61
C ASP C 141 25.25 -5.23 27.22
N VAL C 142 25.08 -3.95 26.89
CA VAL C 142 23.75 -3.44 26.56
C VAL C 142 23.57 -3.28 25.06
N GLY C 143 22.47 -3.84 24.54
CA GLY C 143 22.19 -3.73 23.11
C GLY C 143 21.04 -2.80 22.77
N ILE C 144 19.91 -3.38 22.39
CA ILE C 144 18.74 -2.61 22.05
C ILE C 144 17.95 -2.23 23.29
N ILE C 145 17.56 -0.97 23.38
CA ILE C 145 16.72 -0.51 24.48
C ILE C 145 15.50 0.27 23.96
N ASP C 146 14.48 0.37 24.80
CA ASP C 146 13.24 1.04 24.41
C ASP C 146 13.45 2.55 24.33
N GLY C 147 13.08 3.15 23.20
CA GLY C 147 13.32 4.57 22.95
C GLY C 147 12.88 5.54 24.03
N LEU C 148 11.78 5.19 24.71
CA LEU C 148 11.21 6.04 25.74
C LEU C 148 12.13 6.29 26.93
N SER C 149 13.23 5.56 26.99
CA SER C 149 14.21 5.65 28.08
C SER C 149 13.54 5.77 29.46
N GLY C 150 12.36 5.17 29.59
CA GLY C 150 11.67 5.06 30.85
C GLY C 150 10.53 6.04 31.09
N LEU C 151 10.13 6.75 30.04
CA LEU C 151 9.12 7.81 30.15
C LEU C 151 7.87 7.31 30.88
N ALA C 152 7.36 8.14 31.79
CA ALA C 152 6.15 7.79 32.52
C ALA C 152 5.00 7.48 31.57
N SER C 153 4.39 6.33 31.77
CA SER C 153 3.31 5.89 30.90
C SER C 153 2.02 5.77 31.69
N SER C 154 2.02 6.37 32.88
CA SER C 154 0.82 6.47 33.70
C SER C 154 -0.31 7.19 32.94
N VAL C 155 -1.56 6.91 33.31
CA VAL C 155 -2.72 7.40 32.58
C VAL C 155 -2.87 8.93 32.64
N ASP C 156 -2.73 9.48 33.84
CA ASP C 156 -2.95 10.91 34.05
C ASP C 156 -1.73 11.76 33.70
N GLU C 157 -0.58 11.09 33.55
CA GLU C 157 0.63 11.74 33.05
C GLU C 157 0.43 12.09 31.57
N TYR C 158 1.23 13.02 31.09
CA TYR C 158 1.14 13.48 29.70
C TYR C 158 1.18 12.28 28.75
N PRO C 159 0.15 12.19 27.89
CA PRO C 159 0.04 11.11 26.91
C PRO C 159 1.34 10.78 26.18
N VAL C 160 1.83 9.56 26.39
CA VAL C 160 2.99 9.04 25.66
C VAL C 160 2.47 7.91 24.79
N ASP C 161 2.23 8.23 23.52
CA ASP C 161 1.58 7.30 22.59
C ASP C 161 2.50 6.80 21.49
N THR C 162 3.79 6.85 21.72
CA THR C 162 4.75 6.59 20.65
C THR C 162 5.61 5.40 21.05
N ILE C 163 6.02 4.61 20.07
CA ILE C 163 6.94 3.51 20.33
C ILE C 163 8.27 3.79 19.64
N ALA C 164 9.36 3.45 20.31
CA ALA C 164 10.66 3.79 19.78
C ALA C 164 11.73 2.88 20.33
N LYS C 165 12.76 2.64 19.54
CA LYS C 165 13.86 1.79 19.95
C LYS C 165 15.18 2.43 19.59
N ARG C 166 16.18 2.22 20.44
CA ARG C 166 17.48 2.86 20.25
C ARG C 166 18.63 2.03 20.78
N PHE C 167 19.83 2.46 20.42
CA PHE C 167 21.02 1.91 21.04
C PHE C 167 21.54 2.88 22.05
N ARG C 168 22.40 2.40 22.93
CA ARG C 168 23.15 3.30 23.73
C ARG C 168 24.26 3.82 22.81
N TYR C 169 24.41 5.14 22.75
CA TYR C 169 25.33 5.79 21.83
C TYR C 169 26.77 5.29 21.97
N ASP C 170 27.23 5.12 23.21
CA ASP C 170 28.61 4.67 23.42
C ASP C 170 28.75 3.24 22.90
N SER C 171 27.79 2.40 23.28
CA SER C 171 27.78 1.02 22.83
C SER C 171 27.80 0.92 21.31
N ALA C 172 26.94 1.71 20.67
CA ALA C 172 26.85 1.71 19.23
C ALA C 172 28.14 2.16 18.56
N LEU C 173 28.79 3.17 19.14
CA LEU C 173 30.05 3.64 18.58
C LEU C 173 31.08 2.53 18.68
N VAL C 174 31.06 1.80 19.80
CA VAL C 174 31.93 0.65 19.99
C VAL C 174 31.69 -0.40 18.89
N SER C 175 30.44 -0.79 18.70
CA SER C 175 30.11 -1.78 17.68
C SER C 175 30.57 -1.34 16.30
N ALA C 176 30.26 -0.11 15.93
CA ALA C 176 30.56 0.40 14.60
C ALA C 176 32.06 0.49 14.39
N LEU C 177 32.76 0.72 15.49
CA LEU C 177 34.20 0.94 15.43
C LEU C 177 34.86 -0.40 15.23
N MET C 178 34.38 -1.40 15.95
CA MET C 178 34.91 -2.75 15.82
C MET C 178 34.58 -3.39 14.46
N ASP C 179 33.37 -3.13 13.98
CA ASP C 179 32.93 -3.57 12.67
C ASP C 179 33.94 -3.17 11.59
N MET C 180 34.64 -2.06 11.81
CA MET C 180 35.64 -1.60 10.85
C MET C 180 37.07 -1.75 11.35
N GLU C 181 37.25 -2.58 12.38
CA GLU C 181 38.57 -2.89 12.97
C GLU C 181 39.63 -3.14 11.92
N GLU C 182 39.32 -3.98 10.95
CA GLU C 182 40.26 -4.36 9.91
C GLU C 182 40.51 -3.25 8.91
N ASP C 183 39.52 -2.40 8.70
CA ASP C 183 39.71 -1.29 7.80
C ASP C 183 40.65 -0.29 8.48
N ILE C 184 40.54 -0.24 9.81
CA ILE C 184 41.43 0.61 10.59
C ILE C 184 42.86 0.06 10.60
N LEU C 185 43.03 -1.21 10.96
CA LEU C 185 44.36 -1.83 11.01
C LEU C 185 45.03 -1.78 9.64
N GLU C 186 44.26 -2.07 8.60
CA GLU C 186 44.79 -2.04 7.25
C GLU C 186 45.12 -0.59 6.91
N GLY C 187 44.37 0.36 7.50
CA GLY C 187 44.69 1.76 7.32
C GLY C 187 46.07 2.11 7.88
N MET C 188 46.31 1.68 9.11
CA MET C 188 47.61 1.91 9.76
C MET C 188 48.76 1.27 8.99
N ARG C 189 48.63 -0.03 8.71
CA ARG C 189 49.64 -0.77 7.94
C ARG C 189 49.91 -0.06 6.60
N SER C 190 48.84 0.48 6.02
CA SER C 190 48.96 1.19 4.76
C SER C 190 49.66 2.52 4.95
N GLN C 191 49.64 3.05 6.18
CA GLN C 191 50.40 4.27 6.47
C GLN C 191 51.79 3.94 7.04
N ASP C 192 52.20 2.68 6.87
CA ASP C 192 53.47 2.16 7.37
C ASP C 192 53.61 2.47 8.85
N LEU C 193 52.78 1.83 9.66
CA LEU C 193 52.85 2.05 11.08
C LEU C 193 52.74 0.71 11.77
N ASP C 194 53.61 0.48 12.75
CA ASP C 194 53.45 -0.63 13.66
C ASP C 194 52.05 -0.58 14.25
N ASP C 195 51.27 -1.66 14.09
CA ASP C 195 49.89 -1.66 14.59
C ASP C 195 49.91 -1.87 16.12
N TYR C 196 51.05 -1.55 16.71
CA TYR C 196 51.25 -1.59 18.15
C TYR C 196 50.76 -0.29 18.77
N LEU C 197 50.73 0.78 17.97
CA LEU C 197 50.39 2.13 18.42
C LEU C 197 49.10 2.17 19.24
N ASN C 198 49.21 2.66 20.47
CA ASN C 198 48.06 2.73 21.34
C ASN C 198 47.12 3.81 20.85
N GLY C 199 47.72 4.83 20.22
CA GLY C 199 46.97 5.96 19.73
C GLY C 199 47.63 7.26 20.13
N PRO C 200 46.81 8.29 20.41
CA PRO C 200 45.34 8.21 20.43
C PRO C 200 44.69 8.36 19.05
N PHE C 201 43.57 7.67 18.82
CA PHE C 201 42.83 7.81 17.55
C PHE C 201 41.74 8.88 17.67
N THR C 202 41.53 9.65 16.60
CA THR C 202 40.41 10.60 16.58
C THR C 202 39.35 10.25 15.54
N VAL C 203 38.12 10.09 16.05
CA VAL C 203 36.96 9.72 15.25
C VAL C 203 36.03 10.90 14.98
N VAL C 204 36.01 11.38 13.74
CA VAL C 204 35.02 12.37 13.36
C VAL C 204 33.74 11.69 12.93
N VAL C 205 32.63 12.05 13.57
CA VAL C 205 31.34 11.43 13.30
C VAL C 205 30.30 12.43 12.81
N LYS C 206 29.65 12.10 11.72
CA LYS C 206 28.59 12.95 11.24
C LYS C 206 27.26 12.50 11.84
N GLU C 207 26.62 13.38 12.60
CA GLU C 207 25.29 13.08 13.09
C GLU C 207 24.29 13.54 12.06
N SER C 208 23.13 12.89 12.07
CA SER C 208 22.07 13.20 11.12
C SER C 208 20.74 12.73 11.68
N CYS C 209 19.67 13.42 11.32
CA CYS C 209 18.35 13.12 11.85
C CYS C 209 17.23 13.48 10.88
N ASP C 210 16.32 12.55 10.60
CA ASP C 210 15.32 12.86 9.59
C ASP C 210 13.91 12.32 9.84
N GLY C 211 12.93 12.98 9.24
CA GLY C 211 11.56 12.52 9.24
C GLY C 211 11.39 11.61 8.06
N MET C 212 11.06 10.35 8.34
CA MET C 212 10.91 9.32 7.33
C MET C 212 9.70 9.58 6.43
N GLY C 213 8.62 10.03 7.07
CA GLY C 213 7.36 10.19 6.37
C GLY C 213 6.40 9.10 6.81
N ASP C 214 5.65 8.56 5.87
CA ASP C 214 4.60 7.61 6.19
C ASP C 214 5.01 6.16 5.94
N VAL C 215 4.69 5.28 6.88
CA VAL C 215 5.12 3.88 6.80
C VAL C 215 3.99 2.87 7.12
N SER C 216 3.02 2.69 6.23
CA SER C 216 1.89 1.83 6.59
C SER C 216 1.30 0.93 5.49
N GLU C 217 0.20 0.26 5.83
CA GLU C 217 -0.55 -0.55 4.88
C GLU C 217 -2.05 -0.41 5.14
N LYS C 218 -2.86 -0.45 4.08
CA LYS C 218 -4.32 -0.36 4.22
C LYS C 218 -4.99 -1.71 3.99
N VAL C 225 -5.22 5.34 8.80
CA VAL C 225 -4.36 6.12 9.68
C VAL C 225 -2.89 5.99 9.27
N PRO C 226 -2.20 7.13 9.12
CA PRO C 226 -0.77 7.17 8.82
C PRO C 226 0.13 7.24 10.07
N GLU C 227 1.34 6.71 9.93
CA GLU C 227 2.36 6.70 10.98
C GLU C 227 3.63 7.41 10.50
N LYS C 228 4.00 8.49 11.18
CA LYS C 228 5.23 9.19 10.85
C LYS C 228 6.35 8.56 11.64
N ALA C 229 7.53 8.50 11.04
CA ALA C 229 8.69 7.91 11.71
C ALA C 229 9.84 8.89 11.72
N VAL C 230 10.74 8.74 12.67
CA VAL C 230 11.88 9.64 12.75
C VAL C 230 13.13 8.86 13.13
N ARG C 231 14.21 9.12 12.41
CA ARG C 231 15.42 8.35 12.56
C ARG C 231 16.62 9.21 12.86
N PHE C 232 17.24 8.95 14.01
CA PHE C 232 18.52 9.57 14.36
C PHE C 232 19.63 8.59 14.07
N SER C 233 20.62 9.00 13.29
CA SER C 233 21.68 8.09 12.87
C SER C 233 23.01 8.81 12.76
N PHE C 234 24.10 8.04 12.68
CA PHE C 234 25.43 8.64 12.55
C PHE C 234 26.30 7.95 11.50
N THR C 235 27.41 8.59 11.14
CA THR C 235 28.31 8.08 10.11
C THR C 235 29.75 8.33 10.51
N VAL C 236 30.57 7.28 10.61
CA VAL C 236 32.00 7.50 10.89
C VAL C 236 32.72 8.01 9.63
N MET C 237 33.12 9.28 9.68
CA MET C 237 33.60 10.01 8.51
C MET C 237 35.11 9.99 8.31
N ARG C 238 35.84 9.93 9.42
CA ARG C 238 37.28 10.03 9.42
C ARG C 238 37.89 9.42 10.67
N ILE C 239 39.06 8.82 10.52
CA ILE C 239 39.87 8.38 11.66
C ILE C 239 41.31 8.77 11.43
N THR C 240 41.83 9.62 12.32
CA THR C 240 43.24 10.03 12.27
C THR C 240 43.96 9.61 13.54
N ILE C 241 45.29 9.67 13.51
CA ILE C 241 46.09 9.30 14.67
C ILE C 241 47.24 10.28 14.85
N GLU C 242 47.62 10.54 16.09
CA GLU C 242 48.78 11.38 16.36
C GLU C 242 50.04 10.53 16.37
N HIS C 243 50.93 10.84 15.44
CA HIS C 243 52.19 10.14 15.34
C HIS C 243 53.32 11.17 15.33
N GLY C 244 53.76 11.57 16.52
CA GLY C 244 54.72 12.65 16.66
C GLY C 244 54.02 14.00 16.63
N SER C 245 54.18 14.72 15.53
CA SER C 245 53.66 16.08 15.43
C SER C 245 52.49 16.20 14.46
N GLN C 246 52.35 15.20 13.58
CA GLN C 246 51.36 15.26 12.50
C GLN C 246 50.17 14.33 12.68
N ASN C 247 49.05 14.70 12.06
CA ASN C 247 47.79 13.93 12.13
C ASN C 247 47.56 12.96 10.99
N VAL C 248 48.04 11.72 11.18
CA VAL C 248 47.97 10.68 10.16
C VAL C 248 46.57 10.09 10.01
N LYS C 249 46.04 10.20 8.80
CA LYS C 249 44.70 9.72 8.47
C LYS C 249 44.70 8.22 8.14
N VAL C 250 44.13 7.42 9.03
CA VAL C 250 44.11 5.96 8.88
C VAL C 250 42.77 5.43 8.38
N PHE C 251 41.77 6.29 8.27
CA PHE C 251 40.56 5.88 7.57
C PHE C 251 39.73 7.06 7.08
N GLU C 252 39.20 6.94 5.87
CA GLU C 252 38.18 7.89 5.45
C GLU C 252 37.11 7.25 4.58
N GLU C 253 35.87 7.34 5.04
CA GLU C 253 34.72 6.85 4.27
C GLU C 253 34.72 7.35 2.83
N PRO C 254 34.83 6.41 1.87
CA PRO C 254 34.87 6.66 0.43
C PRO C 254 33.57 7.24 -0.11
N LYS C 255 32.43 6.78 0.42
CA LYS C 255 31.15 7.37 0.04
C LYS C 255 30.45 7.78 1.31
N PRO C 256 30.74 8.98 1.79
CA PRO C 256 30.22 9.47 3.08
C PRO C 256 28.70 9.64 3.06
N ASN C 257 28.13 9.76 1.87
CA ASN C 257 26.72 10.06 1.76
C ASN C 257 25.87 8.83 1.46
N SER C 258 26.54 7.69 1.32
CA SER C 258 25.82 6.46 1.02
C SER C 258 24.89 6.03 2.13
N GLU C 259 23.82 5.35 1.76
CA GLU C 259 22.88 4.80 2.74
C GLU C 259 23.49 3.61 3.46
N LEU C 260 24.66 3.20 3.02
CA LEU C 260 25.31 2.01 3.52
C LEU C 260 26.15 2.28 4.76
N CYS C 261 26.56 3.53 4.99
CA CYS C 261 27.37 3.83 6.18
C CYS C 261 26.64 4.76 7.15
N CYS C 262 25.39 5.07 6.81
CA CYS C 262 24.51 5.81 7.69
C CYS C 262 23.94 4.87 8.77
N LYS C 263 24.76 4.54 9.76
CA LYS C 263 24.35 3.61 10.83
C LYS C 263 23.23 4.17 11.71
N PRO C 264 22.10 3.46 11.80
CA PRO C 264 20.92 3.91 12.53
C PRO C 264 21.08 3.78 14.04
N LEU C 265 20.74 4.82 14.78
CA LEU C 265 20.98 4.87 16.22
C LEU C 265 19.67 4.77 17.00
N CYS C 266 18.63 5.39 16.44
CA CYS C 266 17.30 5.39 17.04
C CYS C 266 16.18 5.54 16.03
N LEU C 267 15.15 4.70 16.14
CA LEU C 267 13.95 4.82 15.32
C LEU C 267 12.73 5.04 16.21
N MET C 268 11.88 5.97 15.82
CA MET C 268 10.67 6.29 16.58
C MET C 268 9.47 6.58 15.68
N LEU C 269 8.28 6.48 16.26
CA LEU C 269 7.06 6.81 15.54
C LEU C 269 6.42 8.11 16.03
N ALA C 270 7.05 9.23 15.68
CA ALA C 270 6.54 10.54 16.08
C ALA C 270 6.65 11.52 14.92
N ASP C 271 6.04 12.69 15.07
CA ASP C 271 6.17 13.75 14.08
C ASP C 271 7.35 14.63 14.50
N GLU C 272 8.22 14.96 13.56
CA GLU C 272 9.43 15.75 13.87
C GLU C 272 9.09 17.18 14.29
N SER C 273 7.81 17.52 14.20
CA SER C 273 7.29 18.80 14.64
C SER C 273 6.81 18.70 16.09
N ASP C 274 6.43 17.48 16.49
CA ASP C 274 6.01 17.20 17.85
C ASP C 274 7.22 17.32 18.76
N HIS C 275 7.47 18.54 19.22
CA HIS C 275 8.68 18.86 19.95
C HIS C 275 8.81 18.08 21.25
N GLU C 276 7.75 18.04 22.05
CA GLU C 276 7.83 17.51 23.41
C GLU C 276 8.32 16.08 23.42
N THR C 277 7.73 15.27 22.54
CA THR C 277 8.06 13.85 22.53
C THR C 277 9.43 13.66 21.88
N LEU C 278 9.72 14.42 20.84
CA LEU C 278 11.00 14.33 20.16
C LEU C 278 12.14 14.59 21.13
N THR C 279 11.97 15.60 21.98
CA THR C 279 12.96 15.91 22.99
C THR C 279 12.97 14.82 24.06
N ALA C 280 11.80 14.25 24.34
CA ALA C 280 11.70 13.15 25.30
C ALA C 280 12.60 12.00 24.90
N ILE C 281 12.53 11.63 23.61
CA ILE C 281 13.27 10.50 23.09
C ILE C 281 14.74 10.82 22.86
N LEU C 282 15.02 11.94 22.21
CA LEU C 282 16.37 12.21 21.79
C LEU C 282 17.25 12.71 22.91
N SER C 283 16.67 13.41 23.88
CA SER C 283 17.52 13.99 24.91
C SER C 283 18.37 12.98 25.69
N PRO C 284 17.88 11.73 25.89
CA PRO C 284 18.79 10.74 26.51
C PRO C 284 20.03 10.41 25.66
N LEU C 285 19.80 10.21 24.36
CA LEU C 285 20.90 10.06 23.41
C LEU C 285 21.85 11.23 23.48
N ILE C 286 21.28 12.45 23.44
CA ILE C 286 22.11 13.66 23.45
C ILE C 286 22.94 13.68 24.72
N ALA C 287 22.37 13.20 25.82
CA ALA C 287 23.08 13.09 27.09
C ALA C 287 24.28 12.18 26.98
N GLU C 288 24.07 11.00 26.38
CA GLU C 288 25.15 10.05 26.21
C GLU C 288 26.26 10.64 25.32
N ARG C 289 25.82 11.34 24.28
CA ARG C 289 26.71 12.04 23.36
C ARG C 289 27.60 13.02 24.11
N GLU C 290 26.95 13.89 24.87
CA GLU C 290 27.63 14.90 25.67
C GLU C 290 28.64 14.26 26.60
N ALA C 291 28.19 13.26 27.35
CA ALA C 291 29.05 12.57 28.32
C ALA C 291 30.29 12.03 27.64
N MET C 292 30.11 11.56 26.40
CA MET C 292 31.24 11.08 25.61
C MET C 292 32.21 12.16 25.15
N LYS C 293 31.69 13.37 24.93
CA LYS C 293 32.52 14.47 24.43
C LYS C 293 33.78 14.73 25.26
N SER C 294 33.72 14.40 26.55
CA SER C 294 34.82 14.71 27.47
C SER C 294 35.38 13.43 28.09
N SER C 295 35.76 12.49 27.24
CA SER C 295 36.29 11.21 27.70
C SER C 295 36.95 10.40 26.60
N GLU C 296 37.63 9.33 27.00
CA GLU C 296 38.35 8.48 26.05
C GLU C 296 37.97 7.00 26.17
N LEU C 297 37.85 6.35 25.02
CA LEU C 297 37.36 4.98 24.95
C LEU C 297 38.52 4.00 24.84
N THR C 298 38.53 2.98 25.71
CA THR C 298 39.55 1.93 25.63
C THR C 298 38.96 0.63 25.07
N LEU C 299 39.54 0.16 23.98
CA LEU C 299 38.95 -0.91 23.20
C LEU C 299 40.02 -1.76 22.52
N GLU C 300 40.00 -3.07 22.78
CA GLU C 300 40.98 -3.98 22.19
C GLU C 300 40.70 -4.22 20.72
N MET C 301 41.73 -4.10 19.88
CA MET C 301 41.57 -4.37 18.46
C MET C 301 42.40 -5.57 18.07
N GLY C 302 43.60 -5.33 17.55
CA GLY C 302 44.47 -6.41 17.11
C GLY C 302 44.96 -7.23 18.28
N GLY C 303 44.03 -7.60 19.16
CA GLY C 303 44.34 -8.29 20.41
C GLY C 303 45.03 -7.40 21.43
N ILE C 304 45.15 -6.11 21.11
CA ILE C 304 45.86 -5.14 21.95
C ILE C 304 45.06 -3.85 22.12
N PRO C 305 45.05 -3.28 23.34
CA PRO C 305 44.16 -2.17 23.67
C PRO C 305 44.51 -0.85 22.97
N ARG C 306 43.47 -0.17 22.43
CA ARG C 306 43.63 1.13 21.80
C ARG C 306 42.73 2.18 22.46
N THR C 307 43.04 3.46 22.25
CA THR C 307 42.24 4.54 22.82
C THR C 307 41.69 5.51 21.75
N PHE C 308 40.43 5.89 21.92
CA PHE C 308 39.70 6.69 20.93
C PHE C 308 39.06 7.93 21.54
N LYS C 309 39.14 9.04 20.80
CA LYS C 309 38.45 10.30 21.14
C LYS C 309 37.45 10.64 20.04
N PHE C 310 36.34 11.28 20.38
CA PHE C 310 35.34 11.57 19.35
C PHE C 310 35.07 13.06 19.09
N ILE C 311 34.61 13.35 17.89
CA ILE C 311 34.20 14.70 17.50
C ILE C 311 32.85 14.59 16.81
N PHE C 312 31.83 15.25 17.34
CA PHE C 312 30.51 15.09 16.76
C PHE C 312 30.08 16.29 15.93
N ARG C 313 30.10 16.13 14.62
CA ARG C 313 29.61 17.17 13.74
C ARG C 313 28.19 16.85 13.29
N GLY C 314 27.21 17.51 13.92
CA GLY C 314 25.82 17.24 13.60
C GLY C 314 25.36 18.02 12.38
N THR C 315 25.42 17.41 11.20
CA THR C 315 25.19 18.23 10.01
C THR C 315 24.07 17.75 9.13
N GLY C 316 23.75 16.47 9.20
CA GLY C 316 22.72 15.94 8.31
C GLY C 316 21.32 16.27 8.78
N TYR C 317 21.01 17.56 8.84
CA TYR C 317 19.70 17.98 9.31
C TYR C 317 19.00 18.86 8.28
N ASP C 318 17.73 18.56 8.04
CA ASP C 318 16.81 19.43 7.33
C ASP C 318 16.78 20.82 8.02
N GLU C 319 16.45 21.88 7.27
CA GLU C 319 16.42 23.23 7.84
C GLU C 319 15.36 23.38 8.94
N LYS C 320 14.13 22.91 8.67
CA LYS C 320 13.03 23.01 9.62
C LYS C 320 13.44 22.47 10.96
N LEU C 321 14.18 21.39 10.89
CA LEU C 321 14.64 20.69 12.07
C LEU C 321 15.80 21.39 12.76
N VAL C 322 16.67 22.03 11.99
CA VAL C 322 17.76 22.79 12.60
C VAL C 322 17.15 23.93 13.41
N ARG C 323 16.16 24.59 12.85
CA ARG C 323 15.50 25.66 13.58
C ARG C 323 14.83 25.08 14.83
N GLU C 324 14.11 23.98 14.65
CA GLU C 324 13.51 23.24 15.76
C GLU C 324 14.48 23.05 16.93
N VAL C 325 15.60 22.40 16.65
CA VAL C 325 16.50 21.99 17.72
C VAL C 325 17.45 23.09 18.16
N GLU C 326 17.43 24.22 17.47
CA GLU C 326 18.35 25.29 17.83
C GLU C 326 17.67 26.56 18.32
N GLY C 327 16.34 26.51 18.49
CA GLY C 327 15.61 27.60 19.12
C GLY C 327 15.07 28.69 18.22
N LEU C 328 15.08 28.48 16.92
CA LEU C 328 14.57 29.48 15.99
C LEU C 328 13.12 29.18 15.62
N GLU C 329 12.38 30.18 15.17
CA GLU C 329 11.04 29.92 14.66
C GLU C 329 11.10 29.25 13.28
N ALA C 330 10.51 28.06 13.16
CA ALA C 330 10.65 27.19 11.99
C ALA C 330 9.38 27.04 11.14
N SER C 331 9.03 28.02 10.32
CA SER C 331 9.92 29.10 9.92
C SER C 331 9.14 30.40 9.81
N GLY C 332 8.35 30.67 10.86
CA GLY C 332 7.52 31.87 10.94
C GLY C 332 8.30 33.15 11.18
N SER C 333 9.63 33.06 11.05
CA SER C 333 10.53 34.17 11.37
C SER C 333 11.07 34.96 10.17
N VAL C 334 11.48 36.18 10.48
CA VAL C 334 12.06 37.08 9.49
C VAL C 334 13.60 37.00 9.59
N TYR C 335 14.10 36.46 10.70
CA TYR C 335 15.52 36.13 10.77
C TYR C 335 15.66 34.76 10.09
N ILE C 336 16.24 34.75 8.89
CA ILE C 336 16.10 33.60 8.00
C ILE C 336 17.28 32.64 7.93
N CYS C 337 18.38 32.95 8.58
CA CYS C 337 19.58 32.17 8.37
C CYS C 337 20.02 31.45 9.65
N THR C 338 20.36 30.18 9.55
CA THR C 338 20.78 29.44 10.73
C THR C 338 22.28 29.59 10.95
N LEU C 339 22.92 30.43 10.16
CA LEU C 339 24.36 30.62 10.25
C LEU C 339 24.76 32.06 10.57
N CYS C 340 23.87 33.01 10.27
CA CYS C 340 24.13 34.41 10.60
C CYS C 340 22.89 35.17 11.04
N ASP C 341 23.09 36.37 11.59
CA ASP C 341 22.02 37.11 12.24
C ASP C 341 21.24 37.99 11.26
N THR C 342 21.37 37.71 9.96
CA THR C 342 20.74 38.56 8.97
C THR C 342 19.23 38.46 8.97
N THR C 343 18.59 39.43 8.31
CA THR C 343 17.14 39.46 8.14
C THR C 343 16.78 39.28 6.67
N ARG C 344 15.51 39.06 6.40
CA ARG C 344 15.04 38.78 5.05
C ARG C 344 15.33 39.95 4.13
N LEU C 345 15.18 41.15 4.69
CA LEU C 345 15.36 42.39 3.94
C LEU C 345 16.80 42.81 3.79
N GLU C 346 17.53 42.79 4.90
CA GLU C 346 18.94 43.14 4.90
C GLU C 346 19.71 42.25 3.95
N ALA C 347 19.30 40.98 3.89
CA ALA C 347 19.95 39.98 3.06
C ALA C 347 19.47 40.07 1.62
N SER C 348 18.36 40.77 1.42
CA SER C 348 17.84 40.98 0.07
C SER C 348 18.58 42.13 -0.64
N GLN C 349 19.25 42.97 0.14
CA GLN C 349 19.91 44.17 -0.38
C GLN C 349 21.41 43.93 -0.54
N ASN C 350 22.04 43.48 0.54
CA ASN C 350 23.40 42.94 0.46
C ASN C 350 23.31 41.43 0.27
N LEU C 351 23.69 40.94 -0.90
CA LEU C 351 23.45 39.53 -1.21
C LEU C 351 24.54 38.59 -0.72
N VAL C 352 25.81 38.96 -0.92
CA VAL C 352 26.89 37.97 -0.77
C VAL C 352 27.91 38.23 0.36
N PHE C 353 27.69 39.23 1.21
CA PHE C 353 28.70 39.52 2.24
C PHE C 353 28.23 39.30 3.68
N HIS C 354 28.39 38.06 4.16
CA HIS C 354 28.00 37.73 5.52
C HIS C 354 28.94 36.76 6.20
N SER C 355 29.45 37.16 7.35
CA SER C 355 30.29 36.27 8.12
C SER C 355 29.43 35.24 8.84
N ILE C 356 29.99 34.06 9.07
CA ILE C 356 29.32 33.08 9.91
C ILE C 356 29.54 33.45 11.36
N THR C 357 28.44 33.59 12.11
CA THR C 357 28.52 34.07 13.48
C THR C 357 27.61 33.34 14.46
N ARG C 358 26.72 32.49 13.96
CA ARG C 358 25.88 31.69 14.86
C ARG C 358 26.59 30.42 15.33
N SER C 359 26.26 29.99 16.53
CA SER C 359 26.77 28.75 17.08
C SER C 359 25.77 28.20 18.09
N HIS C 360 25.87 26.91 18.40
CA HIS C 360 24.99 26.33 19.41
C HIS C 360 25.18 27.08 20.74
N ALA C 361 26.42 27.37 21.10
CA ALA C 361 26.70 28.10 22.32
C ALA C 361 25.95 29.45 22.36
N GLU C 362 26.07 30.19 21.28
CA GLU C 362 25.44 31.51 21.16
C GLU C 362 23.94 31.41 21.29
N ASN C 363 23.33 30.41 20.64
CA ASN C 363 21.89 30.25 20.72
C ASN C 363 21.43 29.90 22.12
N LEU C 364 22.26 29.15 22.84
CA LEU C 364 21.94 28.84 24.23
C LEU C 364 21.89 30.09 25.07
N GLN C 365 22.95 30.89 24.97
CA GLN C 365 23.01 32.18 25.67
C GLN C 365 21.83 33.06 25.35
N ARG C 366 21.55 33.16 24.07
CA ARG C 366 20.48 34.00 23.62
C ARG C 366 19.15 33.55 24.19
N TYR C 367 18.86 32.24 24.19
CA TYR C 367 17.62 31.80 24.79
C TYR C 367 17.60 32.29 26.23
N GLU C 368 18.70 32.15 26.95
CA GLU C 368 18.66 32.60 28.35
C GLU C 368 18.31 34.08 28.48
N VAL C 369 18.95 34.91 27.66
CA VAL C 369 18.67 36.33 27.66
C VAL C 369 17.19 36.59 27.38
N TRP C 370 16.63 35.93 26.36
CA TRP C 370 15.21 36.07 26.07
C TRP C 370 14.31 35.64 27.24
N ARG C 371 14.70 34.61 27.97
CA ARG C 371 13.85 34.15 29.06
C ARG C 371 13.89 35.11 30.26
N SER C 372 15.09 35.55 30.63
CA SER C 372 15.27 36.39 31.80
C SER C 372 15.03 37.88 31.51
N ASN C 373 15.25 38.29 30.26
CA ASN C 373 15.05 39.69 29.83
C ASN C 373 15.71 40.72 30.73
N PRO C 374 17.04 40.65 30.89
CA PRO C 374 17.82 41.35 31.91
C PRO C 374 17.84 42.86 31.72
N TYR C 375 17.50 43.29 30.51
CA TYR C 375 17.58 44.68 30.15
C TYR C 375 16.19 45.32 30.09
N HIS C 376 15.18 44.57 30.54
CA HIS C 376 13.79 45.01 30.58
C HIS C 376 13.35 45.69 29.30
N GLU C 377 13.16 44.90 28.25
CA GLU C 377 12.83 45.45 26.95
C GLU C 377 11.45 45.05 26.49
N SER C 378 10.94 45.76 25.49
CA SER C 378 9.70 45.38 24.88
C SER C 378 9.94 44.13 24.07
N VAL C 379 8.86 43.48 23.67
CA VAL C 379 8.96 42.24 22.90
C VAL C 379 9.77 42.42 21.61
N GLU C 380 9.65 43.56 20.95
CA GLU C 380 10.40 43.78 19.70
C GLU C 380 11.87 44.09 19.95
N GLU C 381 12.13 44.87 20.99
CA GLU C 381 13.49 45.19 21.37
C GLU C 381 14.23 43.93 21.74
N LEU C 382 13.55 43.06 22.48
CA LEU C 382 14.11 41.79 22.92
C LEU C 382 14.34 40.86 21.75
N ARG C 383 13.30 40.68 20.96
CA ARG C 383 13.37 39.87 19.74
C ARG C 383 14.57 40.31 18.91
N ASP C 384 14.86 41.60 18.92
CA ASP C 384 16.02 42.12 18.21
C ASP C 384 17.33 41.81 18.91
N ARG C 385 17.35 41.92 20.23
CA ARG C 385 18.60 41.65 20.94
C ARG C 385 19.03 40.22 20.70
N VAL C 386 18.07 39.29 20.69
CA VAL C 386 18.39 37.84 20.59
C VAL C 386 18.30 37.25 19.18
N LYS C 387 17.83 38.03 18.22
CA LYS C 387 17.96 37.67 16.81
C LYS C 387 17.22 36.39 16.43
N GLY C 388 16.02 36.21 16.96
CA GLY C 388 15.13 35.12 16.55
C GLY C 388 15.07 33.92 17.47
N VAL C 389 15.97 33.88 18.45
CA VAL C 389 16.12 32.74 19.34
C VAL C 389 15.21 32.83 20.56
N SER C 390 13.93 32.51 20.39
CA SER C 390 12.99 32.62 21.51
C SER C 390 12.71 31.27 22.17
N ALA C 391 13.39 30.24 21.69
CA ALA C 391 13.23 28.88 22.21
C ALA C 391 14.58 28.28 22.58
N LYS C 392 14.58 27.30 23.48
CA LYS C 392 15.84 26.73 23.95
C LYS C 392 16.32 25.55 23.10
N PRO C 393 17.54 25.67 22.57
CA PRO C 393 18.14 24.60 21.75
C PRO C 393 18.36 23.35 22.58
N PHE C 394 18.29 22.17 21.99
CA PHE C 394 18.64 20.97 22.75
C PHE C 394 19.50 19.98 21.99
N ILE C 395 19.82 20.25 20.73
CA ILE C 395 20.78 19.42 20.01
C ILE C 395 21.89 20.27 19.41
N GLU C 396 23.13 19.98 19.78
CA GLU C 396 24.26 20.72 19.22
C GLU C 396 24.45 20.36 17.74
N THR C 397 24.22 21.34 16.88
CA THR C 397 24.50 21.13 15.46
C THR C 397 25.62 22.05 15.03
N VAL C 398 26.31 21.67 13.97
CA VAL C 398 27.31 22.52 13.35
C VAL C 398 26.63 23.57 12.47
N PRO C 399 27.14 24.81 12.48
CA PRO C 399 26.64 25.82 11.52
C PRO C 399 27.05 25.51 10.08
N SER C 400 26.32 24.63 9.40
CA SER C 400 26.71 24.30 8.05
C SER C 400 25.52 24.23 7.10
N ILE C 401 25.75 23.59 5.96
CA ILE C 401 24.74 23.42 4.94
C ILE C 401 24.56 21.95 4.58
N ASP C 402 23.33 21.48 4.61
CA ASP C 402 23.05 20.17 4.06
C ASP C 402 22.93 20.26 2.55
N ALA C 403 23.89 19.67 1.84
CA ALA C 403 23.89 19.81 0.39
C ALA C 403 22.61 19.28 -0.25
N LEU C 404 22.03 18.23 0.34
CA LEU C 404 20.82 17.61 -0.20
C LEU C 404 19.64 18.56 -0.15
N HIS C 405 19.28 19.00 1.05
CA HIS C 405 18.16 19.90 1.20
C HIS C 405 18.43 21.23 0.52
N CYS C 406 19.70 21.51 0.28
CA CYS C 406 20.06 22.68 -0.48
C CYS C 406 19.62 22.52 -1.93
N ASP C 407 20.08 21.46 -2.58
CA ASP C 407 19.69 21.17 -3.96
C ASP C 407 18.17 21.07 -4.12
N ILE C 408 17.55 20.35 -3.20
CA ILE C 408 16.10 20.22 -3.13
C ILE C 408 15.41 21.57 -3.05
N GLY C 409 15.82 22.40 -2.10
CA GLY C 409 15.17 23.67 -1.86
C GLY C 409 15.33 24.65 -3.02
N ASN C 410 16.54 24.74 -3.55
CA ASN C 410 16.79 25.55 -4.72
C ASN C 410 15.90 25.15 -5.89
N ALA C 411 15.90 23.86 -6.21
CA ALA C 411 15.08 23.37 -7.31
C ALA C 411 13.61 23.70 -7.06
N ALA C 412 13.19 23.54 -5.80
CA ALA C 412 11.81 23.80 -5.42
C ALA C 412 11.48 25.26 -5.60
N GLU C 413 12.52 26.11 -5.62
CA GLU C 413 12.34 27.53 -5.92
C GLU C 413 12.27 27.79 -7.42
N PHE C 414 13.19 27.18 -8.18
CA PHE C 414 13.17 27.24 -9.65
C PHE C 414 11.82 26.80 -10.23
N TYR C 415 11.16 25.88 -9.53
CA TYR C 415 9.86 25.36 -9.93
C TYR C 415 8.79 26.45 -9.87
N LYS C 416 8.74 27.15 -8.74
CA LYS C 416 7.80 28.25 -8.55
C LYS C 416 8.17 29.41 -9.47
N ILE C 417 9.45 29.50 -9.82
CA ILE C 417 9.88 30.49 -10.81
C ILE C 417 9.24 30.20 -12.16
N PHE C 418 9.39 28.97 -12.60
CA PHE C 418 8.78 28.50 -13.83
C PHE C 418 7.29 28.78 -13.84
N GLN C 419 6.62 28.47 -12.73
CA GLN C 419 5.21 28.80 -12.59
C GLN C 419 4.96 30.29 -12.83
N LEU C 420 5.73 31.12 -12.15
CA LEU C 420 5.52 32.56 -12.19
C LEU C 420 6.06 33.23 -13.45
N GLU C 421 6.65 32.47 -14.36
CA GLU C 421 7.19 33.08 -15.56
C GLU C 421 6.55 32.55 -16.84
N ILE C 422 5.94 31.37 -16.78
CA ILE C 422 5.07 31.00 -17.89
C ILE C 422 3.83 31.86 -17.72
N GLY C 423 3.56 32.26 -16.49
CA GLY C 423 2.59 33.30 -16.23
C GLY C 423 3.32 34.62 -16.36
N GLU C 424 2.68 35.72 -16.01
CA GLU C 424 3.35 37.01 -16.13
C GLU C 424 3.09 37.91 -14.92
N VAL C 425 3.82 37.72 -13.83
CA VAL C 425 3.58 38.50 -12.62
C VAL C 425 4.14 39.91 -12.76
N TYR C 426 5.26 40.01 -13.46
CA TYR C 426 5.90 41.29 -13.71
C TYR C 426 5.12 42.11 -14.75
N LYS C 427 4.04 41.54 -15.27
CA LYS C 427 3.13 42.30 -16.12
C LYS C 427 1.91 42.70 -15.32
N HIS C 428 1.22 41.71 -14.75
CA HIS C 428 0.09 42.01 -13.88
C HIS C 428 0.48 41.57 -12.46
N PRO C 429 0.63 42.55 -11.56
CA PRO C 429 0.93 42.24 -10.16
C PRO C 429 -0.32 41.76 -9.44
N ASN C 430 -1.21 41.12 -10.19
CA ASN C 430 -2.47 40.61 -9.68
C ASN C 430 -2.34 39.14 -9.32
N ALA C 431 -2.41 38.86 -8.01
CA ALA C 431 -2.29 37.50 -7.52
C ALA C 431 -3.60 36.75 -7.71
N SER C 432 -3.81 36.23 -8.92
CA SER C 432 -4.99 35.42 -9.20
C SER C 432 -4.64 33.96 -8.99
N LYS C 433 -4.95 33.47 -7.79
CA LYS C 433 -4.53 32.13 -7.36
C LYS C 433 -5.04 31.05 -8.30
N GLU C 434 -6.20 31.28 -8.89
CA GLU C 434 -6.72 30.36 -9.88
C GLU C 434 -5.80 30.33 -11.10
N GLU C 435 -5.40 31.51 -11.56
CA GLU C 435 -4.52 31.62 -12.71
C GLU C 435 -3.11 31.07 -12.41
N ARG C 436 -2.63 31.30 -11.18
CA ARG C 436 -1.38 30.70 -10.72
C ARG C 436 -1.42 29.18 -10.86
N LYS C 437 -2.48 28.58 -10.34
CA LYS C 437 -2.68 27.14 -10.42
C LYS C 437 -2.88 26.64 -11.85
N ARG C 438 -3.38 27.53 -12.72
CA ARG C 438 -3.43 27.24 -14.15
C ARG C 438 -2.00 27.07 -14.68
N TRP C 439 -1.13 27.95 -14.20
CA TRP C 439 0.28 27.94 -14.58
C TRP C 439 1.02 26.70 -14.09
N GLN C 440 0.84 26.35 -12.82
CA GLN C 440 1.44 25.13 -12.30
C GLN C 440 0.90 23.91 -13.05
N ALA C 441 -0.40 23.95 -13.35
CA ALA C 441 -1.06 22.86 -14.08
C ALA C 441 -0.41 22.63 -15.44
N THR C 442 -0.34 23.68 -16.25
CA THR C 442 0.24 23.58 -17.59
C THR C 442 1.74 23.26 -17.53
N LEU C 443 2.41 23.68 -16.46
CA LEU C 443 3.83 23.39 -16.29
C LEU C 443 4.09 21.92 -16.03
N ASP C 444 3.46 21.37 -15.00
CA ASP C 444 3.59 19.94 -14.72
C ASP C 444 3.12 19.09 -15.91
N LYS C 445 2.03 19.53 -16.53
CA LYS C 445 1.51 18.93 -17.76
C LYS C 445 2.60 18.79 -18.82
N HIS C 446 3.27 19.90 -19.17
CA HIS C 446 4.31 19.88 -20.19
C HIS C 446 5.52 19.06 -19.73
N LEU C 447 5.73 19.03 -18.41
CA LEU C 447 6.83 18.28 -17.82
C LEU C 447 6.62 16.77 -17.97
N ARG C 448 5.36 16.33 -17.99
CA ARG C 448 5.05 14.92 -18.14
C ARG C 448 5.47 14.36 -19.51
N LYS C 449 5.22 15.10 -20.59
CA LYS C 449 5.45 14.54 -21.92
C LYS C 449 6.91 14.66 -22.38
N ARG C 450 7.53 15.81 -22.17
CA ARG C 450 8.87 16.02 -22.70
C ARG C 450 9.99 15.53 -21.77
N MET C 451 9.72 15.45 -20.47
CA MET C 451 10.76 15.02 -19.52
C MET C 451 10.44 13.75 -18.70
N ASN C 452 9.22 13.23 -18.85
CA ASN C 452 8.79 12.05 -18.09
C ASN C 452 8.88 12.27 -16.59
N LEU C 453 8.32 13.40 -16.14
CA LEU C 453 8.35 13.78 -14.74
C LEU C 453 6.95 13.76 -14.14
N LYS C 454 6.64 12.70 -13.39
CA LYS C 454 5.38 12.63 -12.67
C LYS C 454 5.41 13.58 -11.48
N PRO C 455 4.49 14.54 -11.46
CA PRO C 455 4.40 15.59 -10.44
C PRO C 455 4.15 15.06 -9.03
N ILE C 456 4.84 15.66 -8.07
CA ILE C 456 4.69 15.28 -6.68
C ILE C 456 4.82 16.52 -5.80
N MET C 457 4.01 16.61 -4.77
CA MET C 457 4.21 17.63 -3.74
C MET C 457 5.18 17.07 -2.74
N ARG C 458 5.80 17.95 -1.95
CA ARG C 458 7.00 17.59 -1.18
C ARG C 458 8.04 17.05 -2.17
N MET C 459 8.76 17.97 -2.81
CA MET C 459 9.79 17.61 -3.78
C MET C 459 10.95 16.87 -3.14
N ASN C 460 11.38 15.78 -3.77
CA ASN C 460 12.54 15.03 -3.31
C ASN C 460 13.79 15.38 -4.12
N GLY C 461 14.89 14.69 -3.83
CA GLY C 461 16.16 15.01 -4.44
C GLY C 461 16.28 14.49 -5.85
N ASN C 462 15.48 13.49 -6.19
CA ASN C 462 15.50 12.96 -7.55
C ASN C 462 14.83 13.93 -8.52
N PHE C 463 13.65 14.45 -8.11
CA PHE C 463 12.95 15.48 -8.89
C PHE C 463 13.89 16.65 -9.14
N ALA C 464 14.61 17.05 -8.09
CA ALA C 464 15.57 18.14 -8.16
C ALA C 464 16.76 17.82 -9.07
N ARG C 465 17.20 16.57 -9.08
CA ARG C 465 18.30 16.20 -9.95
C ARG C 465 17.87 16.29 -11.41
N LYS C 466 16.64 15.83 -11.65
CA LYS C 466 16.09 15.76 -12.99
C LYS C 466 15.69 17.15 -13.52
N LEU C 467 15.43 18.08 -12.61
CA LEU C 467 14.87 19.37 -12.97
C LEU C 467 15.94 20.42 -13.28
N MET C 468 17.08 20.31 -12.62
CA MET C 468 18.13 21.30 -12.75
C MET C 468 19.15 20.95 -13.85
N THR C 469 18.65 20.82 -15.09
CA THR C 469 19.53 20.64 -16.25
C THR C 469 19.16 21.64 -17.36
N GLN C 470 20.10 21.88 -18.27
CA GLN C 470 19.89 22.84 -19.36
C GLN C 470 18.78 22.35 -20.31
N GLU C 471 18.60 21.02 -20.38
CA GLU C 471 17.52 20.42 -21.17
C GLU C 471 16.15 20.86 -20.67
N THR C 472 16.00 20.97 -19.36
CA THR C 472 14.74 21.39 -18.77
C THR C 472 14.46 22.84 -19.11
N VAL C 473 15.53 23.59 -19.30
CA VAL C 473 15.43 24.97 -19.75
C VAL C 473 14.91 24.98 -21.19
N ASP C 474 15.55 24.19 -22.06
CA ASP C 474 15.13 24.09 -23.46
C ASP C 474 13.65 23.72 -23.57
N ALA C 475 13.20 22.79 -22.73
CA ALA C 475 11.81 22.33 -22.81
C ALA C 475 10.83 23.31 -22.16
N VAL C 476 11.27 24.03 -21.13
CA VAL C 476 10.38 24.94 -20.41
C VAL C 476 10.28 26.26 -21.13
N CYS C 477 11.20 26.48 -22.05
CA CYS C 477 11.24 27.69 -22.86
C CYS C 477 10.01 27.75 -23.78
N GLU C 478 9.46 26.58 -24.10
CA GLU C 478 8.34 26.48 -25.04
C GLU C 478 7.05 27.04 -24.46
N LEU C 479 7.04 27.38 -23.18
CA LEU C 479 5.80 27.81 -22.53
C LEU C 479 5.79 29.28 -22.15
N ILE C 480 6.87 29.99 -22.46
CA ILE C 480 7.00 31.41 -22.10
C ILE C 480 6.75 32.29 -23.32
N PRO C 481 5.87 33.30 -23.16
CA PRO C 481 5.52 34.17 -24.29
C PRO C 481 6.72 35.00 -24.75
N SER C 482 7.41 35.62 -23.82
CA SER C 482 8.56 36.45 -24.15
C SER C 482 9.70 35.60 -24.68
N GLU C 483 10.55 36.22 -25.49
CA GLU C 483 11.76 35.59 -26.01
C GLU C 483 12.93 36.21 -25.25
N GLU C 484 12.62 37.27 -24.51
CA GLU C 484 13.59 38.01 -23.72
C GLU C 484 13.95 37.28 -22.43
N ARG C 485 12.94 36.65 -21.80
CA ARG C 485 13.12 35.97 -20.52
C ARG C 485 13.90 34.66 -20.67
N HIS C 486 13.90 34.10 -21.88
CA HIS C 486 14.53 32.81 -22.14
C HIS C 486 16.03 32.83 -21.87
N GLU C 487 16.71 33.89 -22.31
CA GLU C 487 18.15 33.99 -22.09
C GLU C 487 18.44 34.26 -20.62
N ALA C 488 17.51 34.95 -19.96
CA ALA C 488 17.62 35.17 -18.52
C ALA C 488 17.65 33.83 -17.80
N LEU C 489 16.74 32.95 -18.20
CA LEU C 489 16.71 31.59 -17.65
C LEU C 489 17.95 30.79 -17.99
N ARG C 490 18.46 30.95 -19.21
CA ARG C 490 19.68 30.25 -19.61
C ARG C 490 20.88 30.67 -18.78
N GLU C 491 21.04 31.97 -18.58
CA GLU C 491 22.17 32.49 -17.81
C GLU C 491 22.01 32.14 -16.34
N LEU C 492 20.80 32.27 -15.84
CA LEU C 492 20.47 31.89 -14.47
C LEU C 492 20.88 30.45 -14.21
N MET C 493 20.27 29.55 -14.97
CA MET C 493 20.53 28.13 -14.82
C MET C 493 22.01 27.76 -14.98
N ASP C 494 22.64 28.27 -16.04
CA ASP C 494 24.04 27.90 -16.31
C ASP C 494 24.92 28.40 -15.18
N LEU C 495 24.57 29.54 -14.59
CA LEU C 495 25.33 30.06 -13.46
C LEU C 495 25.16 29.18 -12.22
N TYR C 496 23.90 28.82 -11.97
CA TYR C 496 23.56 27.92 -10.89
C TYR C 496 24.33 26.60 -11.01
N LEU C 497 24.47 26.11 -12.23
CA LEU C 497 25.11 24.82 -12.48
C LEU C 497 26.63 24.96 -12.53
N LYS C 498 27.10 26.18 -12.73
CA LYS C 498 28.52 26.47 -12.62
C LYS C 498 28.90 26.48 -11.15
N MET C 499 27.91 26.79 -10.30
CA MET C 499 28.14 26.88 -8.85
C MET C 499 27.94 25.56 -8.09
N LYS C 500 26.86 24.85 -8.41
CA LYS C 500 26.45 23.62 -7.73
C LYS C 500 27.55 22.60 -7.40
N PRO C 501 28.46 22.33 -8.35
CA PRO C 501 29.47 21.32 -8.02
C PRO C 501 30.39 21.69 -6.89
N VAL C 502 30.45 22.96 -6.52
CA VAL C 502 31.42 23.41 -5.51
C VAL C 502 30.96 23.02 -4.11
N TRP C 503 29.66 23.14 -3.87
CA TRP C 503 29.12 22.73 -2.59
C TRP C 503 28.55 21.31 -2.61
N ARG C 504 28.35 20.76 -3.80
CA ARG C 504 27.81 19.41 -3.96
C ARG C 504 28.90 18.35 -3.84
N SER C 505 30.10 18.67 -4.32
CA SER C 505 31.22 17.75 -4.32
C SER C 505 31.68 17.35 -2.92
N SER C 506 32.13 16.11 -2.78
CA SER C 506 32.68 15.67 -1.52
C SER C 506 34.06 16.26 -1.35
N CYS C 507 34.61 16.80 -2.44
CA CYS C 507 35.91 17.46 -2.36
C CYS C 507 36.21 18.30 -3.61
N PRO C 508 35.90 19.61 -3.56
CA PRO C 508 36.07 20.53 -4.69
C PRO C 508 37.55 20.90 -4.91
N ALA C 509 38.39 20.47 -3.98
CA ALA C 509 39.84 20.58 -4.11
C ALA C 509 40.35 19.60 -5.18
N LYS C 510 39.55 18.56 -5.43
CA LYS C 510 39.85 17.61 -6.50
C LYS C 510 38.95 17.88 -7.69
N GLU C 511 37.66 17.61 -7.50
CA GLU C 511 36.67 17.79 -8.55
C GLU C 511 36.52 19.29 -8.79
N CYS C 512 36.46 19.68 -10.07
CA CYS C 512 36.27 21.09 -10.50
C CYS C 512 36.97 22.21 -9.71
N PRO C 513 38.30 22.18 -9.61
CA PRO C 513 38.93 23.30 -8.89
C PRO C 513 38.76 24.61 -9.68
N GLU C 514 38.38 24.47 -10.95
CA GLU C 514 38.10 25.61 -11.80
C GLU C 514 36.77 26.23 -11.37
N SER C 515 35.78 25.41 -11.10
CA SER C 515 34.49 25.90 -10.63
C SER C 515 34.63 26.52 -9.25
N LEU C 516 35.65 26.05 -8.51
CA LEU C 516 35.95 26.60 -7.20
C LEU C 516 36.55 28.00 -7.32
N CYS C 517 37.59 28.15 -8.15
CA CYS C 517 38.22 29.46 -8.27
C CYS C 517 37.23 30.44 -8.89
N GLN C 518 36.47 29.99 -9.88
CA GLN C 518 35.50 30.84 -10.58
C GLN C 518 34.26 31.16 -9.76
N TYR C 519 34.18 30.62 -8.55
CA TYR C 519 32.93 30.70 -7.77
C TYR C 519 32.58 32.13 -7.40
N SER C 520 33.61 32.92 -7.13
CA SER C 520 33.38 34.30 -6.77
C SER C 520 32.61 35.04 -7.86
N PHE C 521 33.13 34.97 -9.09
CA PHE C 521 32.52 35.69 -10.21
C PHE C 521 31.12 35.19 -10.52
N ASN C 522 30.95 33.88 -10.57
CA ASN C 522 29.65 33.29 -10.85
C ASN C 522 28.64 33.64 -9.76
N SER C 523 29.10 33.65 -8.52
CA SER C 523 28.29 34.07 -7.40
C SER C 523 27.79 35.51 -7.60
N GLN C 524 28.74 36.41 -7.86
CA GLN C 524 28.43 37.83 -8.08
C GLN C 524 27.44 38.05 -9.21
N ARG C 525 27.73 37.50 -10.39
CA ARG C 525 26.86 37.69 -11.54
C ARG C 525 25.49 37.07 -11.29
N PHE C 526 25.45 35.99 -10.52
CA PHE C 526 24.18 35.38 -10.12
C PHE C 526 23.40 36.41 -9.33
N ALA C 527 24.09 37.08 -8.41
CA ALA C 527 23.47 38.11 -7.61
C ALA C 527 22.97 39.29 -8.47
N GLU C 528 23.80 39.77 -9.40
CA GLU C 528 23.40 40.87 -10.28
C GLU C 528 22.13 40.48 -11.04
N LEU C 529 22.12 39.23 -11.53
CA LEU C 529 21.03 38.71 -12.33
C LEU C 529 19.75 38.55 -11.52
N LEU C 530 19.90 38.30 -10.22
CA LEU C 530 18.75 38.25 -9.32
C LEU C 530 18.22 39.64 -9.06
N SER C 531 19.15 40.59 -8.94
CA SER C 531 18.86 41.98 -8.57
C SER C 531 17.98 42.68 -9.59
N THR C 532 18.28 42.48 -10.87
CA THR C 532 17.55 43.12 -11.94
C THR C 532 16.45 42.25 -12.54
N LYS C 533 16.88 41.32 -13.38
CA LYS C 533 15.98 40.60 -14.26
C LYS C 533 14.93 39.76 -13.54
N PHE C 534 15.13 39.44 -12.27
CA PHE C 534 14.12 38.66 -11.54
C PHE C 534 13.65 39.42 -10.29
N LYS C 535 13.69 40.74 -10.38
CA LYS C 535 13.33 41.61 -9.27
C LYS C 535 11.91 41.36 -8.76
N TYR C 536 11.02 40.93 -9.65
CA TYR C 536 9.57 40.89 -9.36
C TYR C 536 9.20 39.96 -8.21
N ARG C 537 10.13 39.10 -7.81
CA ARG C 537 9.93 38.28 -6.64
C ARG C 537 11.02 38.56 -5.62
N TYR C 538 12.25 38.74 -6.12
CA TYR C 538 13.42 38.79 -5.25
C TYR C 538 13.90 40.20 -4.93
N GLU C 539 12.94 41.04 -4.54
CA GLU C 539 13.23 42.38 -4.09
C GLU C 539 12.57 42.55 -2.76
N GLY C 540 13.37 42.66 -1.71
CA GLY C 540 12.86 42.75 -0.35
C GLY C 540 12.60 41.37 0.21
N LYS C 541 12.31 40.44 -0.70
CA LYS C 541 12.10 39.04 -0.36
C LYS C 541 13.24 38.23 -0.97
N ILE C 542 13.63 37.16 -0.29
CA ILE C 542 14.63 36.24 -0.80
C ILE C 542 14.59 34.94 -0.01
N THR C 543 14.91 33.85 -0.70
CA THR C 543 14.84 32.52 -0.14
C THR C 543 16.07 32.20 0.67
N ASN C 544 15.87 31.40 1.72
CA ASN C 544 16.93 31.01 2.62
C ASN C 544 18.10 30.34 1.90
N TYR C 545 17.78 29.42 0.98
CA TYR C 545 18.84 28.63 0.38
C TYR C 545 19.68 29.43 -0.60
N PHE C 546 19.07 30.38 -1.29
CA PHE C 546 19.83 31.31 -2.12
C PHE C 546 20.82 32.11 -1.26
N HIS C 547 20.33 32.64 -0.13
CA HIS C 547 21.19 33.32 0.82
C HIS C 547 22.38 32.46 1.21
N LYS C 548 22.12 31.28 1.76
CA LYS C 548 23.21 30.41 2.19
C LYS C 548 24.20 30.13 1.07
N THR C 549 23.68 29.79 -0.11
CA THR C 549 24.50 29.54 -1.30
C THR C 549 25.44 30.69 -1.67
N LEU C 550 24.89 31.90 -1.74
CA LEU C 550 25.67 33.06 -2.16
C LEU C 550 26.66 33.55 -1.08
N ALA C 551 26.20 33.55 0.17
CA ALA C 551 26.91 34.23 1.25
C ALA C 551 27.89 33.35 2.01
N HIS C 552 27.60 32.05 2.12
CA HIS C 552 28.29 31.27 3.14
C HIS C 552 29.14 30.12 2.62
N VAL C 553 28.97 29.76 1.36
CA VAL C 553 29.67 28.61 0.81
C VAL C 553 31.20 28.71 0.91
N PRO C 554 31.81 29.79 0.38
CA PRO C 554 33.28 29.76 0.37
C PRO C 554 33.89 29.74 1.78
N GLU C 555 33.19 30.34 2.74
CA GLU C 555 33.67 30.33 4.13
C GLU C 555 33.56 28.94 4.70
N ILE C 556 32.45 28.26 4.39
CA ILE C 556 32.26 26.90 4.90
C ILE C 556 33.30 25.97 4.31
N ILE C 557 33.55 26.07 3.00
CA ILE C 557 34.54 25.25 2.35
C ILE C 557 35.93 25.51 2.93
N GLU C 558 36.27 26.79 3.12
CA GLU C 558 37.53 27.16 3.76
C GLU C 558 37.63 26.52 5.15
N ARG C 559 36.51 26.41 5.83
CA ARG C 559 36.45 25.87 7.18
C ARG C 559 36.54 24.33 7.28
N ASP C 560 35.85 23.63 6.37
CA ASP C 560 35.58 22.20 6.51
C ASP C 560 36.14 21.35 5.38
N GLY C 561 36.78 21.99 4.40
CA GLY C 561 37.32 21.26 3.27
C GLY C 561 36.27 20.99 2.20
N SER C 562 35.04 20.72 2.62
CA SER C 562 33.93 20.52 1.69
C SER C 562 32.57 20.71 2.33
N ILE C 563 31.53 20.68 1.51
CA ILE C 563 30.17 20.73 2.02
C ILE C 563 29.40 19.45 1.63
N GLY C 564 29.64 18.98 0.42
CA GLY C 564 28.98 17.80 -0.10
C GLY C 564 29.13 16.60 0.81
N ALA C 565 30.29 16.47 1.41
CA ALA C 565 30.61 15.30 2.23
C ALA C 565 29.79 15.24 3.52
N TRP C 566 29.07 16.30 3.86
CA TRP C 566 28.41 16.36 5.16
C TRP C 566 26.89 16.38 5.04
N ALA C 567 26.38 15.80 3.96
CA ALA C 567 24.95 15.84 3.69
C ALA C 567 24.23 14.66 4.30
N SER C 568 22.91 14.66 4.18
CA SER C 568 22.09 13.48 4.48
C SER C 568 22.15 12.56 3.28
N GLU C 569 21.86 11.27 3.47
CA GLU C 569 22.02 10.30 2.40
C GLU C 569 21.25 10.78 1.18
N GLY C 570 21.92 10.83 0.03
CA GLY C 570 21.35 11.44 -1.17
C GLY C 570 20.25 10.60 -1.82
N ASN C 571 19.80 9.57 -1.12
CA ASN C 571 18.72 8.72 -1.61
C ASN C 571 17.48 8.77 -0.72
N GLU C 572 17.60 9.40 0.46
CA GLU C 572 16.48 9.59 1.37
C GLU C 572 15.73 8.27 1.60
N SER C 573 16.44 7.16 1.44
CA SER C 573 15.79 5.88 1.32
C SER C 573 15.43 5.28 2.66
N GLY C 574 15.43 6.13 3.69
CA GLY C 574 15.07 5.69 5.03
C GLY C 574 13.70 5.03 5.03
N ASN C 575 12.75 5.64 4.33
CA ASN C 575 11.43 5.06 4.22
C ASN C 575 11.45 3.68 3.58
N LYS C 576 11.85 3.66 2.31
CA LYS C 576 12.04 2.43 1.53
C LYS C 576 12.56 1.29 2.38
N LEU C 577 13.67 1.58 3.05
CA LEU C 577 14.37 0.61 3.85
C LEU C 577 13.52 0.14 5.03
N PHE C 578 12.92 1.09 5.74
CA PHE C 578 12.10 0.72 6.88
C PHE C 578 11.04 -0.29 6.50
N ARG C 579 10.40 0.00 5.37
CA ARG C 579 9.41 -0.89 4.80
C ARG C 579 9.99 -2.28 4.54
N ARG C 580 11.07 -2.35 3.77
CA ARG C 580 11.67 -3.63 3.41
C ARG C 580 11.97 -4.48 4.65
N PHE C 581 12.64 -3.87 5.61
CA PHE C 581 13.04 -4.56 6.81
C PHE C 581 11.84 -5.07 7.56
N ARG C 582 10.78 -4.27 7.60
CA ARG C 582 9.60 -4.72 8.30
C ARG C 582 9.05 -5.99 7.64
N LYS C 583 8.93 -5.98 6.32
CA LYS C 583 8.47 -7.20 5.62
C LYS C 583 9.34 -8.41 5.97
N MET C 584 10.62 -8.21 6.26
CA MET C 584 11.48 -9.36 6.57
C MET C 584 11.20 -10.19 7.84
N ASN C 585 10.11 -9.93 8.57
CA ASN C 585 9.81 -10.71 9.78
C ASN C 585 8.35 -11.07 9.98
N ALA C 586 8.12 -11.84 11.04
CA ALA C 586 6.78 -12.26 11.40
C ALA C 586 5.94 -11.10 11.89
N ARG C 587 4.65 -11.13 11.55
CA ARG C 587 3.71 -10.12 12.03
C ARG C 587 3.54 -10.25 13.53
N GLN C 588 4.39 -9.56 14.29
CA GLN C 588 4.32 -9.62 15.75
C GLN C 588 3.92 -8.28 16.31
N SER C 589 3.93 -8.17 17.63
CA SER C 589 3.68 -6.91 18.32
C SER C 589 4.60 -5.84 17.79
N LYS C 590 4.06 -4.66 17.53
CA LYS C 590 4.80 -3.57 16.89
C LYS C 590 6.09 -3.18 17.64
N CYS C 591 6.13 -3.40 18.95
CA CYS C 591 7.37 -3.25 19.71
C CYS C 591 8.49 -4.16 19.20
N TYR C 592 8.23 -5.47 19.19
CA TYR C 592 9.23 -6.44 18.73
C TYR C 592 9.53 -6.23 17.24
N GLU C 593 8.50 -5.84 16.50
CA GLU C 593 8.63 -5.50 15.09
C GLU C 593 9.69 -4.41 14.92
N MET C 594 9.54 -3.35 15.70
CA MET C 594 10.50 -2.24 15.70
C MET C 594 11.90 -2.73 16.07
N GLU C 595 11.98 -3.53 17.12
CA GLU C 595 13.23 -4.14 17.55
C GLU C 595 13.93 -4.80 16.34
N ASP C 596 13.15 -5.56 15.59
CA ASP C 596 13.66 -6.26 14.42
C ASP C 596 14.14 -5.28 13.35
N VAL C 597 13.36 -4.24 13.08
CA VAL C 597 13.75 -3.27 12.06
C VAL C 597 15.06 -2.54 12.39
N LEU C 598 15.21 -2.16 13.65
CA LEU C 598 16.46 -1.55 14.08
C LEU C 598 17.64 -2.50 13.92
N LYS C 599 17.51 -3.74 14.43
CA LYS C 599 18.59 -4.72 14.26
C LYS C 599 18.99 -4.90 12.79
N HIS C 600 18.01 -5.09 11.93
CA HIS C 600 18.32 -5.44 10.56
C HIS C 600 18.92 -4.25 9.84
N HIS C 601 18.49 -3.05 10.22
CA HIS C 601 19.07 -1.84 9.64
C HIS C 601 20.54 -1.69 10.05
N TRP C 602 20.80 -1.95 11.33
CA TRP C 602 22.17 -1.89 11.81
C TRP C 602 23.05 -2.86 11.03
N LEU C 603 22.56 -4.09 10.85
CA LEU C 603 23.31 -5.09 10.10
C LEU C 603 23.50 -4.67 8.65
N TYR C 604 22.52 -3.99 8.11
CA TYR C 604 22.59 -3.54 6.73
C TYR C 604 23.75 -2.57 6.56
N THR C 605 24.02 -1.80 7.61
CA THR C 605 25.09 -0.81 7.51
C THR C 605 26.46 -1.24 8.04
N SER C 606 26.69 -2.55 8.10
CA SER C 606 27.96 -3.10 8.56
C SER C 606 28.99 -3.29 7.45
N LYS C 607 30.18 -2.72 7.60
CA LYS C 607 31.21 -2.83 6.56
C LYS C 607 31.67 -4.29 6.46
N TYR C 608 31.59 -5.02 7.57
CA TYR C 608 32.03 -6.41 7.58
C TYR C 608 31.23 -7.29 6.64
N LEU C 609 29.91 -7.31 6.82
CA LEU C 609 29.03 -8.11 5.94
C LEU C 609 29.16 -7.56 4.53
N GLN C 610 29.31 -6.24 4.41
CA GLN C 610 29.47 -5.65 3.10
C GLN C 610 30.70 -6.14 2.35
N LYS C 611 31.77 -6.51 3.03
CA LYS C 611 32.92 -7.09 2.30
C LYS C 611 32.53 -8.34 1.49
N PHE C 612 31.74 -9.21 2.12
CA PHE C 612 31.22 -10.44 1.50
C PHE C 612 30.40 -10.18 0.25
N MET C 613 29.47 -9.24 0.35
CA MET C 613 28.56 -8.95 -0.74
C MET C 613 29.30 -8.27 -1.89
N ASN C 614 30.49 -7.74 -1.62
CA ASN C 614 31.25 -7.09 -2.68
C ASN C 614 32.51 -7.89 -3.07
N ALA C 615 32.58 -9.13 -2.59
CA ALA C 615 33.69 -10.04 -2.88
C ALA C 615 33.80 -10.47 -4.34
N HIS C 616 32.75 -10.25 -5.13
CA HIS C 616 32.70 -10.76 -6.49
C HIS C 616 33.47 -9.89 -7.47
N ASN C 617 34.09 -8.84 -6.96
CA ASN C 617 35.03 -8.05 -7.76
C ASN C 617 36.18 -7.59 -6.89
N ALA C 618 36.59 -8.49 -6.01
CA ALA C 618 37.72 -8.27 -5.13
C ALA C 618 38.76 -9.40 -5.32
N SER D 1 -25.54 21.94 33.71
CA SER D 1 -25.76 22.04 32.27
C SER D 1 -24.45 22.24 31.53
N LEU D 2 -24.11 21.29 30.65
CA LEU D 2 -22.85 21.35 29.92
C LEU D 2 -23.05 21.20 28.41
N GLN D 3 -22.13 21.76 27.62
CA GLN D 3 -22.27 21.76 26.17
C GLN D 3 -20.93 21.73 25.43
N MET D 4 -20.94 21.15 24.22
CA MET D 4 -19.77 21.08 23.33
C MET D 4 -19.36 22.45 22.77
N VAL D 5 -18.09 22.80 22.94
CA VAL D 5 -17.55 24.08 22.43
C VAL D 5 -16.50 23.89 21.32
N THR D 6 -16.67 24.60 20.20
CA THR D 6 -15.74 24.47 19.09
C THR D 6 -14.70 25.57 19.16
N VAL D 7 -13.46 25.24 18.85
CA VAL D 7 -12.37 26.20 18.77
C VAL D 7 -12.09 26.46 17.30
N GLY D 8 -11.37 27.53 17.00
CA GLY D 8 -11.20 27.90 15.61
C GLY D 8 -9.79 27.87 15.08
N HIS D 9 -9.13 29.02 15.11
CA HIS D 9 -7.90 29.26 14.33
C HIS D 9 -6.72 28.38 14.76
N ASN D 10 -6.35 28.42 16.04
CA ASN D 10 -5.21 27.63 16.52
C ASN D 10 -5.55 26.73 17.72
N ILE D 11 -6.37 25.71 17.46
CA ILE D 11 -6.72 24.71 18.45
C ILE D 11 -5.48 23.95 18.89
N ALA D 12 -4.59 23.74 17.94
CA ALA D 12 -3.45 22.85 18.08
C ALA D 12 -2.59 23.12 19.31
N LEU D 13 -2.59 24.37 19.76
CA LEU D 13 -1.71 24.76 20.84
C LEU D 13 -2.18 24.21 22.18
N ILE D 14 -3.42 23.71 22.20
CA ILE D 14 -3.98 23.10 23.40
C ILE D 14 -3.40 21.72 23.66
N GLN D 15 -3.05 21.45 24.91
CA GLN D 15 -2.44 20.18 25.28
C GLN D 15 -2.75 19.86 26.73
N PRO D 16 -2.77 18.56 27.06
CA PRO D 16 -2.93 18.17 28.45
C PRO D 16 -1.92 18.88 29.33
N GLY D 17 -2.35 19.33 30.50
CA GLY D 17 -1.45 19.99 31.41
C GLY D 17 -1.54 21.50 31.36
N PHE D 18 -2.22 22.01 30.34
CA PHE D 18 -2.42 23.44 30.23
C PHE D 18 -3.09 23.97 31.48
N SER D 19 -2.87 25.25 31.75
CA SER D 19 -3.52 25.88 32.88
C SER D 19 -4.36 27.06 32.40
N LEU D 20 -5.48 27.28 33.09
CA LEU D 20 -6.28 28.47 32.87
C LEU D 20 -6.14 29.33 34.13
N MET D 21 -6.09 30.64 33.96
CA MET D 21 -6.14 31.53 35.12
C MET D 21 -7.11 32.68 34.85
N ASN D 22 -7.73 33.14 35.94
CA ASN D 22 -8.86 34.04 35.86
C ASN D 22 -8.55 35.37 36.52
N PHE D 23 -8.73 36.45 35.76
CA PHE D 23 -8.51 37.79 36.29
C PHE D 23 -9.75 38.66 36.12
N ASP D 24 -10.43 38.89 37.25
CA ASP D 24 -11.58 39.79 37.35
C ASP D 24 -12.53 39.68 36.16
N GLY D 25 -12.84 38.44 35.78
CA GLY D 25 -13.78 38.18 34.70
C GLY D 25 -13.17 37.55 33.46
N GLN D 26 -11.94 37.93 33.13
CA GLN D 26 -11.32 37.44 31.91
C GLN D 26 -10.56 36.12 32.11
N VAL D 27 -10.73 35.21 31.15
CA VAL D 27 -10.10 33.90 31.18
C VAL D 27 -8.86 33.86 30.30
N PHE D 28 -7.73 33.44 30.86
CA PHE D 28 -6.49 33.40 30.09
C PHE D 28 -5.82 32.04 30.13
N PHE D 29 -5.24 31.65 28.99
CA PHE D 29 -4.71 30.33 28.73
C PHE D 29 -3.18 30.30 28.70
N PHE D 30 -2.60 29.29 29.35
CA PHE D 30 -1.16 29.15 29.45
C PHE D 30 -0.68 27.69 29.33
N GLY D 31 0.48 27.50 28.72
CA GLY D 31 1.11 26.20 28.60
C GLY D 31 0.78 25.59 27.27
N GLN D 32 1.04 26.32 26.19
CA GLN D 32 0.73 25.82 24.87
C GLN D 32 1.64 24.64 24.51
N LYS D 33 1.21 23.88 23.50
CA LYS D 33 2.05 22.85 22.92
C LYS D 33 3.12 23.48 22.03
N GLY D 34 4.37 23.09 22.24
CA GLY D 34 5.47 23.67 21.48
C GLY D 34 5.95 24.96 22.09
N TRP D 35 7.05 25.47 21.56
CA TRP D 35 7.51 26.80 21.94
C TRP D 35 6.69 27.86 21.20
N PRO D 36 6.62 29.07 21.78
CA PRO D 36 5.77 30.12 21.22
C PRO D 36 6.23 30.55 19.83
N LYS D 37 5.29 30.66 18.89
CA LYS D 37 5.62 31.03 17.51
C LYS D 37 5.71 32.53 17.38
N ARG D 38 6.13 33.00 16.21
CA ARG D 38 6.25 34.43 15.94
C ARG D 38 4.92 35.15 16.18
N SER D 39 3.81 34.47 15.89
CA SER D 39 2.47 35.04 16.03
C SER D 39 2.01 35.34 17.49
N CYS D 40 2.72 34.79 18.49
CA CYS D 40 2.49 35.10 19.92
C CYS D 40 3.65 34.62 20.79
N PRO D 41 4.69 35.45 20.93
CA PRO D 41 5.95 35.08 21.60
C PRO D 41 5.83 34.79 23.09
N THR D 42 4.71 35.12 23.70
CA THR D 42 4.55 34.92 25.14
C THR D 42 3.98 33.54 25.44
N GLY D 43 3.11 33.08 24.54
CA GLY D 43 2.44 31.80 24.71
C GLY D 43 1.22 31.92 25.62
N VAL D 44 0.87 33.15 26.00
CA VAL D 44 -0.30 33.41 26.84
C VAL D 44 -1.44 33.97 26.01
N PHE D 45 -2.65 33.47 26.23
CA PHE D 45 -3.73 33.82 25.33
C PHE D 45 -5.05 34.23 25.99
N HIS D 46 -5.76 35.14 25.33
CA HIS D 46 -7.16 35.37 25.60
C HIS D 46 -7.98 34.13 25.26
N PHE D 47 -8.67 33.63 26.29
CA PHE D 47 -9.54 32.47 26.18
C PHE D 47 -10.98 32.93 26.06
N ASP D 48 -11.36 33.38 24.88
CA ASP D 48 -12.71 33.91 24.68
C ASP D 48 -13.75 32.85 24.34
N ILE D 49 -14.59 32.52 25.31
CA ILE D 49 -15.74 31.65 25.07
C ILE D 49 -17.04 32.46 24.88
N LYS D 50 -17.45 32.60 23.62
CA LYS D 50 -18.72 33.25 23.28
C LYS D 50 -19.61 32.29 22.52
N GLN D 51 -20.88 32.24 22.94
CA GLN D 51 -21.91 31.37 22.37
C GLN D 51 -21.37 30.01 21.96
N ASN D 52 -20.83 29.29 22.96
CA ASN D 52 -20.29 27.95 22.75
C ASN D 52 -19.22 27.87 21.65
N HIS D 53 -18.34 28.88 21.62
CA HIS D 53 -17.21 28.90 20.68
C HIS D 53 -15.98 29.56 21.31
N LEU D 54 -14.81 28.98 21.05
CA LEU D 54 -13.55 29.44 21.64
C LEU D 54 -12.57 30.05 20.65
N LYS D 55 -12.25 31.33 20.86
CA LYS D 55 -11.15 31.96 20.13
C LYS D 55 -10.00 32.25 21.08
N LEU D 56 -8.79 31.91 20.64
CA LEU D 56 -7.57 32.15 21.42
C LEU D 56 -6.78 33.32 20.85
N LYS D 57 -6.92 34.50 21.44
CA LYS D 57 -6.23 35.66 20.90
C LYS D 57 -4.91 35.88 21.64
N PRO D 58 -3.89 36.47 20.98
CA PRO D 58 -2.61 36.65 21.66
C PRO D 58 -2.67 37.58 22.87
N ALA D 59 -1.62 37.61 23.67
CA ALA D 59 -1.51 38.58 24.76
C ALA D 59 -0.07 39.02 24.94
N ILE D 60 0.14 40.24 25.43
CA ILE D 60 1.48 40.82 25.56
C ILE D 60 1.97 40.86 27.01
N PHE D 61 3.28 41.03 27.18
CA PHE D 61 3.89 41.12 28.50
C PHE D 61 4.38 42.53 28.79
N SER D 62 4.78 42.77 30.02
CA SER D 62 5.31 44.07 30.41
C SER D 62 6.68 44.29 29.79
N LYS D 63 7.18 45.50 29.98
CA LYS D 63 8.47 45.85 29.44
C LYS D 63 9.56 45.26 30.33
N ASP D 64 9.18 44.69 31.47
CA ASP D 64 10.18 44.24 32.44
C ASP D 64 9.94 42.83 32.98
N SER D 65 9.10 42.08 32.30
CA SER D 65 8.76 40.74 32.74
C SER D 65 9.75 39.69 32.18
N CYS D 66 9.74 38.49 32.78
CA CYS D 66 10.44 37.35 32.23
C CYS D 66 9.56 36.71 31.17
N TYR D 67 10.17 36.10 30.15
CA TYR D 67 9.39 35.45 29.10
C TYR D 67 9.37 33.95 29.33
N LEU D 68 8.42 33.52 30.16
CA LEU D 68 8.39 32.18 30.72
C LEU D 68 8.02 31.11 29.70
N PRO D 69 8.67 29.93 29.84
CA PRO D 69 8.44 28.79 28.96
C PRO D 69 7.07 28.21 29.16
N PRO D 70 6.49 27.57 28.13
CA PRO D 70 5.27 26.80 28.40
C PRO D 70 5.55 25.73 29.44
N LEU D 71 5.03 25.91 30.66
CA LEU D 71 5.12 24.85 31.67
C LEU D 71 3.90 23.94 31.53
N ARG D 72 4.11 22.63 31.71
CA ARG D 72 3.10 21.64 31.34
C ARG D 72 2.32 21.08 32.53
N TYR D 73 2.95 20.84 33.66
CA TYR D 73 2.12 20.48 34.80
C TYR D 73 2.54 21.29 36.02
N PRO D 74 2.28 22.61 35.98
CA PRO D 74 2.70 23.55 37.02
C PRO D 74 1.76 23.56 38.21
N ALA D 75 2.23 23.98 39.37
CA ALA D 75 1.31 24.27 40.47
C ALA D 75 0.91 25.73 40.42
N THR D 76 -0.40 25.97 40.28
CA THR D 76 -0.91 27.33 40.12
C THR D 76 -1.84 27.70 41.27
N CYS D 77 -1.85 28.98 41.62
CA CYS D 77 -2.83 29.48 42.60
C CYS D 77 -3.04 31.00 42.53
N SER D 78 -3.78 31.56 43.48
CA SER D 78 -4.09 32.99 43.51
C SER D 78 -3.55 33.75 44.73
N TYR D 79 -3.87 35.04 44.79
CA TYR D 79 -3.43 35.92 45.88
C TYR D 79 -4.32 37.16 45.83
N LYS D 80 -4.91 37.52 46.97
CA LYS D 80 -5.75 38.72 47.06
C LYS D 80 -5.05 39.83 47.84
N HIS D 88 -4.13 41.81 43.52
CA HIS D 88 -4.56 40.47 43.10
C HIS D 88 -3.66 39.88 42.01
N GLN D 89 -3.26 38.62 42.16
CA GLN D 89 -2.32 37.99 41.21
C GLN D 89 -2.31 36.45 41.24
N TYR D 90 -1.66 35.83 40.25
CA TYR D 90 -1.56 34.35 40.15
C TYR D 90 -0.11 33.85 40.29
N ILE D 91 0.08 32.66 40.86
CA ILE D 91 1.43 32.10 41.07
C ILE D 91 1.64 30.74 40.40
N ILE D 92 2.81 30.57 39.78
CA ILE D 92 3.16 29.35 39.03
C ILE D 92 4.52 28.74 39.40
N HIS D 93 4.52 27.45 39.74
CA HIS D 93 5.77 26.71 40.02
C HIS D 93 5.54 25.21 40.14
N GLY D 94 6.31 24.36 39.46
CA GLY D 94 7.21 24.72 38.38
C GLY D 94 6.65 24.03 37.15
N GLY D 95 7.23 22.91 36.70
CA GLY D 95 6.61 22.17 35.60
C GLY D 95 7.53 21.55 34.57
N LYS D 96 7.01 21.37 33.36
CA LYS D 96 7.73 20.69 32.27
C LYS D 96 7.86 21.55 31.01
N THR D 97 9.06 22.04 30.73
CA THR D 97 9.28 22.86 29.53
C THR D 97 9.15 21.97 28.30
N PRO D 98 9.00 22.56 27.10
CA PRO D 98 8.84 21.67 25.94
C PRO D 98 10.12 20.91 25.54
N ASN D 99 11.15 21.00 26.38
CA ASN D 99 12.38 20.23 26.20
C ASN D 99 12.50 19.15 27.26
N ASN D 100 11.36 18.83 27.87
CA ASN D 100 11.25 17.80 28.91
C ASN D 100 12.10 18.07 30.11
N GLU D 101 12.51 19.32 30.29
CA GLU D 101 13.18 19.77 31.50
C GLU D 101 12.16 20.12 32.54
N LEU D 102 12.59 20.12 33.79
CA LEU D 102 11.67 20.44 34.87
C LEU D 102 11.98 21.78 35.52
N SER D 103 10.99 22.67 35.54
CA SER D 103 11.20 24.01 36.06
C SER D 103 11.16 24.01 37.57
N ASP D 104 12.27 24.44 38.18
CA ASP D 104 12.32 24.57 39.62
C ASP D 104 12.04 26.02 40.03
N LYS D 105 11.62 26.81 39.05
CA LYS D 105 11.46 28.26 39.22
C LYS D 105 10.01 28.66 39.50
N ILE D 106 9.86 29.71 40.31
CA ILE D 106 8.56 30.34 40.54
C ILE D 106 8.42 31.59 39.71
N TYR D 107 7.38 31.62 38.88
CA TYR D 107 7.03 32.82 38.14
C TYR D 107 5.76 33.38 38.76
N ILE D 108 5.67 34.71 38.86
CA ILE D 108 4.45 35.36 39.38
C ILE D 108 3.79 36.19 38.30
N MET D 109 2.55 35.82 38.00
CA MET D 109 1.78 36.48 36.95
C MET D 109 0.87 37.54 37.54
N SER D 110 1.24 38.80 37.32
CA SER D 110 0.40 39.92 37.70
C SER D 110 -0.29 40.46 36.44
N VAL D 111 -1.25 41.35 36.61
CA VAL D 111 -1.77 42.07 35.46
C VAL D 111 -1.25 43.51 35.59
N ALA D 112 -0.84 44.11 34.48
CA ALA D 112 -0.07 45.33 34.55
C ALA D 112 -0.68 46.51 33.81
N CYS D 113 -1.81 46.30 33.14
CA CYS D 113 -2.33 47.37 32.29
C CYS D 113 -3.82 47.44 32.03
N LYS D 114 -4.29 48.69 32.08
CA LYS D 114 -5.65 49.13 31.75
C LYS D 114 -6.21 48.38 30.55
N ASN D 115 -7.51 48.14 30.56
CA ASN D 115 -8.12 47.21 29.61
C ASN D 115 -9.12 47.88 28.66
N ASN D 116 -8.65 48.13 27.44
CA ASN D 116 -9.55 48.59 26.37
C ASN D 116 -9.90 47.39 25.49
N LYS D 117 -9.14 47.20 24.42
CA LYS D 117 -9.34 46.04 23.57
C LYS D 117 -8.72 44.79 24.22
N LYS D 118 -7.41 44.89 24.50
CA LYS D 118 -6.61 43.79 25.03
C LYS D 118 -5.97 44.19 26.37
N VAL D 119 -5.26 43.25 27.00
CA VAL D 119 -4.55 43.53 28.25
C VAL D 119 -3.11 43.02 28.21
N THR D 120 -2.30 43.44 29.19
CA THR D 120 -0.91 42.98 29.29
C THR D 120 -0.53 42.59 30.72
N PHE D 121 0.29 41.55 30.83
CA PHE D 121 0.64 40.97 32.13
C PHE D 121 2.04 41.33 32.57
N ARG D 122 2.28 41.27 33.88
CA ARG D 122 3.65 41.26 34.35
C ARG D 122 3.97 39.83 34.69
N CYS D 123 5.22 39.44 34.48
CA CYS D 123 5.66 38.09 34.75
C CYS D 123 6.99 38.16 35.48
N THR D 124 6.99 37.87 36.77
CA THR D 124 8.20 38.08 37.55
C THR D 124 8.75 36.81 38.18
N GLU D 125 9.93 36.40 37.75
CA GLU D 125 10.58 35.27 38.37
C GLU D 125 11.00 35.66 39.78
N LYS D 126 10.56 34.90 40.78
CA LYS D 126 11.03 35.09 42.13
C LYS D 126 12.01 33.97 42.45
N ASP D 127 13.25 34.34 42.72
CA ASP D 127 14.27 33.35 43.07
C ASP D 127 14.11 32.97 44.54
N LEU D 128 14.74 31.87 44.96
CA LEU D 128 14.55 31.33 46.30
C LEU D 128 15.84 30.95 47.03
N VAL D 129 15.85 31.18 48.35
CA VAL D 129 16.90 30.69 49.23
C VAL D 129 16.34 29.57 50.13
N GLY D 130 17.15 28.58 50.46
CA GLY D 130 16.70 27.51 51.32
C GLY D 130 17.73 26.44 51.67
N ASP D 131 17.32 25.20 51.98
CA ASP D 131 15.93 24.67 52.02
C ASP D 131 15.12 24.80 50.72
N VAL D 132 15.84 24.80 49.59
CA VAL D 132 15.25 24.99 48.26
C VAL D 132 14.54 23.74 47.68
N PRO D 133 13.27 23.88 47.28
CA PRO D 133 12.45 22.78 46.78
C PRO D 133 13.00 22.17 45.50
N GLU D 134 12.81 20.86 45.34
CA GLU D 134 13.29 20.09 44.18
C GLU D 134 12.38 20.28 42.94
N PRO D 135 12.99 20.46 41.76
CA PRO D 135 12.24 20.66 40.50
C PRO D 135 11.21 19.56 40.24
N ARG D 136 9.93 19.92 40.27
CA ARG D 136 8.88 18.91 40.18
C ARG D 136 7.72 19.29 39.25
N TYR D 137 6.73 18.40 39.14
CA TYR D 137 5.53 18.68 38.36
C TYR D 137 4.36 17.85 38.89
N GLY D 138 3.14 18.30 38.62
CA GLY D 138 1.95 17.61 39.10
C GLY D 138 1.63 17.83 40.58
N HIS D 139 2.37 18.73 41.21
CA HIS D 139 2.21 19.03 42.63
C HIS D 139 1.16 20.10 42.85
N SER D 140 0.99 20.55 44.09
CA SER D 140 -0.05 21.54 44.40
C SER D 140 0.47 22.72 45.24
N ILE D 141 0.02 23.91 44.88
CA ILE D 141 0.40 25.11 45.62
C ILE D 141 -0.85 25.91 46.00
N ASP D 142 -0.84 26.48 47.21
CA ASP D 142 -1.95 27.29 47.70
C ASP D 142 -1.54 28.40 48.67
N VAL D 143 -2.52 29.22 49.08
CA VAL D 143 -2.24 30.37 49.93
C VAL D 143 -2.98 30.35 51.27
N VAL D 144 -2.34 30.89 52.30
CA VAL D 144 -2.89 30.91 53.65
C VAL D 144 -2.73 32.24 54.40
N TYR D 145 -3.64 32.53 55.33
CA TYR D 145 -3.58 33.76 56.13
C TYR D 145 -3.52 33.43 57.62
N SER D 146 -2.31 33.42 58.18
CA SER D 146 -2.07 32.99 59.56
C SER D 146 -2.21 34.11 60.59
N ARG D 147 -1.42 34.02 61.65
CA ARG D 147 -1.34 35.08 62.65
C ARG D 147 -0.50 36.23 62.12
N GLY D 148 -0.92 36.81 61.01
CA GLY D 148 -0.19 37.89 60.36
C GLY D 148 1.01 37.42 59.57
N LYS D 149 0.88 37.42 58.25
CA LYS D 149 -0.36 37.81 57.58
C LYS D 149 -0.69 36.78 56.50
N SER D 150 0.29 36.48 55.66
CA SER D 150 0.10 35.59 54.52
C SER D 150 1.29 34.64 54.34
N MET D 151 1.04 33.47 53.74
CA MET D 151 2.07 32.47 53.49
C MET D 151 1.69 31.49 52.36
N GLY D 152 2.68 30.73 51.88
CA GLY D 152 2.44 29.79 50.79
C GLY D 152 2.67 28.32 51.14
N VAL D 153 1.80 27.46 50.63
CA VAL D 153 1.89 26.03 50.92
C VAL D 153 2.07 25.17 49.67
N LEU D 154 3.16 24.41 49.65
CA LEU D 154 3.52 23.60 48.49
C LEU D 154 3.66 22.13 48.84
N PHE D 155 2.77 21.29 48.32
CA PHE D 155 2.90 19.86 48.52
C PHE D 155 3.24 19.12 47.23
N GLY D 156 4.29 18.31 47.32
CA GLY D 156 4.99 17.77 46.17
C GLY D 156 4.26 16.89 45.19
N GLY D 157 4.91 16.68 44.04
CA GLY D 157 4.47 15.74 43.03
C GLY D 157 5.62 14.80 42.72
N ARG D 158 5.99 14.69 41.44
CA ARG D 158 7.08 13.79 41.03
C ARG D 158 8.16 14.42 40.14
N SER D 159 9.34 13.77 40.10
CA SER D 159 10.49 14.27 39.35
C SER D 159 11.47 13.18 38.92
N TYR D 160 12.47 13.59 38.15
CA TYR D 160 13.52 12.70 37.67
C TYR D 160 14.46 12.26 38.79
N MET D 161 15.34 11.31 38.50
CA MET D 161 16.31 10.83 39.47
C MET D 161 17.34 11.91 39.80
N PRO D 162 17.98 11.81 40.97
CA PRO D 162 19.10 12.69 41.28
C PRO D 162 20.23 12.55 40.27
N SER D 163 20.95 13.63 39.99
CA SER D 163 21.98 13.64 38.94
C SER D 163 23.24 12.89 39.38
N THR D 164 23.07 11.93 40.28
CA THR D 164 24.16 11.12 40.77
C THR D 164 23.74 9.68 40.61
N GLN D 165 22.43 9.48 40.67
CA GLN D 165 21.84 8.17 40.58
C GLN D 165 21.09 8.03 39.26
N ARG D 166 20.93 9.14 38.54
CA ARG D 166 20.20 9.13 37.27
C ARG D 166 21.04 8.49 36.19
N THR D 167 20.44 7.55 35.46
CA THR D 167 21.11 6.94 34.32
C THR D 167 20.36 7.26 33.01
N THR D 168 21.13 7.34 31.92
CA THR D 168 20.59 7.70 30.61
C THR D 168 19.70 6.63 30.04
N GLU D 169 19.94 5.38 30.46
CA GLU D 169 19.13 4.27 30.01
C GLU D 169 17.72 4.45 30.57
N LYS D 170 17.63 5.07 31.74
CA LYS D 170 16.35 5.38 32.38
C LYS D 170 16.19 6.87 32.62
N TRP D 171 16.47 7.65 31.58
CA TRP D 171 16.53 9.11 31.68
C TRP D 171 15.21 9.72 32.14
N ASN D 172 14.13 9.31 31.49
CA ASN D 172 12.83 9.93 31.70
C ASN D 172 11.99 9.29 32.78
N SER D 173 12.63 8.45 33.58
CA SER D 173 11.99 7.79 34.70
C SER D 173 11.66 8.78 35.81
N VAL D 174 10.37 8.94 36.08
CA VAL D 174 9.90 9.85 37.12
C VAL D 174 9.50 9.10 38.40
N ALA D 175 9.41 9.84 39.50
CA ALA D 175 9.05 9.27 40.80
C ALA D 175 8.57 10.36 41.76
N ASP D 176 7.51 10.09 42.51
CA ASP D 176 6.99 11.03 43.51
C ASP D 176 8.07 11.36 44.56
N CYS D 177 8.33 12.64 44.81
CA CYS D 177 9.38 13.01 45.78
C CYS D 177 8.87 13.04 47.22
N LEU D 178 9.80 13.05 48.17
CA LEU D 178 9.50 12.96 49.60
C LEU D 178 8.35 13.88 49.98
N PRO D 179 7.41 13.38 50.78
CA PRO D 179 6.19 14.12 51.13
C PRO D 179 6.43 15.29 52.10
N HIS D 180 7.57 15.97 51.97
CA HIS D 180 7.82 17.18 52.73
C HIS D 180 6.84 18.27 52.34
N VAL D 181 6.51 19.11 53.31
CA VAL D 181 5.66 20.27 53.07
C VAL D 181 6.52 21.53 52.95
N PHE D 182 6.31 22.27 51.87
CA PHE D 182 7.16 23.42 51.61
C PHE D 182 6.47 24.72 51.93
N LEU D 183 7.11 25.48 52.82
CA LEU D 183 6.60 26.76 53.29
C LEU D 183 7.25 27.91 52.52
N ILE D 184 6.41 28.77 51.94
CA ILE D 184 6.88 29.80 51.03
C ILE D 184 6.62 31.22 51.53
N ASP D 185 7.72 31.97 51.67
CA ASP D 185 7.73 33.41 51.94
C ASP D 185 8.00 34.17 50.65
N PHE D 186 6.94 34.67 50.01
CA PHE D 186 7.05 35.34 48.73
C PHE D 186 7.71 36.71 48.81
N GLU D 187 7.07 37.61 49.55
CA GLU D 187 7.47 39.02 49.63
C GLU D 187 8.94 39.15 50.02
N PHE D 188 9.45 38.18 50.78
CA PHE D 188 10.87 38.14 51.08
C PHE D 188 11.65 37.28 50.09
N GLY D 189 11.07 36.16 49.67
CA GLY D 189 11.73 35.29 48.72
C GLY D 189 12.56 34.21 49.39
N CYS D 190 11.95 33.50 50.33
CA CYS D 190 12.64 32.43 51.04
C CYS D 190 11.69 31.29 51.33
N ALA D 191 12.23 30.07 51.42
CA ALA D 191 11.39 28.90 51.65
C ALA D 191 12.01 27.99 52.70
N THR D 192 11.15 27.30 53.43
CA THR D 192 11.61 26.36 54.45
C THR D 192 10.75 25.10 54.41
N SER D 193 11.42 23.96 54.41
CA SER D 193 10.78 22.66 54.27
C SER D 193 10.54 21.98 55.61
N TYR D 194 9.47 21.20 55.69
CA TYR D 194 9.11 20.53 56.92
C TYR D 194 8.75 19.06 56.68
N ILE D 195 9.24 18.17 57.54
CA ILE D 195 8.91 16.76 57.44
C ILE D 195 7.64 16.44 58.25
N LEU D 196 6.71 15.74 57.61
CA LEU D 196 5.49 15.32 58.28
C LEU D 196 5.58 13.92 58.85
N PRO D 197 5.29 13.79 60.16
CA PRO D 197 5.12 12.48 60.79
C PRO D 197 3.89 11.74 60.24
N GLU D 198 2.83 12.49 59.97
CA GLU D 198 1.57 11.92 59.49
C GLU D 198 1.60 11.60 58.00
N LEU D 199 2.70 11.98 57.35
CA LEU D 199 2.82 11.78 55.92
C LEU D 199 4.20 11.28 55.51
N GLN D 200 4.25 10.07 54.95
CA GLN D 200 5.49 9.50 54.45
C GLN D 200 5.27 8.81 53.12
N ASP D 201 4.12 9.09 52.52
CA ASP D 201 3.76 8.58 51.19
C ASP D 201 3.58 9.72 50.20
N GLY D 202 4.45 9.76 49.19
CA GLY D 202 4.38 10.81 48.18
C GLY D 202 3.13 10.68 47.32
N LEU D 203 2.59 11.82 46.90
CA LEU D 203 1.38 11.86 46.07
C LEU D 203 1.55 12.84 44.92
N SER D 204 0.65 12.80 43.95
CA SER D 204 0.69 13.65 42.76
C SER D 204 -0.68 13.69 42.08
N PHE D 205 -0.85 14.62 41.13
CA PHE D 205 -2.10 14.71 40.37
C PHE D 205 -3.37 14.72 41.21
N HIS D 206 -3.26 15.29 42.40
CA HIS D 206 -4.39 15.28 43.32
C HIS D 206 -5.30 16.48 43.19
N VAL D 207 -5.80 16.94 44.33
CA VAL D 207 -6.70 18.10 44.42
C VAL D 207 -6.46 18.78 45.77
N SER D 208 -6.23 20.08 45.73
CA SER D 208 -5.98 20.84 46.95
C SER D 208 -7.03 21.92 47.15
N ILE D 209 -7.50 22.06 48.40
CA ILE D 209 -8.50 23.08 48.74
C ILE D 209 -8.15 23.70 50.10
N ALA D 210 -7.87 25.00 50.13
CA ALA D 210 -7.43 25.62 51.39
C ALA D 210 -8.18 26.91 51.74
N ARG D 211 -8.14 27.28 53.02
CA ARG D 211 -8.69 28.56 53.47
C ARG D 211 -8.13 28.93 54.84
N ASN D 212 -8.14 30.22 55.13
CA ASN D 212 -7.60 30.75 56.38
C ASN D 212 -6.16 30.27 56.57
N ASP D 213 -5.90 29.50 57.63
CA ASP D 213 -4.56 28.98 57.85
C ASP D 213 -4.52 27.46 57.81
N THR D 214 -5.58 26.87 57.23
CA THR D 214 -5.68 25.42 57.13
C THR D 214 -5.76 24.99 55.65
N VAL D 215 -5.05 23.90 55.32
CA VAL D 215 -5.05 23.37 53.95
C VAL D 215 -5.50 21.91 53.87
N TYR D 216 -6.42 21.65 52.94
CA TYR D 216 -6.96 20.30 52.70
C TYR D 216 -6.37 19.66 51.43
N ILE D 217 -6.15 18.34 51.51
CA ILE D 217 -5.73 17.55 50.36
C ILE D 217 -6.67 16.38 50.13
N LEU D 218 -7.06 16.17 48.87
CA LEU D 218 -7.95 15.08 48.50
C LEU D 218 -7.18 13.97 47.76
N GLY D 219 -7.86 12.88 47.45
CA GLY D 219 -7.25 11.70 46.83
C GLY D 219 -6.47 11.99 45.58
N GLY D 220 -5.30 11.35 45.42
CA GLY D 220 -4.45 11.56 44.27
C GLY D 220 -3.88 10.33 43.58
N HIS D 221 -2.59 10.10 43.75
CA HIS D 221 -1.89 8.95 43.14
C HIS D 221 -0.46 8.80 43.65
N SER D 222 -0.12 7.63 44.19
CA SER D 222 1.26 7.33 44.55
C SER D 222 1.93 6.44 43.50
N LEU D 223 3.20 6.10 43.73
CA LEU D 223 3.96 5.26 42.81
C LEU D 223 4.51 4.03 43.54
N ALA D 224 5.08 4.25 44.72
CA ALA D 224 5.62 3.17 45.56
C ALA D 224 4.53 2.14 45.94
N SER D 225 3.31 2.39 45.50
CA SER D 225 2.21 1.48 45.75
C SER D 225 1.31 1.42 44.53
N ASN D 226 1.40 2.45 43.70
CA ASN D 226 0.50 2.61 42.55
C ASN D 226 -0.96 2.52 43.02
N ILE D 227 -1.27 3.30 44.06
CA ILE D 227 -2.59 3.28 44.67
C ILE D 227 -3.15 4.70 44.77
N ARG D 228 -4.42 4.86 44.41
CA ARG D 228 -5.11 6.13 44.59
C ARG D 228 -6.02 6.09 45.81
N PRO D 229 -5.53 6.61 46.96
CA PRO D 229 -6.31 6.66 48.19
C PRO D 229 -7.54 7.57 48.09
N ALA D 230 -8.40 7.51 49.10
CA ALA D 230 -9.58 8.34 49.18
C ALA D 230 -9.52 9.22 50.43
N ASN D 231 -8.47 9.00 51.22
CA ASN D 231 -8.25 9.74 52.46
C ASN D 231 -8.09 11.25 52.21
N LEU D 232 -8.41 12.04 53.24
CA LEU D 232 -8.27 13.49 53.18
C LEU D 232 -7.21 13.92 54.19
N TYR D 233 -6.49 15.01 53.91
CA TYR D 233 -5.43 15.44 54.82
C TYR D 233 -5.55 16.91 55.24
N ARG D 234 -5.32 17.18 56.52
CA ARG D 234 -5.38 18.54 57.09
C ARG D 234 -4.00 19.13 57.41
N ILE D 235 -3.85 20.43 57.22
CA ILE D 235 -2.59 21.12 57.55
C ILE D 235 -2.80 22.47 58.27
N ARG D 236 -2.07 22.72 59.35
CA ARG D 236 -2.22 23.97 60.10
C ARG D 236 -0.89 24.69 60.32
N VAL D 237 -0.94 26.01 60.54
CA VAL D 237 0.26 26.82 60.59
C VAL D 237 0.16 28.09 61.48
N ASP D 238 1.24 28.41 62.20
CA ASP D 238 1.29 29.62 63.03
C ASP D 238 2.46 30.54 62.64
N LEU D 239 2.77 31.53 63.48
CA LEU D 239 3.80 32.52 63.16
C LEU D 239 4.26 33.33 64.38
N PRO D 240 5.58 33.48 64.56
CA PRO D 240 6.10 34.31 65.66
C PRO D 240 6.29 35.76 65.25
N PRO D 244 7.92 29.61 64.08
CA PRO D 244 6.94 29.14 63.09
C PRO D 244 6.78 27.62 63.11
N ALA D 245 5.56 27.11 63.01
CA ALA D 245 5.37 25.65 63.06
C ALA D 245 4.07 25.16 62.42
N VAL D 246 4.00 23.84 62.25
CA VAL D 246 2.92 23.17 61.51
C VAL D 246 2.61 21.78 62.06
N ASN D 247 1.32 21.41 62.07
CA ASN D 247 0.89 20.06 62.44
C ASN D 247 -0.08 19.48 61.40
N CYS D 248 -0.37 18.18 61.53
CA CYS D 248 -1.22 17.49 60.55
C CYS D 248 -2.12 16.42 61.19
N THR D 249 -3.25 16.16 60.54
CA THR D 249 -4.21 15.15 60.99
C THR D 249 -4.88 14.47 59.79
N VAL D 250 -5.61 13.36 60.04
CA VAL D 250 -6.27 12.60 58.98
C VAL D 250 -7.80 12.56 59.18
N LEU D 251 -8.55 12.38 58.10
CA LEU D 251 -10.02 12.36 58.16
C LEU D 251 -10.59 11.44 57.08
N PRO D 252 -11.84 10.98 57.26
CA PRO D 252 -12.52 10.25 56.17
C PRO D 252 -12.95 11.16 55.02
N ILE D 255 -12.44 11.60 48.88
CA ILE D 255 -12.81 10.66 47.83
C ILE D 255 -11.57 10.16 47.09
N SER D 256 -11.72 9.04 46.37
CA SER D 256 -10.61 8.50 45.58
C SER D 256 -10.66 8.98 44.14
N VAL D 257 -9.79 9.91 43.83
CA VAL D 257 -9.71 10.48 42.50
C VAL D 257 -8.26 10.82 42.17
N SER D 258 -7.96 10.90 40.89
CA SER D 258 -6.65 11.31 40.43
C SER D 258 -6.88 12.30 39.30
N SER D 259 -6.15 13.42 39.32
CA SER D 259 -6.26 14.44 38.28
C SER D 259 -7.66 15.01 38.13
N ALA D 260 -8.27 15.31 39.26
CA ALA D 260 -9.58 15.94 39.26
C ALA D 260 -9.40 17.45 39.16
N ILE D 261 -10.38 18.13 38.60
CA ILE D 261 -10.36 19.58 38.54
C ILE D 261 -11.51 20.16 39.35
N LEU D 262 -11.21 21.16 40.19
CA LEU D 262 -12.24 21.69 41.08
C LEU D 262 -12.67 23.11 40.72
N THR D 263 -13.99 23.30 40.62
CA THR D 263 -14.53 24.62 40.35
C THR D 263 -15.38 25.09 41.54
N GLN D 264 -15.86 26.32 41.48
CA GLN D 264 -16.66 26.90 42.56
C GLN D 264 -18.04 27.39 42.10
N THR D 265 -19.08 26.61 42.39
CA THR D 265 -20.45 26.98 42.01
C THR D 265 -21.06 27.98 42.99
N ASN D 266 -20.79 27.76 44.27
CA ASN D 266 -21.25 28.68 45.31
C ASN D 266 -20.13 28.94 46.32
N ASN D 267 -20.37 29.88 47.22
CA ASN D 267 -19.41 30.15 48.28
C ASN D 267 -19.29 28.96 49.23
N ASP D 268 -18.07 28.44 49.35
CA ASP D 268 -17.79 27.23 50.13
C ASP D 268 -18.60 26.02 49.66
N GLU D 269 -19.07 26.07 48.42
CA GLU D 269 -19.60 24.89 47.76
C GLU D 269 -18.72 24.64 46.53
N PHE D 270 -17.82 23.68 46.65
CA PHE D 270 -16.90 23.34 45.58
C PHE D 270 -17.36 22.13 44.76
N VAL D 271 -17.58 22.35 43.48
CA VAL D 271 -17.90 21.24 42.59
C VAL D 271 -16.58 20.67 42.10
N ILE D 272 -16.12 19.60 42.73
CA ILE D 272 -14.90 18.92 42.29
C ILE D 272 -15.30 17.86 41.27
N VAL D 273 -15.02 18.15 40.01
CA VAL D 273 -15.45 17.25 38.94
C VAL D 273 -14.42 16.14 38.77
N GLY D 274 -14.68 15.23 37.85
CA GLY D 274 -13.98 13.97 37.75
C GLY D 274 -12.50 14.00 37.42
N GLY D 275 -11.96 12.81 37.17
CA GLY D 275 -10.55 12.61 36.91
C GLY D 275 -10.32 11.13 36.62
N TYR D 276 -9.68 10.43 37.55
CA TYR D 276 -9.42 9.00 37.40
C TYR D 276 -9.56 8.25 38.74
N GLN D 277 -10.03 7.00 38.67
CA GLN D 277 -10.24 6.18 39.88
C GLN D 277 -9.27 5.00 40.00
N LEU D 278 -9.18 4.21 38.93
CA LEU D 278 -8.15 3.18 38.78
C LEU D 278 -7.37 3.43 37.51
N GLU D 279 -6.29 2.67 37.30
CA GLU D 279 -5.37 2.91 36.20
C GLU D 279 -6.02 2.90 34.81
N ASN D 280 -7.31 2.61 34.77
CA ASN D 280 -8.04 2.56 33.51
C ASN D 280 -9.46 3.10 33.66
N GLN D 281 -9.83 3.41 34.89
CA GLN D 281 -11.17 3.88 35.18
C GLN D 281 -11.23 5.35 35.60
N LYS D 282 -11.85 6.17 34.75
CA LYS D 282 -12.04 7.57 35.05
C LYS D 282 -13.35 7.80 35.81
N ARG D 283 -13.29 8.65 36.84
CA ARG D 283 -14.35 8.78 37.85
C ARG D 283 -15.76 9.03 37.30
N MET D 284 -15.87 9.83 36.25
CA MET D 284 -17.13 10.03 35.54
C MET D 284 -18.20 10.75 36.36
N VAL D 285 -18.08 10.72 37.68
CA VAL D 285 -19.01 11.41 38.57
C VAL D 285 -18.45 12.73 39.09
N CYS D 286 -19.18 13.35 40.00
CA CYS D 286 -18.82 14.64 40.58
C CYS D 286 -18.76 14.52 42.09
N SER D 287 -18.70 15.66 42.75
CA SER D 287 -18.83 15.70 44.19
C SER D 287 -19.29 17.09 44.61
N LEU D 288 -19.70 17.22 45.86
CA LEU D 288 -19.98 18.53 46.41
C LEU D 288 -19.24 18.55 47.74
N VAL D 289 -18.39 19.54 47.94
CA VAL D 289 -17.60 19.56 49.15
C VAL D 289 -18.38 20.26 50.24
N SER D 290 -18.68 19.54 51.32
CA SER D 290 -19.30 20.18 52.47
C SER D 290 -18.19 20.98 53.13
N LEU D 291 -18.11 22.27 52.83
CA LEU D 291 -17.07 23.12 53.39
C LEU D 291 -17.59 23.95 54.53
N GLY D 292 -16.69 24.29 55.44
CA GLY D 292 -17.04 25.12 56.56
C GLY D 292 -15.81 25.38 57.37
N ASP D 293 -15.99 26.04 58.51
CA ASP D 293 -14.88 26.32 59.39
C ASP D 293 -14.65 25.10 60.29
N ASN D 294 -13.49 24.46 60.13
CA ASN D 294 -13.16 23.24 60.84
C ASN D 294 -14.23 22.16 60.68
N THR D 295 -14.95 22.20 59.56
CA THR D 295 -16.04 21.27 59.31
C THR D 295 -16.18 20.97 57.83
N ILE D 296 -15.67 19.81 57.43
CA ILE D 296 -15.74 19.41 56.04
C ILE D 296 -16.06 17.95 55.86
N GLU D 297 -16.92 17.66 54.91
CA GLU D 297 -17.19 16.27 54.59
C GLU D 297 -17.40 16.11 53.10
N ILE D 298 -16.82 15.03 52.58
CA ILE D 298 -16.97 14.72 51.17
C ILE D 298 -18.42 14.35 50.93
N SER D 299 -19.14 15.22 50.23
CA SER D 299 -20.55 14.95 49.93
C SER D 299 -20.76 14.81 48.44
N GLU D 300 -22.01 14.60 48.06
CA GLU D 300 -22.33 14.27 46.69
C GLU D 300 -23.35 15.23 46.05
N MET D 301 -23.07 15.66 44.82
CA MET D 301 -24.06 16.41 44.05
C MET D 301 -24.57 15.50 42.94
N GLU D 302 -25.27 16.08 41.96
CA GLU D 302 -25.82 15.31 40.85
C GLU D 302 -24.71 14.71 39.97
N THR D 303 -25.12 13.94 38.96
CA THR D 303 -24.15 13.38 37.99
C THR D 303 -24.57 13.79 36.59
N PRO D 304 -23.67 14.50 35.88
CA PRO D 304 -23.91 15.08 34.56
C PRO D 304 -24.36 14.08 33.50
N ASP D 305 -24.75 14.64 32.36
CA ASP D 305 -25.29 13.86 31.27
C ASP D 305 -24.19 13.60 30.24
N TRP D 306 -23.12 12.93 30.68
CA TRP D 306 -21.97 12.66 29.82
C TRP D 306 -22.38 11.96 28.54
N THR D 307 -21.85 12.39 27.41
CA THR D 307 -22.15 11.70 26.17
C THR D 307 -21.37 10.39 26.10
N SER D 308 -21.57 9.63 25.02
CA SER D 308 -20.88 8.35 24.82
C SER D 308 -19.38 8.59 24.79
N ASP D 309 -19.00 9.67 24.10
CA ASP D 309 -17.62 10.06 23.91
C ASP D 309 -16.88 10.22 25.23
N ILE D 310 -17.46 11.01 26.11
CA ILE D 310 -16.88 11.25 27.42
C ILE D 310 -16.91 9.98 28.27
N LYS D 311 -18.00 9.20 28.14
CA LYS D 311 -18.16 7.98 28.91
C LYS D 311 -17.00 7.00 28.69
N HIS D 312 -16.82 6.58 27.44
CA HIS D 312 -15.68 5.74 27.06
C HIS D 312 -14.64 6.59 26.33
N SER D 313 -13.51 6.91 26.95
CA SER D 313 -12.51 7.71 26.24
C SER D 313 -11.09 7.09 26.08
N LYS D 314 -10.37 6.70 27.13
CA LYS D 314 -10.70 6.88 28.54
C LYS D 314 -9.62 7.77 29.16
N ILE D 315 -9.45 8.95 28.57
CA ILE D 315 -8.42 9.91 28.98
C ILE D 315 -9.08 11.25 29.34
N TRP D 316 -8.70 11.80 30.48
CA TRP D 316 -9.30 13.04 30.98
C TRP D 316 -8.33 14.13 31.38
N PHE D 317 -8.53 15.30 30.78
CA PHE D 317 -7.84 16.51 31.20
C PHE D 317 -8.73 17.72 30.95
N GLY D 318 -8.53 18.72 31.79
CA GLY D 318 -9.24 19.98 31.67
C GLY D 318 -8.88 20.84 32.85
N SER D 319 -9.53 22.01 32.98
CA SER D 319 -9.28 22.86 34.13
C SER D 319 -10.39 23.89 34.31
N ASN D 320 -10.33 24.58 35.44
CA ASN D 320 -11.38 25.50 35.89
C ASN D 320 -11.15 26.95 35.51
N MET D 321 -12.23 27.66 35.18
CA MET D 321 -12.19 29.12 35.07
C MET D 321 -12.26 29.78 36.44
N GLY D 322 -13.39 29.57 37.12
CA GLY D 322 -13.62 30.13 38.43
C GLY D 322 -15.10 30.36 38.67
N ASN D 323 -15.83 30.66 37.61
CA ASN D 323 -17.26 30.91 37.70
C ASN D 323 -18.08 29.62 37.53
N GLY D 324 -17.73 28.60 38.31
CA GLY D 324 -18.51 27.38 38.35
C GLY D 324 -18.44 26.52 37.10
N THR D 325 -18.23 27.16 35.95
CA THR D 325 -18.07 26.42 34.71
C THR D 325 -16.65 25.85 34.63
N ILE D 326 -16.48 24.78 33.85
CA ILE D 326 -15.19 24.11 33.78
C ILE D 326 -14.93 23.65 32.34
N PHE D 327 -13.67 23.44 31.99
CA PHE D 327 -13.29 23.13 30.60
C PHE D 327 -12.66 21.75 30.44
N LEU D 328 -13.20 20.98 29.48
CA LEU D 328 -12.86 19.56 29.32
C LEU D 328 -12.37 19.21 27.93
N GLY D 329 -11.44 18.26 27.88
CA GLY D 329 -10.91 17.81 26.61
C GLY D 329 -10.89 16.31 26.45
N ILE D 330 -11.21 15.86 25.25
CA ILE D 330 -11.32 14.44 24.95
C ILE D 330 -10.70 14.08 23.61
N PRO D 331 -9.80 13.08 23.62
CA PRO D 331 -9.29 12.46 22.39
C PRO D 331 -10.29 11.47 21.80
N GLY D 332 -10.49 11.49 20.48
CA GLY D 332 -9.78 12.37 19.58
C GLY D 332 -9.68 11.78 18.19
N ALA D 337 -10.20 8.20 15.83
CA ALA D 337 -10.66 7.93 14.48
C ALA D 337 -11.09 9.21 13.76
N MET D 338 -11.58 9.07 12.52
CA MET D 338 -11.94 10.19 11.63
C MET D 338 -10.79 11.15 11.38
N SER D 339 -11.05 12.45 11.50
CA SER D 339 -10.03 13.46 11.25
C SER D 339 -10.10 14.73 12.12
N GLU D 340 -9.98 14.57 13.45
CA GLU D 340 -9.82 15.70 14.38
C GLU D 340 -9.02 15.26 15.61
N ALA D 341 -8.18 16.15 16.15
CA ALA D 341 -7.28 15.75 17.24
C ALA D 341 -7.88 15.79 18.64
N PHE D 342 -8.68 16.81 18.94
CA PHE D 342 -9.32 16.92 20.24
C PHE D 342 -10.74 17.47 20.14
N TYR D 343 -11.56 17.18 21.15
CA TYR D 343 -12.90 17.74 21.26
C TYR D 343 -13.13 18.31 22.64
N PHE D 344 -13.73 19.49 22.70
CA PHE D 344 -13.78 20.20 23.96
C PHE D 344 -15.20 20.50 24.47
N TYR D 345 -15.37 20.50 25.79
CA TYR D 345 -16.66 20.74 26.42
C TYR D 345 -16.57 21.78 27.53
N THR D 346 -17.71 22.37 27.87
CA THR D 346 -17.79 23.26 29.02
C THR D 346 -18.92 22.82 29.96
N LEU D 347 -18.61 22.72 31.26
CA LEU D 347 -19.49 22.13 32.27
C LEU D 347 -19.89 23.13 33.35
N ARG D 348 -21.14 23.60 33.30
CA ARG D 348 -21.63 24.64 34.21
C ARG D 348 -22.65 24.09 35.22
N CYS D 349 -22.76 24.75 36.37
CA CYS D 349 -23.59 24.25 37.45
C CYS D 349 -24.63 25.30 37.90
#